data_6FF5
# 
_entry.id   6FF5 
# 
_audit_conform.dict_name       mmcif_pdbx.dic 
_audit_conform.dict_version    5.397 
_audit_conform.dict_location   http://mmcif.pdb.org/dictionaries/ascii/mmcif_pdbx.dic 
# 
loop_
_database_2.database_id 
_database_2.database_code 
_database_2.pdbx_database_accession 
_database_2.pdbx_DOI 
PDB   6FF5         pdb_00006ff5 10.2210/pdb6ff5/pdb 
WWPDB D_1200008210 ?            ?                   
# 
loop_
_pdbx_audit_revision_history.ordinal 
_pdbx_audit_revision_history.data_content_type 
_pdbx_audit_revision_history.major_revision 
_pdbx_audit_revision_history.minor_revision 
_pdbx_audit_revision_history.revision_date 
1 'Structure model' 1 0 2018-03-21 
2 'Structure model' 1 1 2018-04-04 
3 'Structure model' 1 2 2024-01-17 
4 'Structure model' 1 3 2024-10-23 
# 
_pdbx_audit_revision_details.ordinal             1 
_pdbx_audit_revision_details.revision_ordinal    1 
_pdbx_audit_revision_details.data_content_type   'Structure model' 
_pdbx_audit_revision_details.provider            repository 
_pdbx_audit_revision_details.type                'Initial release' 
_pdbx_audit_revision_details.description         ? 
_pdbx_audit_revision_details.details             ? 
# 
loop_
_pdbx_audit_revision_group.ordinal 
_pdbx_audit_revision_group.revision_ordinal 
_pdbx_audit_revision_group.data_content_type 
_pdbx_audit_revision_group.group 
1 2 'Structure model' 'Data collection'        
2 2 'Structure model' 'Database references'    
3 3 'Structure model' 'Data collection'        
4 3 'Structure model' 'Database references'    
5 3 'Structure model' 'Refinement description' 
6 4 'Structure model' 'Structure summary'      
# 
loop_
_pdbx_audit_revision_category.ordinal 
_pdbx_audit_revision_category.revision_ordinal 
_pdbx_audit_revision_category.data_content_type 
_pdbx_audit_revision_category.category 
1 2 'Structure model' citation                      
2 3 'Structure model' chem_comp_atom                
3 3 'Structure model' chem_comp_bond                
4 3 'Structure model' citation                      
5 3 'Structure model' database_2                    
6 3 'Structure model' pdbx_initial_refinement_model 
7 4 'Structure model' pdbx_entry_details            
8 4 'Structure model' pdbx_modification_feature     
# 
loop_
_pdbx_audit_revision_item.ordinal 
_pdbx_audit_revision_item.revision_ordinal 
_pdbx_audit_revision_item.data_content_type 
_pdbx_audit_revision_item.item 
1 2 'Structure model' '_citation.journal_volume'            
2 2 'Structure model' '_citation.page_first'                
3 2 'Structure model' '_citation.page_last'                 
4 3 'Structure model' '_citation.country'                   
5 3 'Structure model' '_database_2.pdbx_DOI'                
6 3 'Structure model' '_database_2.pdbx_database_accession' 
# 
_pdbx_database_status.status_code                     REL 
_pdbx_database_status.status_code_sf                  REL 
_pdbx_database_status.status_code_mr                  ? 
_pdbx_database_status.entry_id                        6FF5 
_pdbx_database_status.recvd_initial_deposition_date   2018-01-03 
_pdbx_database_status.SG_entry                        N 
_pdbx_database_status.deposit_site                    PDBE 
_pdbx_database_status.process_site                    PDBE 
_pdbx_database_status.status_code_cs                  ? 
_pdbx_database_status.methods_development_category    ? 
_pdbx_database_status.pdb_format_compatible           Y 
_pdbx_database_status.status_code_nmr_data            ? 
# 
_audit_author.name               'Merlino, A.' 
_audit_author.pdbx_ordinal       1 
_audit_author.identifier_ORCID   ? 
# 
_citation.abstract                  ? 
_citation.abstract_id_CAS           ? 
_citation.book_id_ISBN              ? 
_citation.book_publisher            ? 
_citation.book_publisher_city       ? 
_citation.book_title                ? 
_citation.coordinate_linkage        ? 
_citation.country                   NE 
_citation.database_id_Medline       ? 
_citation.details                   ? 
_citation.id                        primary 
_citation.journal_abbrev            Biometals 
_citation.journal_id_ASTM           ? 
_citation.journal_id_CSD            ? 
_citation.journal_id_ISSN           1572-8773 
_citation.journal_full              ? 
_citation.journal_issue             ? 
_citation.journal_volume            31 
_citation.language                  ? 
_citation.page_first                277 
_citation.page_last                 284 
_citation.title                     'X-ray structure of bovine heart cytochrome c at high ionic strength.' 
_citation.year                      2018 
_citation.database_id_CSD           ? 
_citation.pdbx_database_id_DOI      10.1007/s10534-018-0090-x 
_citation.pdbx_database_id_PubMed   29516298 
_citation.unpublished_flag          ? 
# 
_citation_author.citation_id        primary 
_citation_author.name               'Merlino, A.' 
_citation_author.ordinal            1 
_citation_author.identifier_ORCID   ? 
# 
loop_
_entity.id 
_entity.type 
_entity.src_method 
_entity.pdbx_description 
_entity.formula_weight 
_entity.pdbx_number_of_molecules 
_entity.pdbx_ec 
_entity.pdbx_mutation 
_entity.pdbx_fragment 
_entity.details 
1 polymer     nat 'Cytochrome c' 11595.392 1  ? ? ? ? 
2 non-polymer syn 'HEME C'       618.503   1  ? ? ? ? 
3 non-polymer syn 'NITRATE ION'  62.005    5  ? ? ? ? 
4 non-polymer syn 'SULFATE ION'  96.063    1  ? ? ? ? 
5 water       nat water          18.015    77 ? ? ? ? 
# 
_entity_poly.entity_id                      1 
_entity_poly.type                           'polypeptide(L)' 
_entity_poly.nstd_linkage                   no 
_entity_poly.nstd_monomer                   no 
_entity_poly.pdbx_seq_one_letter_code       
;GDVEKGKKIFVQKCAQCHTVEKGGKHKTGPNLHGLFGRKTGQAPGFSYTDANKNKGITWGEETLMEYLENPKKYIPGTKM
IFAGIKKKGEREDLIAYLKKATNE
;
_entity_poly.pdbx_seq_one_letter_code_can   
;GDVEKGKKIFVQKCAQCHTVEKGGKHKTGPNLHGLFGRKTGQAPGFSYTDANKNKGITWGEETLMEYLENPKKYIPGTKM
IFAGIKKKGEREDLIAYLKKATNE
;
_entity_poly.pdbx_strand_id                 A 
_entity_poly.pdbx_target_identifier         ? 
# 
loop_
_pdbx_entity_nonpoly.entity_id 
_pdbx_entity_nonpoly.name 
_pdbx_entity_nonpoly.comp_id 
2 'HEME C'      HEC 
3 'NITRATE ION' NO3 
4 'SULFATE ION' SO4 
5 water         HOH 
# 
loop_
_entity_poly_seq.entity_id 
_entity_poly_seq.num 
_entity_poly_seq.mon_id 
_entity_poly_seq.hetero 
1 1   GLY n 
1 2   ASP n 
1 3   VAL n 
1 4   GLU n 
1 5   LYS n 
1 6   GLY n 
1 7   LYS n 
1 8   LYS n 
1 9   ILE n 
1 10  PHE n 
1 11  VAL n 
1 12  GLN n 
1 13  LYS n 
1 14  CYS n 
1 15  ALA n 
1 16  GLN n 
1 17  CYS n 
1 18  HIS n 
1 19  THR n 
1 20  VAL n 
1 21  GLU n 
1 22  LYS n 
1 23  GLY n 
1 24  GLY n 
1 25  LYS n 
1 26  HIS n 
1 27  LYS n 
1 28  THR n 
1 29  GLY n 
1 30  PRO n 
1 31  ASN n 
1 32  LEU n 
1 33  HIS n 
1 34  GLY n 
1 35  LEU n 
1 36  PHE n 
1 37  GLY n 
1 38  ARG n 
1 39  LYS n 
1 40  THR n 
1 41  GLY n 
1 42  GLN n 
1 43  ALA n 
1 44  PRO n 
1 45  GLY n 
1 46  PHE n 
1 47  SER n 
1 48  TYR n 
1 49  THR n 
1 50  ASP n 
1 51  ALA n 
1 52  ASN n 
1 53  LYS n 
1 54  ASN n 
1 55  LYS n 
1 56  GLY n 
1 57  ILE n 
1 58  THR n 
1 59  TRP n 
1 60  GLY n 
1 61  GLU n 
1 62  GLU n 
1 63  THR n 
1 64  LEU n 
1 65  MET n 
1 66  GLU n 
1 67  TYR n 
1 68  LEU n 
1 69  GLU n 
1 70  ASN n 
1 71  PRO n 
1 72  LYS n 
1 73  LYS n 
1 74  TYR n 
1 75  ILE n 
1 76  PRO n 
1 77  GLY n 
1 78  THR n 
1 79  LYS n 
1 80  MET n 
1 81  ILE n 
1 82  PHE n 
1 83  ALA n 
1 84  GLY n 
1 85  ILE n 
1 86  LYS n 
1 87  LYS n 
1 88  LYS n 
1 89  GLY n 
1 90  GLU n 
1 91  ARG n 
1 92  GLU n 
1 93  ASP n 
1 94  LEU n 
1 95  ILE n 
1 96  ALA n 
1 97  TYR n 
1 98  LEU n 
1 99  LYS n 
1 100 LYS n 
1 101 ALA n 
1 102 THR n 
1 103 ASN n 
1 104 GLU n 
# 
_entity_src_nat.entity_id                  1 
_entity_src_nat.pdbx_src_id                1 
_entity_src_nat.pdbx_alt_source_flag       sample 
_entity_src_nat.pdbx_beg_seq_num           1 
_entity_src_nat.pdbx_end_seq_num           104 
_entity_src_nat.common_name                Bovine 
_entity_src_nat.pdbx_organism_scientific   'Bos taurus' 
_entity_src_nat.pdbx_ncbi_taxonomy_id      9913 
_entity_src_nat.genus                      ? 
_entity_src_nat.species                    ? 
_entity_src_nat.strain                     ? 
_entity_src_nat.tissue                     ? 
_entity_src_nat.tissue_fraction            ? 
_entity_src_nat.pdbx_secretion             ? 
_entity_src_nat.pdbx_fragment              ? 
_entity_src_nat.pdbx_variant               ? 
_entity_src_nat.pdbx_cell_line             ? 
_entity_src_nat.pdbx_atcc                  ? 
_entity_src_nat.pdbx_cellular_location     ? 
_entity_src_nat.pdbx_organ                 ? 
_entity_src_nat.pdbx_organelle             ? 
_entity_src_nat.pdbx_cell                  ? 
_entity_src_nat.pdbx_plasmid_name          ? 
_entity_src_nat.pdbx_plasmid_details       ? 
_entity_src_nat.details                    ? 
# 
loop_
_chem_comp.id 
_chem_comp.type 
_chem_comp.mon_nstd_flag 
_chem_comp.name 
_chem_comp.pdbx_synonyms 
_chem_comp.formula 
_chem_comp.formula_weight 
ALA 'L-peptide linking' y ALANINE         ? 'C3 H7 N O2'       89.093  
ARG 'L-peptide linking' y ARGININE        ? 'C6 H15 N4 O2 1'   175.209 
ASN 'L-peptide linking' y ASPARAGINE      ? 'C4 H8 N2 O3'      132.118 
ASP 'L-peptide linking' y 'ASPARTIC ACID' ? 'C4 H7 N O4'       133.103 
CYS 'L-peptide linking' y CYSTEINE        ? 'C3 H7 N O2 S'     121.158 
GLN 'L-peptide linking' y GLUTAMINE       ? 'C5 H10 N2 O3'     146.144 
GLU 'L-peptide linking' y 'GLUTAMIC ACID' ? 'C5 H9 N O4'       147.129 
GLY 'peptide linking'   y GLYCINE         ? 'C2 H5 N O2'       75.067  
HEC non-polymer         . 'HEME C'        ? 'C34 H34 Fe N4 O4' 618.503 
HIS 'L-peptide linking' y HISTIDINE       ? 'C6 H10 N3 O2 1'   156.162 
HOH non-polymer         . WATER           ? 'H2 O'             18.015  
ILE 'L-peptide linking' y ISOLEUCINE      ? 'C6 H13 N O2'      131.173 
LEU 'L-peptide linking' y LEUCINE         ? 'C6 H13 N O2'      131.173 
LYS 'L-peptide linking' y LYSINE          ? 'C6 H15 N2 O2 1'   147.195 
MET 'L-peptide linking' y METHIONINE      ? 'C5 H11 N O2 S'    149.211 
NO3 non-polymer         . 'NITRATE ION'   ? 'N O3 -1'          62.005  
PHE 'L-peptide linking' y PHENYLALANINE   ? 'C9 H11 N O2'      165.189 
PRO 'L-peptide linking' y PROLINE         ? 'C5 H9 N O2'       115.130 
SER 'L-peptide linking' y SERINE          ? 'C3 H7 N O3'       105.093 
SO4 non-polymer         . 'SULFATE ION'   ? 'O4 S -2'          96.063  
THR 'L-peptide linking' y THREONINE       ? 'C4 H9 N O3'       119.119 
TRP 'L-peptide linking' y TRYPTOPHAN      ? 'C11 H12 N2 O2'    204.225 
TYR 'L-peptide linking' y TYROSINE        ? 'C9 H11 N O3'      181.189 
VAL 'L-peptide linking' y VALINE          ? 'C5 H11 N O2'      117.146 
# 
loop_
_pdbx_poly_seq_scheme.asym_id 
_pdbx_poly_seq_scheme.entity_id 
_pdbx_poly_seq_scheme.seq_id 
_pdbx_poly_seq_scheme.mon_id 
_pdbx_poly_seq_scheme.ndb_seq_num 
_pdbx_poly_seq_scheme.pdb_seq_num 
_pdbx_poly_seq_scheme.auth_seq_num 
_pdbx_poly_seq_scheme.pdb_mon_id 
_pdbx_poly_seq_scheme.auth_mon_id 
_pdbx_poly_seq_scheme.pdb_strand_id 
_pdbx_poly_seq_scheme.pdb_ins_code 
_pdbx_poly_seq_scheme.hetero 
A 1 1   GLY 1   1   1   GLY GLY A . n 
A 1 2   ASP 2   2   2   ASP ASP A . n 
A 1 3   VAL 3   3   3   VAL VAL A . n 
A 1 4   GLU 4   4   4   GLU GLU A . n 
A 1 5   LYS 5   5   5   LYS LYS A . n 
A 1 6   GLY 6   6   6   GLY GLY A . n 
A 1 7   LYS 7   7   7   LYS LYS A . n 
A 1 8   LYS 8   8   8   LYS LYS A . n 
A 1 9   ILE 9   9   9   ILE ILE A . n 
A 1 10  PHE 10  10  10  PHE PHE A . n 
A 1 11  VAL 11  11  11  VAL VAL A . n 
A 1 12  GLN 12  12  12  GLN GLN A . n 
A 1 13  LYS 13  13  13  LYS LYS A . n 
A 1 14  CYS 14  14  14  CYS CYS A . n 
A 1 15  ALA 15  15  15  ALA ALA A . n 
A 1 16  GLN 16  16  16  GLN GLN A . n 
A 1 17  CYS 17  17  17  CYS CYS A . n 
A 1 18  HIS 18  18  18  HIS HIS A . n 
A 1 19  THR 19  19  19  THR THR A . n 
A 1 20  VAL 20  20  20  VAL VAL A . n 
A 1 21  GLU 21  21  21  GLU GLU A . n 
A 1 22  LYS 22  22  22  LYS LYS A . n 
A 1 23  GLY 23  23  23  GLY GLY A . n 
A 1 24  GLY 24  24  24  GLY GLY A . n 
A 1 25  LYS 25  25  25  LYS LYS A . n 
A 1 26  HIS 26  26  26  HIS HIS A . n 
A 1 27  LYS 27  27  27  LYS LYS A . n 
A 1 28  THR 28  28  28  THR THR A . n 
A 1 29  GLY 29  29  29  GLY GLY A . n 
A 1 30  PRO 30  30  30  PRO PRO A . n 
A 1 31  ASN 31  31  31  ASN ASN A . n 
A 1 32  LEU 32  32  32  LEU LEU A . n 
A 1 33  HIS 33  33  33  HIS HIS A . n 
A 1 34  GLY 34  34  34  GLY GLY A . n 
A 1 35  LEU 35  35  35  LEU LEU A . n 
A 1 36  PHE 36  36  36  PHE PHE A . n 
A 1 37  GLY 37  37  37  GLY GLY A . n 
A 1 38  ARG 38  38  38  ARG ARG A . n 
A 1 39  LYS 39  39  39  LYS LYS A . n 
A 1 40  THR 40  40  40  THR THR A . n 
A 1 41  GLY 41  41  41  GLY GLY A . n 
A 1 42  GLN 42  42  42  GLN GLN A . n 
A 1 43  ALA 43  43  43  ALA ALA A . n 
A 1 44  PRO 44  44  44  PRO PRO A . n 
A 1 45  GLY 45  45  45  GLY GLY A . n 
A 1 46  PHE 46  46  46  PHE PHE A . n 
A 1 47  SER 47  47  47  SER SER A . n 
A 1 48  TYR 48  48  48  TYR TYR A . n 
A 1 49  THR 49  49  49  THR THR A . n 
A 1 50  ASP 50  50  50  ASP ASP A . n 
A 1 51  ALA 51  51  51  ALA ALA A . n 
A 1 52  ASN 52  52  52  ASN ASN A . n 
A 1 53  LYS 53  53  53  LYS LYS A . n 
A 1 54  ASN 54  54  54  ASN ASN A . n 
A 1 55  LYS 55  55  55  LYS LYS A . n 
A 1 56  GLY 56  56  56  GLY GLY A . n 
A 1 57  ILE 57  57  57  ILE ILE A . n 
A 1 58  THR 58  58  58  THR THR A . n 
A 1 59  TRP 59  59  59  TRP TRP A . n 
A 1 60  GLY 60  60  60  GLY GLY A . n 
A 1 61  GLU 61  61  61  GLU GLU A . n 
A 1 62  GLU 62  62  62  GLU GLU A . n 
A 1 63  THR 63  63  63  THR THR A . n 
A 1 64  LEU 64  64  64  LEU LEU A . n 
A 1 65  MET 65  65  65  MET MET A . n 
A 1 66  GLU 66  66  66  GLU GLU A . n 
A 1 67  TYR 67  67  67  TYR TYR A . n 
A 1 68  LEU 68  68  68  LEU LEU A . n 
A 1 69  GLU 69  69  69  GLU GLU A . n 
A 1 70  ASN 70  70  70  ASN ASN A . n 
A 1 71  PRO 71  71  71  PRO PRO A . n 
A 1 72  LYS 72  72  72  LYS LYS A . n 
A 1 73  LYS 73  73  73  LYS LYS A . n 
A 1 74  TYR 74  74  74  TYR TYR A . n 
A 1 75  ILE 75  75  75  ILE ILE A . n 
A 1 76  PRO 76  76  76  PRO PRO A . n 
A 1 77  GLY 77  77  77  GLY GLY A . n 
A 1 78  THR 78  78  78  THR THR A . n 
A 1 79  LYS 79  79  79  LYS LYS A . n 
A 1 80  MET 80  80  80  MET MET A . n 
A 1 81  ILE 81  81  81  ILE ILE A . n 
A 1 82  PHE 82  82  82  PHE PHE A . n 
A 1 83  ALA 83  83  83  ALA ALA A . n 
A 1 84  GLY 84  84  84  GLY GLY A . n 
A 1 85  ILE 85  85  85  ILE ILE A . n 
A 1 86  LYS 86  86  86  LYS LYS A . n 
A 1 87  LYS 87  87  87  LYS LYS A . n 
A 1 88  LYS 88  88  88  LYS LYS A . n 
A 1 89  GLY 89  89  89  GLY GLY A . n 
A 1 90  GLU 90  90  90  GLU GLU A . n 
A 1 91  ARG 91  91  91  ARG ARG A . n 
A 1 92  GLU 92  92  92  GLU GLU A . n 
A 1 93  ASP 93  93  93  ASP ASP A . n 
A 1 94  LEU 94  94  94  LEU LEU A . n 
A 1 95  ILE 95  95  95  ILE ILE A . n 
A 1 96  ALA 96  96  96  ALA ALA A . n 
A 1 97  TYR 97  97  97  TYR TYR A . n 
A 1 98  LEU 98  98  98  LEU LEU A . n 
A 1 99  LYS 99  99  99  LYS LYS A . n 
A 1 100 LYS 100 100 100 LYS LYS A . n 
A 1 101 ALA 101 101 101 ALA ALA A . n 
A 1 102 THR 102 102 102 THR THR A . n 
A 1 103 ASN 103 103 103 ASN ASN A . n 
A 1 104 GLU 104 104 104 GLU GLU A . n 
# 
loop_
_pdbx_nonpoly_scheme.asym_id 
_pdbx_nonpoly_scheme.entity_id 
_pdbx_nonpoly_scheme.mon_id 
_pdbx_nonpoly_scheme.ndb_seq_num 
_pdbx_nonpoly_scheme.pdb_seq_num 
_pdbx_nonpoly_scheme.auth_seq_num 
_pdbx_nonpoly_scheme.pdb_mon_id 
_pdbx_nonpoly_scheme.auth_mon_id 
_pdbx_nonpoly_scheme.pdb_strand_id 
_pdbx_nonpoly_scheme.pdb_ins_code 
B 2 HEC 1  201 500 HEC HEM A . 
C 3 NO3 1  202 1   NO3 NO3 A . 
D 3 NO3 1  203 2   NO3 NO3 A . 
E 3 NO3 1  204 3   NO3 NO3 A . 
F 3 NO3 1  205 4   NO3 NO3 A . 
G 3 NO3 1  206 5   NO3 NO3 A . 
H 4 SO4 1  207 1   SO4 SO4 A . 
I 5 HOH 1  301 90  HOH HOH A . 
I 5 HOH 2  302 41  HOH HOH A . 
I 5 HOH 3  303 10  HOH HOH A . 
I 5 HOH 4  304 31  HOH HOH A . 
I 5 HOH 5  305 92  HOH HOH A . 
I 5 HOH 6  306 9   HOH HOH A . 
I 5 HOH 7  307 39  HOH HOH A . 
I 5 HOH 8  308 25  HOH HOH A . 
I 5 HOH 9  309 19  HOH HOH A . 
I 5 HOH 10 310 33  HOH HOH A . 
I 5 HOH 11 311 53  HOH HOH A . 
I 5 HOH 12 312 84  HOH HOH A . 
I 5 HOH 13 313 83  HOH HOH A . 
I 5 HOH 14 314 14  HOH HOH A . 
I 5 HOH 15 315 86  HOH HOH A . 
I 5 HOH 16 316 38  HOH HOH A . 
I 5 HOH 17 317 12  HOH HOH A . 
I 5 HOH 18 318 18  HOH HOH A . 
I 5 HOH 19 319 35  HOH HOH A . 
I 5 HOH 20 320 37  HOH HOH A . 
I 5 HOH 21 321 6   HOH HOH A . 
I 5 HOH 22 322 28  HOH HOH A . 
I 5 HOH 23 323 17  HOH HOH A . 
I 5 HOH 24 324 44  HOH HOH A . 
I 5 HOH 25 325 42  HOH HOH A . 
I 5 HOH 26 326 46  HOH HOH A . 
I 5 HOH 27 327 85  HOH HOH A . 
I 5 HOH 28 328 11  HOH HOH A . 
I 5 HOH 29 329 59  HOH HOH A . 
I 5 HOH 30 330 24  HOH HOH A . 
I 5 HOH 31 331 13  HOH HOH A . 
I 5 HOH 32 332 76  HOH HOH A . 
I 5 HOH 33 333 29  HOH HOH A . 
I 5 HOH 34 334 26  HOH HOH A . 
I 5 HOH 35 335 89  HOH HOH A . 
I 5 HOH 36 336 68  HOH HOH A . 
I 5 HOH 37 337 21  HOH HOH A . 
I 5 HOH 38 338 40  HOH HOH A . 
I 5 HOH 39 339 4   HOH HOH A . 
I 5 HOH 40 340 57  HOH HOH A . 
I 5 HOH 41 341 51  HOH HOH A . 
I 5 HOH 42 342 61  HOH HOH A . 
I 5 HOH 43 343 23  HOH HOH A . 
I 5 HOH 44 344 45  HOH HOH A . 
I 5 HOH 45 345 43  HOH HOH A . 
I 5 HOH 46 346 91  HOH HOH A . 
I 5 HOH 47 347 30  HOH HOH A . 
I 5 HOH 48 348 60  HOH HOH A . 
I 5 HOH 49 349 36  HOH HOH A . 
I 5 HOH 50 350 52  HOH HOH A . 
I 5 HOH 51 351 27  HOH HOH A . 
I 5 HOH 52 352 34  HOH HOH A . 
I 5 HOH 53 353 32  HOH HOH A . 
I 5 HOH 54 354 20  HOH HOH A . 
I 5 HOH 55 355 73  HOH HOH A . 
I 5 HOH 56 356 66  HOH HOH A . 
I 5 HOH 57 357 71  HOH HOH A . 
I 5 HOH 58 358 48  HOH HOH A . 
I 5 HOH 59 359 87  HOH HOH A . 
I 5 HOH 60 360 49  HOH HOH A . 
I 5 HOH 61 361 93  HOH HOH A . 
I 5 HOH 62 362 81  HOH HOH A . 
I 5 HOH 63 363 50  HOH HOH A . 
I 5 HOH 64 364 77  HOH HOH A . 
I 5 HOH 65 365 5   HOH HOH A . 
I 5 HOH 66 366 79  HOH HOH A . 
I 5 HOH 67 367 47  HOH HOH A . 
I 5 HOH 68 368 56  HOH HOH A . 
I 5 HOH 69 369 72  HOH HOH A . 
I 5 HOH 70 370 88  HOH HOH A . 
I 5 HOH 71 371 75  HOH HOH A . 
I 5 HOH 72 372 94  HOH HOH A . 
I 5 HOH 73 373 64  HOH HOH A . 
I 5 HOH 74 374 7   HOH HOH A . 
I 5 HOH 75 375 82  HOH HOH A . 
I 5 HOH 76 376 2   HOH HOH A . 
I 5 HOH 77 377 80  HOH HOH A . 
# 
loop_
_software.citation_id 
_software.classification 
_software.compiler_name 
_software.compiler_version 
_software.contact_author 
_software.contact_author_email 
_software.date 
_software.description 
_software.dependencies 
_software.hardware 
_software.language 
_software.location 
_software.mods 
_software.name 
_software.os 
_software.os_version 
_software.type 
_software.version 
_software.pdbx_ordinal 
? refinement       ? ? ? ? ? ? ? ? ? ? ? REFMAC ? ? ? 5.8.0158 1 
? 'data reduction' ? ? ? ? ? ? ? ? ? ? ? XDS    ? ? ? .        2 
? 'data scaling'   ? ? ? ? ? ? ? ? ? ? ? SCALA  ? ? ? .        3 
? phasing          ? ? ? ? ? ? ? ? ? ? ? PHASER ? ? ? .        4 
# 
_cell.angle_alpha                  90.00 
_cell.angle_alpha_esd              ? 
_cell.angle_beta                   90.00 
_cell.angle_beta_esd               ? 
_cell.angle_gamma                  120.00 
_cell.angle_gamma_esd              ? 
_cell.entry_id                     6FF5 
_cell.details                      ? 
_cell.formula_units_Z              ? 
_cell.length_a                     83.350 
_cell.length_a_esd                 ? 
_cell.length_b                     83.350 
_cell.length_b_esd                 ? 
_cell.length_c                     92.490 
_cell.length_c_esd                 ? 
_cell.volume                       ? 
_cell.volume_esd                   ? 
_cell.Z_PDB                        18 
_cell.reciprocal_angle_alpha       ? 
_cell.reciprocal_angle_beta        ? 
_cell.reciprocal_angle_gamma       ? 
_cell.reciprocal_angle_alpha_esd   ? 
_cell.reciprocal_angle_beta_esd    ? 
_cell.reciprocal_angle_gamma_esd   ? 
_cell.reciprocal_length_a          ? 
_cell.reciprocal_length_b          ? 
_cell.reciprocal_length_c          ? 
_cell.reciprocal_length_a_esd      ? 
_cell.reciprocal_length_b_esd      ? 
_cell.reciprocal_length_c_esd      ? 
_cell.pdbx_unique_axis             ? 
# 
_symmetry.entry_id                         6FF5 
_symmetry.cell_setting                     ? 
_symmetry.Int_Tables_number                155 
_symmetry.space_group_name_Hall            ? 
_symmetry.space_group_name_H-M             'H 3 2' 
_symmetry.pdbx_full_space_group_name_H-M   ? 
# 
_exptl.absorpt_coefficient_mu     ? 
_exptl.absorpt_correction_T_max   ? 
_exptl.absorpt_correction_T_min   ? 
_exptl.absorpt_correction_type    ? 
_exptl.absorpt_process_details    ? 
_exptl.entry_id                   6FF5 
_exptl.crystals_number            1 
_exptl.details                    ? 
_exptl.method                     'X-RAY DIFFRACTION' 
_exptl.method_details             ? 
# 
_exptl_crystal.colour                      ? 
_exptl_crystal.density_diffrn              ? 
_exptl_crystal.density_Matthews            2.67 
_exptl_crystal.density_method              ? 
_exptl_crystal.density_percent_sol         53.87 
_exptl_crystal.description                 ? 
_exptl_crystal.F_000                       ? 
_exptl_crystal.id                          1 
_exptl_crystal.preparation                 ? 
_exptl_crystal.size_max                    ? 
_exptl_crystal.size_mid                    ? 
_exptl_crystal.size_min                    ? 
_exptl_crystal.size_rad                    ? 
_exptl_crystal.colour_lustre               ? 
_exptl_crystal.colour_modifier             ? 
_exptl_crystal.colour_primary              ? 
_exptl_crystal.density_meas                ? 
_exptl_crystal.density_meas_esd            ? 
_exptl_crystal.density_meas_gt             ? 
_exptl_crystal.density_meas_lt             ? 
_exptl_crystal.density_meas_temp           ? 
_exptl_crystal.density_meas_temp_esd       ? 
_exptl_crystal.density_meas_temp_gt        ? 
_exptl_crystal.density_meas_temp_lt        ? 
_exptl_crystal.pdbx_crystal_image_url      ? 
_exptl_crystal.pdbx_crystal_image_format   ? 
_exptl_crystal.pdbx_mosaicity              ? 
_exptl_crystal.pdbx_mosaicity_esd          ? 
# 
_exptl_crystal_grow.apparatus       ? 
_exptl_crystal_grow.atmosphere      ? 
_exptl_crystal_grow.crystal_id      1 
_exptl_crystal_grow.details         ? 
_exptl_crystal_grow.method          'VAPOR DIFFUSION, HANGING DROP' 
_exptl_crystal_grow.method_ref      ? 
_exptl_crystal_grow.pH              ? 
_exptl_crystal_grow.pressure        ? 
_exptl_crystal_grow.pressure_esd    ? 
_exptl_crystal_grow.seeding         ? 
_exptl_crystal_grow.seeding_ref     ? 
_exptl_crystal_grow.temp            298 
_exptl_crystal_grow.temp_details    ? 
_exptl_crystal_grow.temp_esd        ? 
_exptl_crystal_grow.time            ? 
_exptl_crystal_grow.pdbx_details    '3.2-3.4 M ammonium sulfate and 0.4-0.5 M NaNO3' 
_exptl_crystal_grow.pdbx_pH_range   ? 
# 
_diffrn.ambient_environment    ? 
_diffrn.ambient_temp           100 
_diffrn.ambient_temp_details   ? 
_diffrn.ambient_temp_esd       ? 
_diffrn.crystal_id             1 
_diffrn.crystal_support        ? 
_diffrn.crystal_treatment      ? 
_diffrn.details                ? 
_diffrn.id                     1 
_diffrn.ambient_pressure       ? 
_diffrn.ambient_pressure_esd   ? 
_diffrn.ambient_pressure_gt    ? 
_diffrn.ambient_pressure_lt    ? 
_diffrn.ambient_temp_gt        ? 
_diffrn.ambient_temp_lt        ? 
# 
_diffrn_detector.details                      ? 
_diffrn_detector.detector                     CCD 
_diffrn_detector.diffrn_id                    1 
_diffrn_detector.type                         'MAR CCD 165 mm' 
_diffrn_detector.area_resol_mean              ? 
_diffrn_detector.dtime                        ? 
_diffrn_detector.pdbx_frames_total            ? 
_diffrn_detector.pdbx_collection_time_total   ? 
_diffrn_detector.pdbx_collection_date         2017-07-25 
# 
_diffrn_radiation.collimation                      ? 
_diffrn_radiation.diffrn_id                        1 
_diffrn_radiation.filter_edge                      ? 
_diffrn_radiation.inhomogeneity                    ? 
_diffrn_radiation.monochromator                    ? 
_diffrn_radiation.polarisn_norm                    ? 
_diffrn_radiation.polarisn_ratio                   ? 
_diffrn_radiation.probe                            ? 
_diffrn_radiation.type                             ? 
_diffrn_radiation.xray_symbol                      ? 
_diffrn_radiation.wavelength_id                    1 
_diffrn_radiation.pdbx_monochromatic_or_laue_m_l   M 
_diffrn_radiation.pdbx_wavelength_list             ? 
_diffrn_radiation.pdbx_wavelength                  ? 
_diffrn_radiation.pdbx_diffrn_protocol             'SINGLE WAVELENGTH' 
_diffrn_radiation.pdbx_analyzer                    ? 
_diffrn_radiation.pdbx_scattering_type             x-ray 
# 
_diffrn_radiation_wavelength.id           1 
_diffrn_radiation_wavelength.wavelength   0.966 
_diffrn_radiation_wavelength.wt           1.0 
# 
_diffrn_source.current                     ? 
_diffrn_source.details                     ? 
_diffrn_source.diffrn_id                   1 
_diffrn_source.power                       ? 
_diffrn_source.size                        ? 
_diffrn_source.source                      SYNCHROTRON 
_diffrn_source.target                      ? 
_diffrn_source.type                        'ESRF BEAMLINE ID29' 
_diffrn_source.voltage                     ? 
_diffrn_source.take-off_angle              ? 
_diffrn_source.pdbx_wavelength_list        0.966 
_diffrn_source.pdbx_wavelength             ? 
_diffrn_source.pdbx_synchrotron_beamline   ID29 
_diffrn_source.pdbx_synchrotron_site       ESRF 
# 
_reflns.B_iso_Wilson_estimate            ? 
_reflns.entry_id                         6FF5 
_reflns.data_reduction_details           ? 
_reflns.data_reduction_method            ? 
_reflns.d_resolution_high                1.74 
_reflns.d_resolution_low                 56.9 
_reflns.details                          ? 
_reflns.limit_h_max                      ? 
_reflns.limit_h_min                      ? 
_reflns.limit_k_max                      ? 
_reflns.limit_k_min                      ? 
_reflns.limit_l_max                      ? 
_reflns.limit_l_min                      ? 
_reflns.number_all                       ? 
_reflns.number_obs                       12830 
_reflns.observed_criterion               ? 
_reflns.observed_criterion_F_max         ? 
_reflns.observed_criterion_F_min         ? 
_reflns.observed_criterion_I_max         ? 
_reflns.observed_criterion_I_min         ? 
_reflns.observed_criterion_sigma_F       ? 
_reflns.observed_criterion_sigma_I       ? 
_reflns.percent_possible_obs             99.6 
_reflns.R_free_details                   ? 
_reflns.Rmerge_F_all                     ? 
_reflns.Rmerge_F_obs                     ? 
_reflns.Friedel_coverage                 ? 
_reflns.number_gt                        ? 
_reflns.threshold_expression             ? 
_reflns.pdbx_redundancy                  6.0 
_reflns.pdbx_Rmerge_I_obs                0.040 
_reflns.pdbx_Rmerge_I_all                ? 
_reflns.pdbx_Rsym_value                  ? 
_reflns.pdbx_netI_over_av_sigmaI         ? 
_reflns.pdbx_netI_over_sigmaI            20.4 
_reflns.pdbx_res_netI_over_av_sigmaI_2   ? 
_reflns.pdbx_res_netI_over_sigmaI_2      ? 
_reflns.pdbx_chi_squared                 ? 
_reflns.pdbx_scaling_rejects             ? 
_reflns.pdbx_d_res_high_opt              ? 
_reflns.pdbx_d_res_low_opt               ? 
_reflns.pdbx_d_res_opt_method            ? 
_reflns.phase_calculation_details        ? 
_reflns.pdbx_Rrim_I_all                  ? 
_reflns.pdbx_Rpim_I_all                  ? 
_reflns.pdbx_d_opt                       ? 
_reflns.pdbx_number_measured_all         ? 
_reflns.pdbx_diffrn_id                   1 
_reflns.pdbx_ordinal                     1 
_reflns.pdbx_CC_half                     0.999 
_reflns.pdbx_R_split                     ? 
# 
_reflns_shell.d_res_high                  1.74 
_reflns_shell.d_res_low                   1.78 
_reflns_shell.meanI_over_sigI_all         ? 
_reflns_shell.meanI_over_sigI_obs         ? 
_reflns_shell.number_measured_all         ? 
_reflns_shell.number_measured_obs         ? 
_reflns_shell.number_possible             ? 
_reflns_shell.number_unique_all           ? 
_reflns_shell.number_unique_obs           3810 
_reflns_shell.percent_possible_all        100 
_reflns_shell.percent_possible_obs        ? 
_reflns_shell.Rmerge_F_all                ? 
_reflns_shell.Rmerge_F_obs                ? 
_reflns_shell.Rmerge_I_all                ? 
_reflns_shell.Rmerge_I_obs                0.8 
_reflns_shell.meanI_over_sigI_gt          ? 
_reflns_shell.meanI_over_uI_all           ? 
_reflns_shell.meanI_over_uI_gt            ? 
_reflns_shell.number_measured_gt          ? 
_reflns_shell.number_unique_gt            ? 
_reflns_shell.percent_possible_gt         ? 
_reflns_shell.Rmerge_F_gt                 ? 
_reflns_shell.Rmerge_I_gt                 ? 
_reflns_shell.pdbx_redundancy             ? 
_reflns_shell.pdbx_Rsym_value             ? 
_reflns_shell.pdbx_chi_squared            ? 
_reflns_shell.pdbx_netI_over_sigmaI_all   ? 
_reflns_shell.pdbx_netI_over_sigmaI_obs   ? 
_reflns_shell.pdbx_Rrim_I_all             ? 
_reflns_shell.pdbx_Rpim_I_all             ? 
_reflns_shell.pdbx_rejects                ? 
_reflns_shell.pdbx_ordinal                1 
_reflns_shell.pdbx_diffrn_id              1 
_reflns_shell.pdbx_CC_half                0.725 
_reflns_shell.pdbx_R_split                ? 
# 
_refine.aniso_B[1][1]                            -0.31 
_refine.aniso_B[1][2]                            -0.15 
_refine.aniso_B[1][3]                            -0.00 
_refine.aniso_B[2][2]                            -0.31 
_refine.aniso_B[2][3]                            -0.00 
_refine.aniso_B[3][3]                            1.00 
_refine.B_iso_max                                ? 
_refine.B_iso_mean                               36.657 
_refine.B_iso_min                                ? 
_refine.correlation_coeff_Fo_to_Fc               0.973 
_refine.correlation_coeff_Fo_to_Fc_free          0.960 
_refine.details                                  'HYDROGENS HAVE BEEN ADDED IN THE RIDING POSITIONS' 
_refine.diff_density_max                         ? 
_refine.diff_density_max_esd                     ? 
_refine.diff_density_min                         ? 
_refine.diff_density_min_esd                     ? 
_refine.diff_density_rms                         ? 
_refine.diff_density_rms_esd                     ? 
_refine.entry_id                                 6FF5 
_refine.pdbx_refine_id                           'X-RAY DIFFRACTION' 
_refine.ls_abs_structure_details                 ? 
_refine.ls_abs_structure_Flack                   ? 
_refine.ls_abs_structure_Flack_esd               ? 
_refine.ls_abs_structure_Rogers                  ? 
_refine.ls_abs_structure_Rogers_esd              ? 
_refine.ls_d_res_high                            1.74 
_refine.ls_d_res_low                             56.90 
_refine.ls_extinction_coef                       ? 
_refine.ls_extinction_coef_esd                   ? 
_refine.ls_extinction_expression                 ? 
_refine.ls_extinction_method                     ? 
_refine.ls_goodness_of_fit_all                   ? 
_refine.ls_goodness_of_fit_all_esd               ? 
_refine.ls_goodness_of_fit_obs                   ? 
_refine.ls_goodness_of_fit_obs_esd               ? 
_refine.ls_hydrogen_treatment                    ? 
_refine.ls_matrix_type                           ? 
_refine.ls_number_constraints                    ? 
_refine.ls_number_parameters                     ? 
_refine.ls_number_reflns_all                     ? 
_refine.ls_number_reflns_obs                     12192 
_refine.ls_number_reflns_R_free                  638 
_refine.ls_number_reflns_R_work                  ? 
_refine.ls_number_restraints                     ? 
_refine.ls_percent_reflns_obs                    99.53 
_refine.ls_percent_reflns_R_free                 5.0 
_refine.ls_R_factor_all                          ? 
_refine.ls_R_factor_obs                          0.16289 
_refine.ls_R_factor_R_free                       0.20255 
_refine.ls_R_factor_R_free_error                 ? 
_refine.ls_R_factor_R_free_error_details         ? 
_refine.ls_R_factor_R_work                       0.16072 
_refine.ls_R_Fsqd_factor_obs                     ? 
_refine.ls_R_I_factor_obs                        ? 
_refine.ls_redundancy_reflns_all                 ? 
_refine.ls_redundancy_reflns_obs                 ? 
_refine.ls_restrained_S_all                      ? 
_refine.ls_restrained_S_obs                      ? 
_refine.ls_shift_over_esd_max                    ? 
_refine.ls_shift_over_esd_mean                   ? 
_refine.ls_structure_factor_coef                 ? 
_refine.ls_weighting_details                     ? 
_refine.ls_weighting_scheme                      ? 
_refine.ls_wR_factor_all                         ? 
_refine.ls_wR_factor_obs                         ? 
_refine.ls_wR_factor_R_free                      ? 
_refine.ls_wR_factor_R_work                      ? 
_refine.occupancy_max                            ? 
_refine.occupancy_min                            ? 
_refine.solvent_model_details                    ? 
_refine.solvent_model_param_bsol                 ? 
_refine.solvent_model_param_ksol                 ? 
_refine.ls_R_factor_gt                           ? 
_refine.ls_goodness_of_fit_gt                    ? 
_refine.ls_goodness_of_fit_ref                   ? 
_refine.ls_shift_over_su_max                     ? 
_refine.ls_shift_over_su_max_lt                  ? 
_refine.ls_shift_over_su_mean                    ? 
_refine.ls_shift_over_su_mean_lt                 ? 
_refine.pdbx_ls_sigma_I                          ? 
_refine.pdbx_ls_sigma_F                          ? 
_refine.pdbx_ls_sigma_Fsqd                       ? 
_refine.pdbx_data_cutoff_high_absF               ? 
_refine.pdbx_data_cutoff_high_rms_absF           ? 
_refine.pdbx_data_cutoff_low_absF                ? 
_refine.pdbx_isotropic_thermal_model             ? 
_refine.pdbx_ls_cross_valid_method               THROUGHOUT 
_refine.pdbx_method_to_determine_struct          'MOLECULAR REPLACEMENT' 
_refine.pdbx_starting_model                      2B4Z 
_refine.pdbx_stereochemistry_target_values       ? 
_refine.pdbx_R_Free_selection_details            RANDOM 
_refine.pdbx_stereochem_target_val_spec_case     ? 
_refine.pdbx_overall_ESU_R                       0.100 
_refine.pdbx_overall_ESU_R_Free                  0.103 
_refine.pdbx_solvent_vdw_probe_radii             1.20 
_refine.pdbx_solvent_ion_probe_radii             0.80 
_refine.pdbx_solvent_shrinkage_radii             0.80 
_refine.pdbx_real_space_R                        ? 
_refine.pdbx_density_correlation                 ? 
_refine.pdbx_pd_number_of_powder_patterns        ? 
_refine.pdbx_pd_number_of_points                 ? 
_refine.pdbx_pd_meas_number_of_points            ? 
_refine.pdbx_pd_proc_ls_prof_R_factor            ? 
_refine.pdbx_pd_proc_ls_prof_wR_factor           ? 
_refine.pdbx_pd_Marquardt_correlation_coeff      ? 
_refine.pdbx_pd_Fsqrd_R_factor                   ? 
_refine.pdbx_pd_ls_matrix_band_width             ? 
_refine.pdbx_overall_phase_error                 ? 
_refine.pdbx_overall_SU_R_free_Cruickshank_DPI   ? 
_refine.pdbx_overall_SU_R_free_Blow_DPI          ? 
_refine.pdbx_overall_SU_R_Blow_DPI               ? 
_refine.pdbx_TLS_residual_ADP_flag               ? 
_refine.pdbx_diffrn_id                           1 
_refine.overall_SU_B                             2.318 
_refine.overall_SU_ML                            0.073 
_refine.overall_SU_R_Cruickshank_DPI             ? 
_refine.overall_SU_R_free                        ? 
_refine.overall_FOM_free_R_set                   ? 
_refine.overall_FOM_work_R_set                   ? 
_refine.pdbx_average_fsc_overall                 ? 
_refine.pdbx_average_fsc_work                    ? 
_refine.pdbx_average_fsc_free                    ? 
# 
_refine_hist.pdbx_refine_id                   'X-RAY DIFFRACTION' 
_refine_hist.cycle_id                         1 
_refine_hist.pdbx_number_atoms_protein        814 
_refine_hist.pdbx_number_atoms_nucleic_acid   0 
_refine_hist.pdbx_number_atoms_ligand         68 
_refine_hist.number_atoms_solvent             77 
_refine_hist.number_atoms_total               959 
_refine_hist.d_res_high                       1.74 
_refine_hist.d_res_low                        56.90 
# 
loop_
_refine_ls_restr.pdbx_refine_id 
_refine_ls_restr.criterion 
_refine_ls_restr.dev_ideal 
_refine_ls_restr.dev_ideal_target 
_refine_ls_restr.number 
_refine_ls_restr.rejects 
_refine_ls_restr.type 
_refine_ls_restr.weight 
_refine_ls_restr.pdbx_restraint_function 
'X-RAY DIFFRACTION' ? 0.022  0.019  946  ? r_bond_refined_d             ? ? 
'X-RAY DIFFRACTION' ? 0.002  0.020  858  ? r_bond_other_d               ? ? 
'X-RAY DIFFRACTION' ? 2.075  2.055  1277 ? r_angle_refined_deg          ? ? 
'X-RAY DIFFRACTION' ? 1.118  3.000  2008 ? r_angle_other_deg            ? ? 
'X-RAY DIFFRACTION' ? 6.333  5.000  111  ? r_dihedral_angle_1_deg       ? ? 
'X-RAY DIFFRACTION' ? 35.670 25.263 38   ? r_dihedral_angle_2_deg       ? ? 
'X-RAY DIFFRACTION' ? 15.816 15.000 174  ? r_dihedral_angle_3_deg       ? ? 
'X-RAY DIFFRACTION' ? 34.581 15.000 3    ? r_dihedral_angle_4_deg       ? ? 
'X-RAY DIFFRACTION' ? 0.124  0.200  120  ? r_chiral_restr               ? ? 
'X-RAY DIFFRACTION' ? 0.017  0.020  1072 ? r_gen_planes_refined         ? ? 
'X-RAY DIFFRACTION' ? 0.013  0.020  187  ? r_gen_planes_other           ? ? 
'X-RAY DIFFRACTION' ? ?      ?      ?    ? r_nbd_refined                ? ? 
'X-RAY DIFFRACTION' ? ?      ?      ?    ? r_nbd_other                  ? ? 
'X-RAY DIFFRACTION' ? ?      ?      ?    ? r_nbtor_refined              ? ? 
'X-RAY DIFFRACTION' ? ?      ?      ?    ? r_nbtor_other                ? ? 
'X-RAY DIFFRACTION' ? ?      ?      ?    ? r_xyhbond_nbd_refined        ? ? 
'X-RAY DIFFRACTION' ? ?      ?      ?    ? r_xyhbond_nbd_other          ? ? 
'X-RAY DIFFRACTION' ? ?      ?      ?    ? r_metal_ion_refined          ? ? 
'X-RAY DIFFRACTION' ? ?      ?      ?    ? r_metal_ion_other            ? ? 
'X-RAY DIFFRACTION' ? ?      ?      ?    ? r_symmetry_vdw_refined       ? ? 
'X-RAY DIFFRACTION' ? ?      ?      ?    ? r_symmetry_vdw_other         ? ? 
'X-RAY DIFFRACTION' ? ?      ?      ?    ? r_symmetry_hbond_refined     ? ? 
'X-RAY DIFFRACTION' ? ?      ?      ?    ? r_symmetry_hbond_other       ? ? 
'X-RAY DIFFRACTION' ? ?      ?      ?    ? r_symmetry_metal_ion_refined ? ? 
'X-RAY DIFFRACTION' ? ?      ?      ?    ? r_symmetry_metal_ion_other   ? ? 
'X-RAY DIFFRACTION' ? 2.901  3.320  435  ? r_mcbond_it                  ? ? 
'X-RAY DIFFRACTION' ? 2.830  3.311  434  ? r_mcbond_other               ? ? 
'X-RAY DIFFRACTION' ? 3.768  4.953  549  ? r_mcangle_it                 ? ? 
'X-RAY DIFFRACTION' ? 3.782  4.960  550  ? r_mcangle_other              ? ? 
'X-RAY DIFFRACTION' ? 4.901  3.739  510  ? r_scbond_it                  ? ? 
'X-RAY DIFFRACTION' ? 4.864  3.717  483  ? r_scbond_other               ? ? 
'X-RAY DIFFRACTION' ? ?      ?      ?    ? r_scangle_it                 ? ? 
'X-RAY DIFFRACTION' ? 7.346  5.325  701  ? r_scangle_other              ? ? 
'X-RAY DIFFRACTION' ? 8.327  38.797 1117 ? r_long_range_B_refined       ? ? 
'X-RAY DIFFRACTION' ? 8.247  38.462 1107 ? r_long_range_B_other         ? ? 
'X-RAY DIFFRACTION' ? ?      ?      ?    ? r_rigid_bond_restr           ? ? 
'X-RAY DIFFRACTION' ? ?      ?      ?    ? r_sphericity_free            ? ? 
'X-RAY DIFFRACTION' ? ?      ?      ?    ? r_sphericity_bonded          ? ? 
# 
_refine_ls_shell.pdbx_refine_id                   'X-RAY DIFFRACTION' 
_refine_ls_shell.d_res_high                       1.739 
_refine_ls_shell.d_res_low                        1.784 
_refine_ls_shell.number_reflns_all                ? 
_refine_ls_shell.number_reflns_obs                ? 
_refine_ls_shell.number_reflns_R_free             45 
_refine_ls_shell.number_reflns_R_work             892 
_refine_ls_shell.percent_reflns_obs               100.00 
_refine_ls_shell.percent_reflns_R_free            ? 
_refine_ls_shell.R_factor_all                     ? 
_refine_ls_shell.R_factor_obs                     ? 
_refine_ls_shell.R_factor_R_free                  0.268 
_refine_ls_shell.R_factor_R_free_error            ? 
_refine_ls_shell.R_factor_R_work                  0.259 
_refine_ls_shell.redundancy_reflns_all            ? 
_refine_ls_shell.redundancy_reflns_obs            ? 
_refine_ls_shell.wR_factor_all                    ? 
_refine_ls_shell.wR_factor_obs                    ? 
_refine_ls_shell.wR_factor_R_free                 ? 
_refine_ls_shell.wR_factor_R_work                 ? 
_refine_ls_shell.pdbx_total_number_of_bins_used   20 
_refine_ls_shell.pdbx_phase_error                 ? 
_refine_ls_shell.pdbx_fsc_work                    ? 
_refine_ls_shell.pdbx_fsc_free                    ? 
# 
_struct.entry_id                     6FF5 
_struct.title                        'X-ray structure of bovine heart cytochrome c at high ionic strength' 
_struct.pdbx_model_details           ? 
_struct.pdbx_formula_weight          ? 
_struct.pdbx_formula_weight_method   ? 
_struct.pdbx_model_type_details      ? 
_struct.pdbx_CASP_flag               N 
# 
_struct_keywords.entry_id        6FF5 
_struct_keywords.text            'cytochrome c, ELECTRON TRANSPORT' 
_struct_keywords.pdbx_keywords   'ELECTRON TRANSPORT' 
# 
loop_
_struct_asym.id 
_struct_asym.pdbx_blank_PDB_chainid_flag 
_struct_asym.pdbx_modified 
_struct_asym.entity_id 
_struct_asym.details 
A N N 1 ? 
B N N 2 ? 
C N N 3 ? 
D N N 3 ? 
E N N 3 ? 
F N N 3 ? 
G N N 3 ? 
H N N 4 ? 
I N N 5 ? 
# 
_struct_ref.id                         1 
_struct_ref.db_name                    UNP 
_struct_ref.db_code                    CYC_BOVIN 
_struct_ref.pdbx_db_accession          P62894 
_struct_ref.pdbx_db_isoform            ? 
_struct_ref.entity_id                  1 
_struct_ref.pdbx_seq_one_letter_code   
;GDVEKGKKIFVQKCAQCHTVEKGGKHKTGPNLHGLFGRKTGQAPGFSYTDANKNKGITWGEETLMEYLENPKKYIPGTKM
IFAGIKKKGEREDLIAYLKKATNE
;
_struct_ref.pdbx_align_begin           2 
# 
_struct_ref_seq.align_id                      1 
_struct_ref_seq.ref_id                        1 
_struct_ref_seq.pdbx_PDB_id_code              6FF5 
_struct_ref_seq.pdbx_strand_id                A 
_struct_ref_seq.seq_align_beg                 1 
_struct_ref_seq.pdbx_seq_align_beg_ins_code   ? 
_struct_ref_seq.seq_align_end                 104 
_struct_ref_seq.pdbx_seq_align_end_ins_code   ? 
_struct_ref_seq.pdbx_db_accession             P62894 
_struct_ref_seq.db_align_beg                  2 
_struct_ref_seq.pdbx_db_align_beg_ins_code    ? 
_struct_ref_seq.db_align_end                  105 
_struct_ref_seq.pdbx_db_align_end_ins_code    ? 
_struct_ref_seq.pdbx_auth_seq_align_beg       1 
_struct_ref_seq.pdbx_auth_seq_align_end       104 
# 
_pdbx_struct_assembly.id                   1 
_pdbx_struct_assembly.details              author_and_software_defined_assembly 
_pdbx_struct_assembly.method_details       PISA 
_pdbx_struct_assembly.oligomeric_details   monomeric 
_pdbx_struct_assembly.oligomeric_count     1 
# 
loop_
_pdbx_struct_assembly_prop.biol_id 
_pdbx_struct_assembly_prop.type 
_pdbx_struct_assembly_prop.value 
_pdbx_struct_assembly_prop.details 
1 'ABSA (A^2)' 2130 ? 
1 MORE         -31  ? 
1 'SSA (A^2)'  5940 ? 
# 
_pdbx_struct_assembly_gen.assembly_id       1 
_pdbx_struct_assembly_gen.oper_expression   1 
_pdbx_struct_assembly_gen.asym_id_list      A,B,C,D,E,F,G,H,I 
# 
_pdbx_struct_assembly_auth_evidence.id                     1 
_pdbx_struct_assembly_auth_evidence.assembly_id            1 
_pdbx_struct_assembly_auth_evidence.experimental_support   homology 
_pdbx_struct_assembly_auth_evidence.details                ? 
# 
_pdbx_struct_oper_list.id                   1 
_pdbx_struct_oper_list.type                 'identity operation' 
_pdbx_struct_oper_list.name                 1_555 
_pdbx_struct_oper_list.symmetry_operation   x,y,z 
_pdbx_struct_oper_list.matrix[1][1]         1.0000000000 
_pdbx_struct_oper_list.matrix[1][2]         0.0000000000 
_pdbx_struct_oper_list.matrix[1][3]         0.0000000000 
_pdbx_struct_oper_list.vector[1]            0.0000000000 
_pdbx_struct_oper_list.matrix[2][1]         0.0000000000 
_pdbx_struct_oper_list.matrix[2][2]         1.0000000000 
_pdbx_struct_oper_list.matrix[2][3]         0.0000000000 
_pdbx_struct_oper_list.vector[2]            0.0000000000 
_pdbx_struct_oper_list.matrix[3][1]         0.0000000000 
_pdbx_struct_oper_list.matrix[3][2]         0.0000000000 
_pdbx_struct_oper_list.matrix[3][3]         1.0000000000 
_pdbx_struct_oper_list.vector[3]            0.0000000000 
# 
loop_
_struct_conf.conf_type_id 
_struct_conf.id 
_struct_conf.pdbx_PDB_helix_id 
_struct_conf.beg_label_comp_id 
_struct_conf.beg_label_asym_id 
_struct_conf.beg_label_seq_id 
_struct_conf.pdbx_beg_PDB_ins_code 
_struct_conf.end_label_comp_id 
_struct_conf.end_label_asym_id 
_struct_conf.end_label_seq_id 
_struct_conf.pdbx_end_PDB_ins_code 
_struct_conf.beg_auth_comp_id 
_struct_conf.beg_auth_asym_id 
_struct_conf.beg_auth_seq_id 
_struct_conf.end_auth_comp_id 
_struct_conf.end_auth_asym_id 
_struct_conf.end_auth_seq_id 
_struct_conf.pdbx_PDB_helix_class 
_struct_conf.details 
_struct_conf.pdbx_PDB_helix_length 
HELX_P HELX_P1 AA1 ASP A 2  ? CYS A 14  ? ASP A 2  CYS A 14  1 ? 13 
HELX_P HELX_P2 AA2 THR A 49 ? LYS A 55  ? THR A 49 LYS A 55  1 ? 7  
HELX_P HELX_P3 AA3 GLY A 60 ? ASN A 70  ? GLY A 60 ASN A 70  1 ? 11 
HELX_P HELX_P4 AA4 ASN A 70 ? ILE A 75  ? ASN A 70 ILE A 75  1 ? 6  
HELX_P HELX_P5 AA5 LYS A 87 ? THR A 102 ? LYS A 87 THR A 102 1 ? 16 
# 
_struct_conf_type.id          HELX_P 
_struct_conf_type.criteria    ? 
_struct_conf_type.reference   ? 
# 
loop_
_struct_conn.id 
_struct_conn.conn_type_id 
_struct_conn.pdbx_leaving_atom_flag 
_struct_conn.pdbx_PDB_id 
_struct_conn.ptnr1_label_asym_id 
_struct_conn.ptnr1_label_comp_id 
_struct_conn.ptnr1_label_seq_id 
_struct_conn.ptnr1_label_atom_id 
_struct_conn.pdbx_ptnr1_label_alt_id 
_struct_conn.pdbx_ptnr1_PDB_ins_code 
_struct_conn.pdbx_ptnr1_standard_comp_id 
_struct_conn.ptnr1_symmetry 
_struct_conn.ptnr2_label_asym_id 
_struct_conn.ptnr2_label_comp_id 
_struct_conn.ptnr2_label_seq_id 
_struct_conn.ptnr2_label_atom_id 
_struct_conn.pdbx_ptnr2_label_alt_id 
_struct_conn.pdbx_ptnr2_PDB_ins_code 
_struct_conn.ptnr1_auth_asym_id 
_struct_conn.ptnr1_auth_comp_id 
_struct_conn.ptnr1_auth_seq_id 
_struct_conn.ptnr2_auth_asym_id 
_struct_conn.ptnr2_auth_comp_id 
_struct_conn.ptnr2_auth_seq_id 
_struct_conn.ptnr2_symmetry 
_struct_conn.pdbx_ptnr3_label_atom_id 
_struct_conn.pdbx_ptnr3_label_seq_id 
_struct_conn.pdbx_ptnr3_label_comp_id 
_struct_conn.pdbx_ptnr3_label_asym_id 
_struct_conn.pdbx_ptnr3_label_alt_id 
_struct_conn.pdbx_ptnr3_PDB_ins_code 
_struct_conn.details 
_struct_conn.pdbx_dist_value 
_struct_conn.pdbx_value_order 
_struct_conn.pdbx_role 
covale1 covale none ? A CYS 14 SG  ? ? ? 1_555 B HEC . CAB ? ? A CYS 14 A HEC 201 1_555 ? ? ? ? ? ? ? 1.962 ? ? 
metalc1 metalc ?    ? A HIS 18 NE2 ? ? ? 1_555 B HEC . FE  ? ? A HIS 18 A HEC 201 1_555 ? ? ? ? ? ? ? 2.071 ? ? 
metalc2 metalc ?    ? A MET 80 SD  ? ? ? 1_555 B HEC . FE  ? ? A MET 80 A HEC 201 1_555 ? ? ? ? ? ? ? 2.310 ? ? 
# 
loop_
_struct_conn_type.id 
_struct_conn_type.criteria 
_struct_conn_type.reference 
covale ? ? 
metalc ? ? 
# 
loop_
_pdbx_struct_conn_angle.id 
_pdbx_struct_conn_angle.ptnr1_label_atom_id 
_pdbx_struct_conn_angle.ptnr1_label_alt_id 
_pdbx_struct_conn_angle.ptnr1_label_asym_id 
_pdbx_struct_conn_angle.ptnr1_label_comp_id 
_pdbx_struct_conn_angle.ptnr1_label_seq_id 
_pdbx_struct_conn_angle.ptnr1_auth_atom_id 
_pdbx_struct_conn_angle.ptnr1_auth_asym_id 
_pdbx_struct_conn_angle.ptnr1_auth_comp_id 
_pdbx_struct_conn_angle.ptnr1_auth_seq_id 
_pdbx_struct_conn_angle.ptnr1_PDB_ins_code 
_pdbx_struct_conn_angle.ptnr1_symmetry 
_pdbx_struct_conn_angle.ptnr2_label_atom_id 
_pdbx_struct_conn_angle.ptnr2_label_alt_id 
_pdbx_struct_conn_angle.ptnr2_label_asym_id 
_pdbx_struct_conn_angle.ptnr2_label_comp_id 
_pdbx_struct_conn_angle.ptnr2_label_seq_id 
_pdbx_struct_conn_angle.ptnr2_auth_atom_id 
_pdbx_struct_conn_angle.ptnr2_auth_asym_id 
_pdbx_struct_conn_angle.ptnr2_auth_comp_id 
_pdbx_struct_conn_angle.ptnr2_auth_seq_id 
_pdbx_struct_conn_angle.ptnr2_PDB_ins_code 
_pdbx_struct_conn_angle.ptnr2_symmetry 
_pdbx_struct_conn_angle.ptnr3_label_atom_id 
_pdbx_struct_conn_angle.ptnr3_label_alt_id 
_pdbx_struct_conn_angle.ptnr3_label_asym_id 
_pdbx_struct_conn_angle.ptnr3_label_comp_id 
_pdbx_struct_conn_angle.ptnr3_label_seq_id 
_pdbx_struct_conn_angle.ptnr3_auth_atom_id 
_pdbx_struct_conn_angle.ptnr3_auth_asym_id 
_pdbx_struct_conn_angle.ptnr3_auth_comp_id 
_pdbx_struct_conn_angle.ptnr3_auth_seq_id 
_pdbx_struct_conn_angle.ptnr3_PDB_ins_code 
_pdbx_struct_conn_angle.ptnr3_symmetry 
_pdbx_struct_conn_angle.value 
_pdbx_struct_conn_angle.value_esd 
1  NE2 ? A HIS 18 ? A HIS 18  ? 1_555 FE ? B HEC . ? A HEC 201 ? 1_555 NA ? B HEC .  ? A HEC 201 ? 1_555 88.4  ? 
2  NE2 ? A HIS 18 ? A HIS 18  ? 1_555 FE ? B HEC . ? A HEC 201 ? 1_555 NB ? B HEC .  ? A HEC 201 ? 1_555 90.1  ? 
3  NA  ? B HEC .  ? A HEC 201 ? 1_555 FE ? B HEC . ? A HEC 201 ? 1_555 NB ? B HEC .  ? A HEC 201 ? 1_555 91.2  ? 
4  NE2 ? A HIS 18 ? A HIS 18  ? 1_555 FE ? B HEC . ? A HEC 201 ? 1_555 NC ? B HEC .  ? A HEC 201 ? 1_555 91.3  ? 
5  NA  ? B HEC .  ? A HEC 201 ? 1_555 FE ? B HEC . ? A HEC 201 ? 1_555 NC ? B HEC .  ? A HEC 201 ? 1_555 179.6 ? 
6  NB  ? B HEC .  ? A HEC 201 ? 1_555 FE ? B HEC . ? A HEC 201 ? 1_555 NC ? B HEC .  ? A HEC 201 ? 1_555 89.1  ? 
7  NE2 ? A HIS 18 ? A HIS 18  ? 1_555 FE ? B HEC . ? A HEC 201 ? 1_555 ND ? B HEC .  ? A HEC 201 ? 1_555 89.0  ? 
8  NA  ? B HEC .  ? A HEC 201 ? 1_555 FE ? B HEC . ? A HEC 201 ? 1_555 ND ? B HEC .  ? A HEC 201 ? 1_555 89.4  ? 
9  NB  ? B HEC .  ? A HEC 201 ? 1_555 FE ? B HEC . ? A HEC 201 ? 1_555 ND ? B HEC .  ? A HEC 201 ? 1_555 178.9 ? 
10 NC  ? B HEC .  ? A HEC 201 ? 1_555 FE ? B HEC . ? A HEC 201 ? 1_555 ND ? B HEC .  ? A HEC 201 ? 1_555 90.4  ? 
11 NE2 ? A HIS 18 ? A HIS 18  ? 1_555 FE ? B HEC . ? A HEC 201 ? 1_555 SD ? A MET 80 ? A MET 80  ? 1_555 173.5 ? 
12 NA  ? B HEC .  ? A HEC 201 ? 1_555 FE ? B HEC . ? A HEC 201 ? 1_555 SD ? A MET 80 ? A MET 80  ? 1_555 85.8  ? 
13 NB  ? B HEC .  ? A HEC 201 ? 1_555 FE ? B HEC . ? A HEC 201 ? 1_555 SD ? A MET 80 ? A MET 80  ? 1_555 92.9  ? 
14 NC  ? B HEC .  ? A HEC 201 ? 1_555 FE ? B HEC . ? A HEC 201 ? 1_555 SD ? A MET 80 ? A MET 80  ? 1_555 94.6  ? 
15 ND  ? B HEC .  ? A HEC 201 ? 1_555 FE ? B HEC . ? A HEC 201 ? 1_555 SD ? A MET 80 ? A MET 80  ? 1_555 88.1  ? 
# 
_pdbx_modification_feature.ordinal                            1 
_pdbx_modification_feature.label_comp_id                      HEC 
_pdbx_modification_feature.label_asym_id                      B 
_pdbx_modification_feature.label_seq_id                       . 
_pdbx_modification_feature.label_alt_id                       ? 
_pdbx_modification_feature.modified_residue_label_comp_id     CYS 
_pdbx_modification_feature.modified_residue_label_asym_id     A 
_pdbx_modification_feature.modified_residue_label_seq_id      14 
_pdbx_modification_feature.modified_residue_label_alt_id      ? 
_pdbx_modification_feature.auth_comp_id                       HEC 
_pdbx_modification_feature.auth_asym_id                       A 
_pdbx_modification_feature.auth_seq_id                        201 
_pdbx_modification_feature.PDB_ins_code                       ? 
_pdbx_modification_feature.symmetry                           1_555 
_pdbx_modification_feature.modified_residue_auth_comp_id      CYS 
_pdbx_modification_feature.modified_residue_auth_asym_id      A 
_pdbx_modification_feature.modified_residue_auth_seq_id       14 
_pdbx_modification_feature.modified_residue_PDB_ins_code      ? 
_pdbx_modification_feature.modified_residue_symmetry          1_555 
_pdbx_modification_feature.comp_id_linking_atom               CAB 
_pdbx_modification_feature.modified_residue_id_linking_atom   SG 
_pdbx_modification_feature.modified_residue_id                CYS 
_pdbx_modification_feature.ref_pcm_id                         2 
_pdbx_modification_feature.ref_comp_id                        HEC 
_pdbx_modification_feature.type                               None 
_pdbx_modification_feature.category                           Heme/heme-like 
# 
loop_
_struct_site.id 
_struct_site.pdbx_evidence_code 
_struct_site.pdbx_auth_asym_id 
_struct_site.pdbx_auth_comp_id 
_struct_site.pdbx_auth_seq_id 
_struct_site.pdbx_auth_ins_code 
_struct_site.pdbx_num_residues 
_struct_site.details 
AC1 Software A HEC 201 ? 20 'binding site for residue HEC A 201' 
AC2 Software A NO3 202 ? 7  'binding site for residue NO3 A 202' 
AC3 Software A NO3 203 ? 8  'binding site for residue NO3 A 203' 
AC4 Software A NO3 204 ? 8  'binding site for residue NO3 A 204' 
AC5 Software A NO3 205 ? 5  'binding site for residue NO3 A 205' 
AC6 Software A NO3 206 ? 5  'binding site for residue NO3 A 206' 
AC7 Software A SO4 207 ? 6  'binding site for residue SO4 A 207' 
# 
loop_
_struct_site_gen.id 
_struct_site_gen.site_id 
_struct_site_gen.pdbx_num_res 
_struct_site_gen.label_comp_id 
_struct_site_gen.label_asym_id 
_struct_site_gen.label_seq_id 
_struct_site_gen.pdbx_auth_ins_code 
_struct_site_gen.auth_comp_id 
_struct_site_gen.auth_asym_id 
_struct_site_gen.auth_seq_id 
_struct_site_gen.label_atom_id 
_struct_site_gen.label_alt_id 
_struct_site_gen.symmetry 
_struct_site_gen.details 
1  AC1 20 LYS A 13  ? LYS A 13  . ? 1_555  ? 
2  AC1 20 CYS A 14  ? CYS A 14  . ? 1_555  ? 
3  AC1 20 CYS A 17  ? CYS A 17  . ? 1_555  ? 
4  AC1 20 HIS A 18  ? HIS A 18  . ? 1_555  ? 
5  AC1 20 THR A 28  ? THR A 28  . ? 1_555  ? 
6  AC1 20 GLY A 29  ? GLY A 29  . ? 1_555  ? 
7  AC1 20 PRO A 30  ? PRO A 30  . ? 1_555  ? 
8  AC1 20 THR A 40  ? THR A 40  . ? 1_555  ? 
9  AC1 20 GLY A 41  ? GLY A 41  . ? 1_555  ? 
10 AC1 20 TYR A 48  ? TYR A 48  . ? 1_555  ? 
11 AC1 20 THR A 49  ? THR A 49  . ? 1_555  ? 
12 AC1 20 ASN A 52  ? ASN A 52  . ? 1_555  ? 
13 AC1 20 TRP A 59  ? TRP A 59  . ? 1_555  ? 
14 AC1 20 TYR A 67  ? TYR A 67  . ? 1_555  ? 
15 AC1 20 THR A 78  ? THR A 78  . ? 1_555  ? 
16 AC1 20 LYS A 79  ? LYS A 79  . ? 1_555  ? 
17 AC1 20 MET A 80  ? MET A 80  . ? 1_555  ? 
18 AC1 20 ILE A 81  ? ILE A 81  . ? 1_555  ? 
19 AC1 20 PHE A 82  ? PHE A 82  . ? 1_555  ? 
20 AC1 20 HOH I .   ? HOH A 308 . ? 1_555  ? 
21 AC2 7  LYS A 8   ? LYS A 8   . ? 3_555  ? 
22 AC2 7  VAL A 11  ? VAL A 11  . ? 3_555  ? 
23 AC2 7  GLN A 12  ? GLN A 12  . ? 3_555  ? 
24 AC2 7  PHE A 82  ? PHE A 82  . ? 1_555  ? 
25 AC2 7  ALA A 83  ? ALA A 83  . ? 1_555  ? 
26 AC2 7  GLY A 84  ? GLY A 84  . ? 1_555  ? 
27 AC2 7  HOH I .   ? HOH A 330 . ? 1_555  ? 
28 AC3 8  THR A 19  ? THR A 19  . ? 1_555  ? 
29 AC3 8  VAL A 20  ? VAL A 20  . ? 1_555  ? 
30 AC3 8  GLU A 21  ? GLU A 21  . ? 1_555  ? 
31 AC3 8  THR A 28  ? THR A 28  . ? 2_555  ? 
32 AC3 8  ILE A 81  ? ILE A 81  . ? 2_555  ? 
33 AC3 8  HOH I .   ? HOH A 316 . ? 1_555  ? 
34 AC3 8  HOH I .   ? HOH A 318 . ? 1_555  ? 
35 AC3 8  HOH I .   ? HOH A 321 . ? 1_555  ? 
36 AC4 8  LYS A 8   ? LYS A 8   . ? 3_555  ? 
37 AC4 8  LYS A 13  ? LYS A 13  . ? 1_555  ? 
38 AC4 8  GLY A 84  ? GLY A 84  . ? 1_555  ? 
39 AC4 8  ILE A 85  ? ILE A 85  . ? 1_555  ? 
40 AC4 8  LYS A 86  ? LYS A 86  . ? 1_555  ? 
41 AC4 8  LYS A 87  ? LYS A 87  . ? 1_555  ? 
42 AC4 8  GLU A 90  ? GLU A 90  . ? 1_555  ? 
43 AC4 8  HOH I .   ? HOH A 301 . ? 1_555  ? 
44 AC5 5  GLU A 4   ? GLU A 4   . ? 3_555  ? 
45 AC5 5  GLU A 69  ? GLU A 69  . ? 1_555  ? 
46 AC5 5  GLY A 84  ? GLY A 84  . ? 1_555  ? 
47 AC5 5  ILE A 85  ? ILE A 85  . ? 1_555  ? 
48 AC5 5  LYS A 86  ? LYS A 86  . ? 1_555  ? 
49 AC6 5  LYS A 22  ? LYS A 22  . ? 1_555  ? 
50 AC6 5  HIS A 33  ? HIS A 33  . ? 1_555  ? 
51 AC6 5  GLY A 34  ? GLY A 34  . ? 1_555  ? 
52 AC6 5  ARG A 38  ? ARG A 38  . ? 1_555  ? 
53 AC6 5  LYS A 99  ? LYS A 99  . ? 16_544 ? 
54 AC7 6  LYS A 7   ? LYS A 7   . ? 1_555  ? 
55 AC7 6  LYS A 72  ? LYS A 72  . ? 2_555  ? 
56 AC7 6  TYR A 97  ? TYR A 97  . ? 1_555  ? 
57 AC7 6  LYS A 100 ? LYS A 100 . ? 1_555  ? 
58 AC7 6  GLU A 104 ? GLU A 104 . ? 1_555  ? 
59 AC7 6  HOH I .   ? HOH A 314 . ? 1_555  ? 
# 
_pdbx_entry_details.entry_id                   6FF5 
_pdbx_entry_details.compound_details           ? 
_pdbx_entry_details.source_details             ? 
_pdbx_entry_details.nonpolymer_details         ? 
_pdbx_entry_details.sequence_details           ? 
_pdbx_entry_details.has_ligand_of_interest     ? 
_pdbx_entry_details.has_protein_modification   Y 
# 
_pdbx_validate_close_contact.id               1 
_pdbx_validate_close_contact.PDB_model_num    1 
_pdbx_validate_close_contact.auth_atom_id_1   SG 
_pdbx_validate_close_contact.auth_asym_id_1   A 
_pdbx_validate_close_contact.auth_comp_id_1   CYS 
_pdbx_validate_close_contact.auth_seq_id_1    17 
_pdbx_validate_close_contact.PDB_ins_code_1   ? 
_pdbx_validate_close_contact.label_alt_id_1   ? 
_pdbx_validate_close_contact.auth_atom_id_2   CAC 
_pdbx_validate_close_contact.auth_asym_id_2   A 
_pdbx_validate_close_contact.auth_comp_id_2   HEC 
_pdbx_validate_close_contact.auth_seq_id_2    201 
_pdbx_validate_close_contact.PDB_ins_code_2   ? 
_pdbx_validate_close_contact.label_alt_id_2   ? 
_pdbx_validate_close_contact.dist             2.16 
# 
loop_
_pdbx_validate_torsion.id 
_pdbx_validate_torsion.PDB_model_num 
_pdbx_validate_torsion.auth_comp_id 
_pdbx_validate_torsion.auth_asym_id 
_pdbx_validate_torsion.auth_seq_id 
_pdbx_validate_torsion.PDB_ins_code 
_pdbx_validate_torsion.label_alt_id 
_pdbx_validate_torsion.phi 
_pdbx_validate_torsion.psi 
1 1 LYS A 27 ? ? -112.38 -134.44 
2 1 ASN A 70 ? ? -170.76 86.77   
3 1 PHE A 82 ? ? -172.74 117.54  
# 
loop_
_pdbx_struct_special_symmetry.id 
_pdbx_struct_special_symmetry.PDB_model_num 
_pdbx_struct_special_symmetry.auth_asym_id 
_pdbx_struct_special_symmetry.auth_comp_id 
_pdbx_struct_special_symmetry.auth_seq_id 
_pdbx_struct_special_symmetry.PDB_ins_code 
_pdbx_struct_special_symmetry.label_asym_id 
_pdbx_struct_special_symmetry.label_comp_id 
_pdbx_struct_special_symmetry.label_seq_id 
1 1 A HOH 344 ? I HOH . 
2 1 A HOH 351 ? I HOH . 
3 1 A HOH 376 ? I HOH . 
# 
loop_
_chem_comp_atom.comp_id 
_chem_comp_atom.atom_id 
_chem_comp_atom.type_symbol 
_chem_comp_atom.pdbx_aromatic_flag 
_chem_comp_atom.pdbx_stereo_config 
_chem_comp_atom.pdbx_ordinal 
ALA N    N  N N 1   
ALA CA   C  N S 2   
ALA C    C  N N 3   
ALA O    O  N N 4   
ALA CB   C  N N 5   
ALA OXT  O  N N 6   
ALA H    H  N N 7   
ALA H2   H  N N 8   
ALA HA   H  N N 9   
ALA HB1  H  N N 10  
ALA HB2  H  N N 11  
ALA HB3  H  N N 12  
ALA HXT  H  N N 13  
ARG N    N  N N 14  
ARG CA   C  N S 15  
ARG C    C  N N 16  
ARG O    O  N N 17  
ARG CB   C  N N 18  
ARG CG   C  N N 19  
ARG CD   C  N N 20  
ARG NE   N  N N 21  
ARG CZ   C  N N 22  
ARG NH1  N  N N 23  
ARG NH2  N  N N 24  
ARG OXT  O  N N 25  
ARG H    H  N N 26  
ARG H2   H  N N 27  
ARG HA   H  N N 28  
ARG HB2  H  N N 29  
ARG HB3  H  N N 30  
ARG HG2  H  N N 31  
ARG HG3  H  N N 32  
ARG HD2  H  N N 33  
ARG HD3  H  N N 34  
ARG HE   H  N N 35  
ARG HH11 H  N N 36  
ARG HH12 H  N N 37  
ARG HH21 H  N N 38  
ARG HH22 H  N N 39  
ARG HXT  H  N N 40  
ASN N    N  N N 41  
ASN CA   C  N S 42  
ASN C    C  N N 43  
ASN O    O  N N 44  
ASN CB   C  N N 45  
ASN CG   C  N N 46  
ASN OD1  O  N N 47  
ASN ND2  N  N N 48  
ASN OXT  O  N N 49  
ASN H    H  N N 50  
ASN H2   H  N N 51  
ASN HA   H  N N 52  
ASN HB2  H  N N 53  
ASN HB3  H  N N 54  
ASN HD21 H  N N 55  
ASN HD22 H  N N 56  
ASN HXT  H  N N 57  
ASP N    N  N N 58  
ASP CA   C  N S 59  
ASP C    C  N N 60  
ASP O    O  N N 61  
ASP CB   C  N N 62  
ASP CG   C  N N 63  
ASP OD1  O  N N 64  
ASP OD2  O  N N 65  
ASP OXT  O  N N 66  
ASP H    H  N N 67  
ASP H2   H  N N 68  
ASP HA   H  N N 69  
ASP HB2  H  N N 70  
ASP HB3  H  N N 71  
ASP HD2  H  N N 72  
ASP HXT  H  N N 73  
CYS N    N  N N 74  
CYS CA   C  N R 75  
CYS C    C  N N 76  
CYS O    O  N N 77  
CYS CB   C  N N 78  
CYS SG   S  N N 79  
CYS OXT  O  N N 80  
CYS H    H  N N 81  
CYS H2   H  N N 82  
CYS HA   H  N N 83  
CYS HB2  H  N N 84  
CYS HB3  H  N N 85  
CYS HG   H  N N 86  
CYS HXT  H  N N 87  
GLN N    N  N N 88  
GLN CA   C  N S 89  
GLN C    C  N N 90  
GLN O    O  N N 91  
GLN CB   C  N N 92  
GLN CG   C  N N 93  
GLN CD   C  N N 94  
GLN OE1  O  N N 95  
GLN NE2  N  N N 96  
GLN OXT  O  N N 97  
GLN H    H  N N 98  
GLN H2   H  N N 99  
GLN HA   H  N N 100 
GLN HB2  H  N N 101 
GLN HB3  H  N N 102 
GLN HG2  H  N N 103 
GLN HG3  H  N N 104 
GLN HE21 H  N N 105 
GLN HE22 H  N N 106 
GLN HXT  H  N N 107 
GLU N    N  N N 108 
GLU CA   C  N S 109 
GLU C    C  N N 110 
GLU O    O  N N 111 
GLU CB   C  N N 112 
GLU CG   C  N N 113 
GLU CD   C  N N 114 
GLU OE1  O  N N 115 
GLU OE2  O  N N 116 
GLU OXT  O  N N 117 
GLU H    H  N N 118 
GLU H2   H  N N 119 
GLU HA   H  N N 120 
GLU HB2  H  N N 121 
GLU HB3  H  N N 122 
GLU HG2  H  N N 123 
GLU HG3  H  N N 124 
GLU HE2  H  N N 125 
GLU HXT  H  N N 126 
GLY N    N  N N 127 
GLY CA   C  N N 128 
GLY C    C  N N 129 
GLY O    O  N N 130 
GLY OXT  O  N N 131 
GLY H    H  N N 132 
GLY H2   H  N N 133 
GLY HA2  H  N N 134 
GLY HA3  H  N N 135 
GLY HXT  H  N N 136 
HEC FE   FE N N 137 
HEC CHA  C  N N 138 
HEC CHB  C  N N 139 
HEC CHC  C  N N 140 
HEC CHD  C  N N 141 
HEC NA   N  Y N 142 
HEC C1A  C  Y N 143 
HEC C2A  C  Y N 144 
HEC C3A  C  Y N 145 
HEC C4A  C  Y N 146 
HEC CMA  C  N N 147 
HEC CAA  C  N N 148 
HEC CBA  C  N N 149 
HEC CGA  C  N N 150 
HEC O1A  O  N N 151 
HEC O2A  O  N N 152 
HEC NB   N  Y N 153 
HEC C1B  C  Y N 154 
HEC C2B  C  Y N 155 
HEC C3B  C  Y N 156 
HEC C4B  C  Y N 157 
HEC CMB  C  N N 158 
HEC CAB  C  N N 159 
HEC CBB  C  N N 160 
HEC NC   N  Y N 161 
HEC C1C  C  Y N 162 
HEC C2C  C  Y N 163 
HEC C3C  C  Y N 164 
HEC C4C  C  Y N 165 
HEC CMC  C  N N 166 
HEC CAC  C  N N 167 
HEC CBC  C  N N 168 
HEC ND   N  Y N 169 
HEC C1D  C  Y N 170 
HEC C2D  C  Y N 171 
HEC C3D  C  Y N 172 
HEC C4D  C  Y N 173 
HEC CMD  C  N N 174 
HEC CAD  C  N N 175 
HEC CBD  C  N N 176 
HEC CGD  C  N N 177 
HEC O1D  O  N N 178 
HEC O2D  O  N N 179 
HEC HHA  H  N N 180 
HEC HHB  H  N N 181 
HEC HHC  H  N N 182 
HEC HHD  H  N N 183 
HEC HMA1 H  N N 184 
HEC HMA2 H  N N 185 
HEC HMA3 H  N N 186 
HEC HAA1 H  N N 187 
HEC HAA2 H  N N 188 
HEC HBA1 H  N N 189 
HEC HBA2 H  N N 190 
HEC H2A  H  N N 191 
HEC HMB1 H  N N 192 
HEC HMB2 H  N N 193 
HEC HMB3 H  N N 194 
HEC HAB  H  N N 195 
HEC HBB1 H  N N 196 
HEC HBB2 H  N N 197 
HEC HBB3 H  N N 198 
HEC HMC1 H  N N 199 
HEC HMC2 H  N N 200 
HEC HMC3 H  N N 201 
HEC HAC  H  N N 202 
HEC HBC1 H  N N 203 
HEC HBC2 H  N N 204 
HEC HBC3 H  N N 205 
HEC HMD1 H  N N 206 
HEC HMD2 H  N N 207 
HEC HMD3 H  N N 208 
HEC HAD1 H  N N 209 
HEC HAD2 H  N N 210 
HEC HBD1 H  N N 211 
HEC HBD2 H  N N 212 
HEC H2D  H  N N 213 
HIS N    N  N N 214 
HIS CA   C  N S 215 
HIS C    C  N N 216 
HIS O    O  N N 217 
HIS CB   C  N N 218 
HIS CG   C  Y N 219 
HIS ND1  N  Y N 220 
HIS CD2  C  Y N 221 
HIS CE1  C  Y N 222 
HIS NE2  N  Y N 223 
HIS OXT  O  N N 224 
HIS H    H  N N 225 
HIS H2   H  N N 226 
HIS HA   H  N N 227 
HIS HB2  H  N N 228 
HIS HB3  H  N N 229 
HIS HD1  H  N N 230 
HIS HD2  H  N N 231 
HIS HE1  H  N N 232 
HIS HE2  H  N N 233 
HIS HXT  H  N N 234 
HOH O    O  N N 235 
HOH H1   H  N N 236 
HOH H2   H  N N 237 
ILE N    N  N N 238 
ILE CA   C  N S 239 
ILE C    C  N N 240 
ILE O    O  N N 241 
ILE CB   C  N S 242 
ILE CG1  C  N N 243 
ILE CG2  C  N N 244 
ILE CD1  C  N N 245 
ILE OXT  O  N N 246 
ILE H    H  N N 247 
ILE H2   H  N N 248 
ILE HA   H  N N 249 
ILE HB   H  N N 250 
ILE HG12 H  N N 251 
ILE HG13 H  N N 252 
ILE HG21 H  N N 253 
ILE HG22 H  N N 254 
ILE HG23 H  N N 255 
ILE HD11 H  N N 256 
ILE HD12 H  N N 257 
ILE HD13 H  N N 258 
ILE HXT  H  N N 259 
LEU N    N  N N 260 
LEU CA   C  N S 261 
LEU C    C  N N 262 
LEU O    O  N N 263 
LEU CB   C  N N 264 
LEU CG   C  N N 265 
LEU CD1  C  N N 266 
LEU CD2  C  N N 267 
LEU OXT  O  N N 268 
LEU H    H  N N 269 
LEU H2   H  N N 270 
LEU HA   H  N N 271 
LEU HB2  H  N N 272 
LEU HB3  H  N N 273 
LEU HG   H  N N 274 
LEU HD11 H  N N 275 
LEU HD12 H  N N 276 
LEU HD13 H  N N 277 
LEU HD21 H  N N 278 
LEU HD22 H  N N 279 
LEU HD23 H  N N 280 
LEU HXT  H  N N 281 
LYS N    N  N N 282 
LYS CA   C  N S 283 
LYS C    C  N N 284 
LYS O    O  N N 285 
LYS CB   C  N N 286 
LYS CG   C  N N 287 
LYS CD   C  N N 288 
LYS CE   C  N N 289 
LYS NZ   N  N N 290 
LYS OXT  O  N N 291 
LYS H    H  N N 292 
LYS H2   H  N N 293 
LYS HA   H  N N 294 
LYS HB2  H  N N 295 
LYS HB3  H  N N 296 
LYS HG2  H  N N 297 
LYS HG3  H  N N 298 
LYS HD2  H  N N 299 
LYS HD3  H  N N 300 
LYS HE2  H  N N 301 
LYS HE3  H  N N 302 
LYS HZ1  H  N N 303 
LYS HZ2  H  N N 304 
LYS HZ3  H  N N 305 
LYS HXT  H  N N 306 
MET N    N  N N 307 
MET CA   C  N S 308 
MET C    C  N N 309 
MET O    O  N N 310 
MET CB   C  N N 311 
MET CG   C  N N 312 
MET SD   S  N N 313 
MET CE   C  N N 314 
MET OXT  O  N N 315 
MET H    H  N N 316 
MET H2   H  N N 317 
MET HA   H  N N 318 
MET HB2  H  N N 319 
MET HB3  H  N N 320 
MET HG2  H  N N 321 
MET HG3  H  N N 322 
MET HE1  H  N N 323 
MET HE2  H  N N 324 
MET HE3  H  N N 325 
MET HXT  H  N N 326 
NO3 N    N  N N 327 
NO3 O1   O  N N 328 
NO3 O2   O  N N 329 
NO3 O3   O  N N 330 
PHE N    N  N N 331 
PHE CA   C  N S 332 
PHE C    C  N N 333 
PHE O    O  N N 334 
PHE CB   C  N N 335 
PHE CG   C  Y N 336 
PHE CD1  C  Y N 337 
PHE CD2  C  Y N 338 
PHE CE1  C  Y N 339 
PHE CE2  C  Y N 340 
PHE CZ   C  Y N 341 
PHE OXT  O  N N 342 
PHE H    H  N N 343 
PHE H2   H  N N 344 
PHE HA   H  N N 345 
PHE HB2  H  N N 346 
PHE HB3  H  N N 347 
PHE HD1  H  N N 348 
PHE HD2  H  N N 349 
PHE HE1  H  N N 350 
PHE HE2  H  N N 351 
PHE HZ   H  N N 352 
PHE HXT  H  N N 353 
PRO N    N  N N 354 
PRO CA   C  N S 355 
PRO C    C  N N 356 
PRO O    O  N N 357 
PRO CB   C  N N 358 
PRO CG   C  N N 359 
PRO CD   C  N N 360 
PRO OXT  O  N N 361 
PRO H    H  N N 362 
PRO HA   H  N N 363 
PRO HB2  H  N N 364 
PRO HB3  H  N N 365 
PRO HG2  H  N N 366 
PRO HG3  H  N N 367 
PRO HD2  H  N N 368 
PRO HD3  H  N N 369 
PRO HXT  H  N N 370 
SER N    N  N N 371 
SER CA   C  N S 372 
SER C    C  N N 373 
SER O    O  N N 374 
SER CB   C  N N 375 
SER OG   O  N N 376 
SER OXT  O  N N 377 
SER H    H  N N 378 
SER H2   H  N N 379 
SER HA   H  N N 380 
SER HB2  H  N N 381 
SER HB3  H  N N 382 
SER HG   H  N N 383 
SER HXT  H  N N 384 
SO4 S    S  N N 385 
SO4 O1   O  N N 386 
SO4 O2   O  N N 387 
SO4 O3   O  N N 388 
SO4 O4   O  N N 389 
THR N    N  N N 390 
THR CA   C  N S 391 
THR C    C  N N 392 
THR O    O  N N 393 
THR CB   C  N R 394 
THR OG1  O  N N 395 
THR CG2  C  N N 396 
THR OXT  O  N N 397 
THR H    H  N N 398 
THR H2   H  N N 399 
THR HA   H  N N 400 
THR HB   H  N N 401 
THR HG1  H  N N 402 
THR HG21 H  N N 403 
THR HG22 H  N N 404 
THR HG23 H  N N 405 
THR HXT  H  N N 406 
TRP N    N  N N 407 
TRP CA   C  N S 408 
TRP C    C  N N 409 
TRP O    O  N N 410 
TRP CB   C  N N 411 
TRP CG   C  Y N 412 
TRP CD1  C  Y N 413 
TRP CD2  C  Y N 414 
TRP NE1  N  Y N 415 
TRP CE2  C  Y N 416 
TRP CE3  C  Y N 417 
TRP CZ2  C  Y N 418 
TRP CZ3  C  Y N 419 
TRP CH2  C  Y N 420 
TRP OXT  O  N N 421 
TRP H    H  N N 422 
TRP H2   H  N N 423 
TRP HA   H  N N 424 
TRP HB2  H  N N 425 
TRP HB3  H  N N 426 
TRP HD1  H  N N 427 
TRP HE1  H  N N 428 
TRP HE3  H  N N 429 
TRP HZ2  H  N N 430 
TRP HZ3  H  N N 431 
TRP HH2  H  N N 432 
TRP HXT  H  N N 433 
TYR N    N  N N 434 
TYR CA   C  N S 435 
TYR C    C  N N 436 
TYR O    O  N N 437 
TYR CB   C  N N 438 
TYR CG   C  Y N 439 
TYR CD1  C  Y N 440 
TYR CD2  C  Y N 441 
TYR CE1  C  Y N 442 
TYR CE2  C  Y N 443 
TYR CZ   C  Y N 444 
TYR OH   O  N N 445 
TYR OXT  O  N N 446 
TYR H    H  N N 447 
TYR H2   H  N N 448 
TYR HA   H  N N 449 
TYR HB2  H  N N 450 
TYR HB3  H  N N 451 
TYR HD1  H  N N 452 
TYR HD2  H  N N 453 
TYR HE1  H  N N 454 
TYR HE2  H  N N 455 
TYR HH   H  N N 456 
TYR HXT  H  N N 457 
VAL N    N  N N 458 
VAL CA   C  N S 459 
VAL C    C  N N 460 
VAL O    O  N N 461 
VAL CB   C  N N 462 
VAL CG1  C  N N 463 
VAL CG2  C  N N 464 
VAL OXT  O  N N 465 
VAL H    H  N N 466 
VAL H2   H  N N 467 
VAL HA   H  N N 468 
VAL HB   H  N N 469 
VAL HG11 H  N N 470 
VAL HG12 H  N N 471 
VAL HG13 H  N N 472 
VAL HG21 H  N N 473 
VAL HG22 H  N N 474 
VAL HG23 H  N N 475 
VAL HXT  H  N N 476 
# 
loop_
_chem_comp_bond.comp_id 
_chem_comp_bond.atom_id_1 
_chem_comp_bond.atom_id_2 
_chem_comp_bond.value_order 
_chem_comp_bond.pdbx_aromatic_flag 
_chem_comp_bond.pdbx_stereo_config 
_chem_comp_bond.pdbx_ordinal 
ALA N   CA   sing N N 1   
ALA N   H    sing N N 2   
ALA N   H2   sing N N 3   
ALA CA  C    sing N N 4   
ALA CA  CB   sing N N 5   
ALA CA  HA   sing N N 6   
ALA C   O    doub N N 7   
ALA C   OXT  sing N N 8   
ALA CB  HB1  sing N N 9   
ALA CB  HB2  sing N N 10  
ALA CB  HB3  sing N N 11  
ALA OXT HXT  sing N N 12  
ARG N   CA   sing N N 13  
ARG N   H    sing N N 14  
ARG N   H2   sing N N 15  
ARG CA  C    sing N N 16  
ARG CA  CB   sing N N 17  
ARG CA  HA   sing N N 18  
ARG C   O    doub N N 19  
ARG C   OXT  sing N N 20  
ARG CB  CG   sing N N 21  
ARG CB  HB2  sing N N 22  
ARG CB  HB3  sing N N 23  
ARG CG  CD   sing N N 24  
ARG CG  HG2  sing N N 25  
ARG CG  HG3  sing N N 26  
ARG CD  NE   sing N N 27  
ARG CD  HD2  sing N N 28  
ARG CD  HD3  sing N N 29  
ARG NE  CZ   sing N N 30  
ARG NE  HE   sing N N 31  
ARG CZ  NH1  sing N N 32  
ARG CZ  NH2  doub N N 33  
ARG NH1 HH11 sing N N 34  
ARG NH1 HH12 sing N N 35  
ARG NH2 HH21 sing N N 36  
ARG NH2 HH22 sing N N 37  
ARG OXT HXT  sing N N 38  
ASN N   CA   sing N N 39  
ASN N   H    sing N N 40  
ASN N   H2   sing N N 41  
ASN CA  C    sing N N 42  
ASN CA  CB   sing N N 43  
ASN CA  HA   sing N N 44  
ASN C   O    doub N N 45  
ASN C   OXT  sing N N 46  
ASN CB  CG   sing N N 47  
ASN CB  HB2  sing N N 48  
ASN CB  HB3  sing N N 49  
ASN CG  OD1  doub N N 50  
ASN CG  ND2  sing N N 51  
ASN ND2 HD21 sing N N 52  
ASN ND2 HD22 sing N N 53  
ASN OXT HXT  sing N N 54  
ASP N   CA   sing N N 55  
ASP N   H    sing N N 56  
ASP N   H2   sing N N 57  
ASP CA  C    sing N N 58  
ASP CA  CB   sing N N 59  
ASP CA  HA   sing N N 60  
ASP C   O    doub N N 61  
ASP C   OXT  sing N N 62  
ASP CB  CG   sing N N 63  
ASP CB  HB2  sing N N 64  
ASP CB  HB3  sing N N 65  
ASP CG  OD1  doub N N 66  
ASP CG  OD2  sing N N 67  
ASP OD2 HD2  sing N N 68  
ASP OXT HXT  sing N N 69  
CYS N   CA   sing N N 70  
CYS N   H    sing N N 71  
CYS N   H2   sing N N 72  
CYS CA  C    sing N N 73  
CYS CA  CB   sing N N 74  
CYS CA  HA   sing N N 75  
CYS C   O    doub N N 76  
CYS C   OXT  sing N N 77  
CYS CB  SG   sing N N 78  
CYS CB  HB2  sing N N 79  
CYS CB  HB3  sing N N 80  
CYS SG  HG   sing N N 81  
CYS OXT HXT  sing N N 82  
GLN N   CA   sing N N 83  
GLN N   H    sing N N 84  
GLN N   H2   sing N N 85  
GLN CA  C    sing N N 86  
GLN CA  CB   sing N N 87  
GLN CA  HA   sing N N 88  
GLN C   O    doub N N 89  
GLN C   OXT  sing N N 90  
GLN CB  CG   sing N N 91  
GLN CB  HB2  sing N N 92  
GLN CB  HB3  sing N N 93  
GLN CG  CD   sing N N 94  
GLN CG  HG2  sing N N 95  
GLN CG  HG3  sing N N 96  
GLN CD  OE1  doub N N 97  
GLN CD  NE2  sing N N 98  
GLN NE2 HE21 sing N N 99  
GLN NE2 HE22 sing N N 100 
GLN OXT HXT  sing N N 101 
GLU N   CA   sing N N 102 
GLU N   H    sing N N 103 
GLU N   H2   sing N N 104 
GLU CA  C    sing N N 105 
GLU CA  CB   sing N N 106 
GLU CA  HA   sing N N 107 
GLU C   O    doub N N 108 
GLU C   OXT  sing N N 109 
GLU CB  CG   sing N N 110 
GLU CB  HB2  sing N N 111 
GLU CB  HB3  sing N N 112 
GLU CG  CD   sing N N 113 
GLU CG  HG2  sing N N 114 
GLU CG  HG3  sing N N 115 
GLU CD  OE1  doub N N 116 
GLU CD  OE2  sing N N 117 
GLU OE2 HE2  sing N N 118 
GLU OXT HXT  sing N N 119 
GLY N   CA   sing N N 120 
GLY N   H    sing N N 121 
GLY N   H2   sing N N 122 
GLY CA  C    sing N N 123 
GLY CA  HA2  sing N N 124 
GLY CA  HA3  sing N N 125 
GLY C   O    doub N N 126 
GLY C   OXT  sing N N 127 
GLY OXT HXT  sing N N 128 
HEC FE  NA   sing N N 129 
HEC FE  NB   sing N N 130 
HEC FE  NC   sing N N 131 
HEC FE  ND   sing N N 132 
HEC CHA C1A  doub N N 133 
HEC CHA C4D  sing N N 134 
HEC CHA HHA  sing N N 135 
HEC CHB C4A  doub N N 136 
HEC CHB C1B  sing N N 137 
HEC CHB HHB  sing N N 138 
HEC CHC C4B  doub N N 139 
HEC CHC C1C  sing N N 140 
HEC CHC HHC  sing N N 141 
HEC CHD C4C  doub N N 142 
HEC CHD C1D  sing N N 143 
HEC CHD HHD  sing N N 144 
HEC NA  C1A  sing Y N 145 
HEC NA  C4A  sing Y N 146 
HEC C1A C2A  sing Y N 147 
HEC C2A C3A  doub Y N 148 
HEC C2A CAA  sing N N 149 
HEC C3A C4A  sing Y N 150 
HEC C3A CMA  sing N N 151 
HEC CMA HMA1 sing N N 152 
HEC CMA HMA2 sing N N 153 
HEC CMA HMA3 sing N N 154 
HEC CAA CBA  sing N N 155 
HEC CAA HAA1 sing N N 156 
HEC CAA HAA2 sing N N 157 
HEC CBA CGA  sing N N 158 
HEC CBA HBA1 sing N N 159 
HEC CBA HBA2 sing N N 160 
HEC CGA O1A  doub N N 161 
HEC CGA O2A  sing N N 162 
HEC O2A H2A  sing N N 163 
HEC NB  C1B  sing Y N 164 
HEC NB  C4B  sing Y N 165 
HEC C1B C2B  doub Y N 166 
HEC C2B C3B  sing Y N 167 
HEC C2B CMB  sing N N 168 
HEC C3B C4B  sing Y N 169 
HEC C3B CAB  doub N E 170 
HEC CMB HMB1 sing N N 171 
HEC CMB HMB2 sing N N 172 
HEC CMB HMB3 sing N N 173 
HEC CAB CBB  sing N N 174 
HEC CAB HAB  sing N N 175 
HEC CBB HBB1 sing N N 176 
HEC CBB HBB2 sing N N 177 
HEC CBB HBB3 sing N N 178 
HEC NC  C1C  sing Y N 179 
HEC NC  C4C  sing Y N 180 
HEC C1C C2C  doub Y N 181 
HEC C2C C3C  sing Y N 182 
HEC C2C CMC  sing N N 183 
HEC C3C C4C  sing Y N 184 
HEC C3C CAC  doub N E 185 
HEC CMC HMC1 sing N N 186 
HEC CMC HMC2 sing N N 187 
HEC CMC HMC3 sing N N 188 
HEC CAC CBC  sing N N 189 
HEC CAC HAC  sing N N 190 
HEC CBC HBC1 sing N N 191 
HEC CBC HBC2 sing N N 192 
HEC CBC HBC3 sing N N 193 
HEC ND  C1D  sing Y N 194 
HEC ND  C4D  sing Y N 195 
HEC C1D C2D  doub Y N 196 
HEC C2D C3D  sing Y N 197 
HEC C2D CMD  sing N N 198 
HEC C3D C4D  doub Y N 199 
HEC C3D CAD  sing N N 200 
HEC CMD HMD1 sing N N 201 
HEC CMD HMD2 sing N N 202 
HEC CMD HMD3 sing N N 203 
HEC CAD CBD  sing N N 204 
HEC CAD HAD1 sing N N 205 
HEC CAD HAD2 sing N N 206 
HEC CBD CGD  sing N N 207 
HEC CBD HBD1 sing N N 208 
HEC CBD HBD2 sing N N 209 
HEC CGD O1D  doub N N 210 
HEC CGD O2D  sing N N 211 
HEC O2D H2D  sing N N 212 
HIS N   CA   sing N N 213 
HIS N   H    sing N N 214 
HIS N   H2   sing N N 215 
HIS CA  C    sing N N 216 
HIS CA  CB   sing N N 217 
HIS CA  HA   sing N N 218 
HIS C   O    doub N N 219 
HIS C   OXT  sing N N 220 
HIS CB  CG   sing N N 221 
HIS CB  HB2  sing N N 222 
HIS CB  HB3  sing N N 223 
HIS CG  ND1  sing Y N 224 
HIS CG  CD2  doub Y N 225 
HIS ND1 CE1  doub Y N 226 
HIS ND1 HD1  sing N N 227 
HIS CD2 NE2  sing Y N 228 
HIS CD2 HD2  sing N N 229 
HIS CE1 NE2  sing Y N 230 
HIS CE1 HE1  sing N N 231 
HIS NE2 HE2  sing N N 232 
HIS OXT HXT  sing N N 233 
HOH O   H1   sing N N 234 
HOH O   H2   sing N N 235 
ILE N   CA   sing N N 236 
ILE N   H    sing N N 237 
ILE N   H2   sing N N 238 
ILE CA  C    sing N N 239 
ILE CA  CB   sing N N 240 
ILE CA  HA   sing N N 241 
ILE C   O    doub N N 242 
ILE C   OXT  sing N N 243 
ILE CB  CG1  sing N N 244 
ILE CB  CG2  sing N N 245 
ILE CB  HB   sing N N 246 
ILE CG1 CD1  sing N N 247 
ILE CG1 HG12 sing N N 248 
ILE CG1 HG13 sing N N 249 
ILE CG2 HG21 sing N N 250 
ILE CG2 HG22 sing N N 251 
ILE CG2 HG23 sing N N 252 
ILE CD1 HD11 sing N N 253 
ILE CD1 HD12 sing N N 254 
ILE CD1 HD13 sing N N 255 
ILE OXT HXT  sing N N 256 
LEU N   CA   sing N N 257 
LEU N   H    sing N N 258 
LEU N   H2   sing N N 259 
LEU CA  C    sing N N 260 
LEU CA  CB   sing N N 261 
LEU CA  HA   sing N N 262 
LEU C   O    doub N N 263 
LEU C   OXT  sing N N 264 
LEU CB  CG   sing N N 265 
LEU CB  HB2  sing N N 266 
LEU CB  HB3  sing N N 267 
LEU CG  CD1  sing N N 268 
LEU CG  CD2  sing N N 269 
LEU CG  HG   sing N N 270 
LEU CD1 HD11 sing N N 271 
LEU CD1 HD12 sing N N 272 
LEU CD1 HD13 sing N N 273 
LEU CD2 HD21 sing N N 274 
LEU CD2 HD22 sing N N 275 
LEU CD2 HD23 sing N N 276 
LEU OXT HXT  sing N N 277 
LYS N   CA   sing N N 278 
LYS N   H    sing N N 279 
LYS N   H2   sing N N 280 
LYS CA  C    sing N N 281 
LYS CA  CB   sing N N 282 
LYS CA  HA   sing N N 283 
LYS C   O    doub N N 284 
LYS C   OXT  sing N N 285 
LYS CB  CG   sing N N 286 
LYS CB  HB2  sing N N 287 
LYS CB  HB3  sing N N 288 
LYS CG  CD   sing N N 289 
LYS CG  HG2  sing N N 290 
LYS CG  HG3  sing N N 291 
LYS CD  CE   sing N N 292 
LYS CD  HD2  sing N N 293 
LYS CD  HD3  sing N N 294 
LYS CE  NZ   sing N N 295 
LYS CE  HE2  sing N N 296 
LYS CE  HE3  sing N N 297 
LYS NZ  HZ1  sing N N 298 
LYS NZ  HZ2  sing N N 299 
LYS NZ  HZ3  sing N N 300 
LYS OXT HXT  sing N N 301 
MET N   CA   sing N N 302 
MET N   H    sing N N 303 
MET N   H2   sing N N 304 
MET CA  C    sing N N 305 
MET CA  CB   sing N N 306 
MET CA  HA   sing N N 307 
MET C   O    doub N N 308 
MET C   OXT  sing N N 309 
MET CB  CG   sing N N 310 
MET CB  HB2  sing N N 311 
MET CB  HB3  sing N N 312 
MET CG  SD   sing N N 313 
MET CG  HG2  sing N N 314 
MET CG  HG3  sing N N 315 
MET SD  CE   sing N N 316 
MET CE  HE1  sing N N 317 
MET CE  HE2  sing N N 318 
MET CE  HE3  sing N N 319 
MET OXT HXT  sing N N 320 
NO3 N   O1   doub N N 321 
NO3 N   O2   sing N N 322 
NO3 N   O3   sing N N 323 
PHE N   CA   sing N N 324 
PHE N   H    sing N N 325 
PHE N   H2   sing N N 326 
PHE CA  C    sing N N 327 
PHE CA  CB   sing N N 328 
PHE CA  HA   sing N N 329 
PHE C   O    doub N N 330 
PHE C   OXT  sing N N 331 
PHE CB  CG   sing N N 332 
PHE CB  HB2  sing N N 333 
PHE CB  HB3  sing N N 334 
PHE CG  CD1  doub Y N 335 
PHE CG  CD2  sing Y N 336 
PHE CD1 CE1  sing Y N 337 
PHE CD1 HD1  sing N N 338 
PHE CD2 CE2  doub Y N 339 
PHE CD2 HD2  sing N N 340 
PHE CE1 CZ   doub Y N 341 
PHE CE1 HE1  sing N N 342 
PHE CE2 CZ   sing Y N 343 
PHE CE2 HE2  sing N N 344 
PHE CZ  HZ   sing N N 345 
PHE OXT HXT  sing N N 346 
PRO N   CA   sing N N 347 
PRO N   CD   sing N N 348 
PRO N   H    sing N N 349 
PRO CA  C    sing N N 350 
PRO CA  CB   sing N N 351 
PRO CA  HA   sing N N 352 
PRO C   O    doub N N 353 
PRO C   OXT  sing N N 354 
PRO CB  CG   sing N N 355 
PRO CB  HB2  sing N N 356 
PRO CB  HB3  sing N N 357 
PRO CG  CD   sing N N 358 
PRO CG  HG2  sing N N 359 
PRO CG  HG3  sing N N 360 
PRO CD  HD2  sing N N 361 
PRO CD  HD3  sing N N 362 
PRO OXT HXT  sing N N 363 
SER N   CA   sing N N 364 
SER N   H    sing N N 365 
SER N   H2   sing N N 366 
SER CA  C    sing N N 367 
SER CA  CB   sing N N 368 
SER CA  HA   sing N N 369 
SER C   O    doub N N 370 
SER C   OXT  sing N N 371 
SER CB  OG   sing N N 372 
SER CB  HB2  sing N N 373 
SER CB  HB3  sing N N 374 
SER OG  HG   sing N N 375 
SER OXT HXT  sing N N 376 
SO4 S   O1   doub N N 377 
SO4 S   O2   doub N N 378 
SO4 S   O3   sing N N 379 
SO4 S   O4   sing N N 380 
THR N   CA   sing N N 381 
THR N   H    sing N N 382 
THR N   H2   sing N N 383 
THR CA  C    sing N N 384 
THR CA  CB   sing N N 385 
THR CA  HA   sing N N 386 
THR C   O    doub N N 387 
THR C   OXT  sing N N 388 
THR CB  OG1  sing N N 389 
THR CB  CG2  sing N N 390 
THR CB  HB   sing N N 391 
THR OG1 HG1  sing N N 392 
THR CG2 HG21 sing N N 393 
THR CG2 HG22 sing N N 394 
THR CG2 HG23 sing N N 395 
THR OXT HXT  sing N N 396 
TRP N   CA   sing N N 397 
TRP N   H    sing N N 398 
TRP N   H2   sing N N 399 
TRP CA  C    sing N N 400 
TRP CA  CB   sing N N 401 
TRP CA  HA   sing N N 402 
TRP C   O    doub N N 403 
TRP C   OXT  sing N N 404 
TRP CB  CG   sing N N 405 
TRP CB  HB2  sing N N 406 
TRP CB  HB3  sing N N 407 
TRP CG  CD1  doub Y N 408 
TRP CG  CD2  sing Y N 409 
TRP CD1 NE1  sing Y N 410 
TRP CD1 HD1  sing N N 411 
TRP CD2 CE2  doub Y N 412 
TRP CD2 CE3  sing Y N 413 
TRP NE1 CE2  sing Y N 414 
TRP NE1 HE1  sing N N 415 
TRP CE2 CZ2  sing Y N 416 
TRP CE3 CZ3  doub Y N 417 
TRP CE3 HE3  sing N N 418 
TRP CZ2 CH2  doub Y N 419 
TRP CZ2 HZ2  sing N N 420 
TRP CZ3 CH2  sing Y N 421 
TRP CZ3 HZ3  sing N N 422 
TRP CH2 HH2  sing N N 423 
TRP OXT HXT  sing N N 424 
TYR N   CA   sing N N 425 
TYR N   H    sing N N 426 
TYR N   H2   sing N N 427 
TYR CA  C    sing N N 428 
TYR CA  CB   sing N N 429 
TYR CA  HA   sing N N 430 
TYR C   O    doub N N 431 
TYR C   OXT  sing N N 432 
TYR CB  CG   sing N N 433 
TYR CB  HB2  sing N N 434 
TYR CB  HB3  sing N N 435 
TYR CG  CD1  doub Y N 436 
TYR CG  CD2  sing Y N 437 
TYR CD1 CE1  sing Y N 438 
TYR CD1 HD1  sing N N 439 
TYR CD2 CE2  doub Y N 440 
TYR CD2 HD2  sing N N 441 
TYR CE1 CZ   doub Y N 442 
TYR CE1 HE1  sing N N 443 
TYR CE2 CZ   sing Y N 444 
TYR CE2 HE2  sing N N 445 
TYR CZ  OH   sing N N 446 
TYR OH  HH   sing N N 447 
TYR OXT HXT  sing N N 448 
VAL N   CA   sing N N 449 
VAL N   H    sing N N 450 
VAL N   H2   sing N N 451 
VAL CA  C    sing N N 452 
VAL CA  CB   sing N N 453 
VAL CA  HA   sing N N 454 
VAL C   O    doub N N 455 
VAL C   OXT  sing N N 456 
VAL CB  CG1  sing N N 457 
VAL CB  CG2  sing N N 458 
VAL CB  HB   sing N N 459 
VAL CG1 HG11 sing N N 460 
VAL CG1 HG12 sing N N 461 
VAL CG1 HG13 sing N N 462 
VAL CG2 HG21 sing N N 463 
VAL CG2 HG22 sing N N 464 
VAL CG2 HG23 sing N N 465 
VAL OXT HXT  sing N N 466 
# 
_pdbx_initial_refinement_model.id               1 
_pdbx_initial_refinement_model.entity_id_list   ? 
_pdbx_initial_refinement_model.type             'experimental model' 
_pdbx_initial_refinement_model.source_name      PDB 
_pdbx_initial_refinement_model.accession_code   2B4Z 
_pdbx_initial_refinement_model.details          ? 
# 
_atom_sites.entry_id                    6FF5 
_atom_sites.fract_transf_matrix[1][1]   0.01114785 
_atom_sites.fract_transf_matrix[1][2]   -0.00684063 
_atom_sites.fract_transf_matrix[1][3]   -0.00456800 
_atom_sites.fract_transf_matrix[2][1]   0.00556357 
_atom_sites.fract_transf_matrix[2][2]   -0.01009478 
_atom_sites.fract_transf_matrix[2][3]   0.00768605 
_atom_sites.fract_transf_matrix[3][1]   -0.00641944 
_atom_sites.fract_transf_matrix[3][2]   -0.00722646 
_atom_sites.fract_transf_matrix[3][3]   -0.00484443 
_atom_sites.fract_transf_vector[1]      -0.025129 
_atom_sites.fract_transf_vector[2]      -0.192805 
_atom_sites.fract_transf_vector[3]      -0.183124 
# 
loop_
_atom_type.symbol 
C  
FE 
N  
O  
S  
# 
loop_
_atom_site.group_PDB 
_atom_site.id 
_atom_site.type_symbol 
_atom_site.label_atom_id 
_atom_site.label_alt_id 
_atom_site.label_comp_id 
_atom_site.label_asym_id 
_atom_site.label_entity_id 
_atom_site.label_seq_id 
_atom_site.pdbx_PDB_ins_code 
_atom_site.Cartn_x 
_atom_site.Cartn_y 
_atom_site.Cartn_z 
_atom_site.occupancy 
_atom_site.B_iso_or_equiv 
_atom_site.pdbx_formal_charge 
_atom_site.auth_seq_id 
_atom_site.auth_comp_id 
_atom_site.auth_asym_id 
_atom_site.auth_atom_id 
_atom_site.pdbx_PDB_model_num 
ATOM   1    N  N   . GLY A 1 1   ? 14.413  6.338   -1.505  1.00 52.74 ? 1   GLY A N   1 
ATOM   2    C  CA  . GLY A 1 1   ? 14.502  5.662   -0.148  1.00 46.33 ? 1   GLY A CA  1 
ATOM   3    C  C   . GLY A 1 1   ? 15.415  4.469   -0.150  1.00 44.04 ? 1   GLY A C   1 
ATOM   4    O  O   . GLY A 1 1   ? 15.923  4.053   -1.190  1.00 47.83 ? 1   GLY A O   1 
ATOM   5    N  N   . ASP A 1 2   ? 15.610  3.905   1.037   1.00 38.98 ? 2   ASP A N   1 
ATOM   6    C  CA  . ASP A 1 2   ? 16.493  2.810   1.300   1.00 40.18 ? 2   ASP A CA  1 
ATOM   7    C  C   . ASP A 1 2   ? 15.590  1.566   1.358   1.00 40.18 ? 2   ASP A C   1 
ATOM   8    O  O   . ASP A 1 2   ? 14.722  1.434   2.271   1.00 34.42 ? 2   ASP A O   1 
ATOM   9    C  CB  . ASP A 1 2   ? 17.163  3.076   2.653   1.00 44.01 ? 2   ASP A CB  1 
ATOM   10   C  CG  . ASP A 1 2   ? 18.237  2.028   3.026   1.00 53.39 ? 2   ASP A CG  1 
ATOM   11   O  OD1 . ASP A 1 2   ? 17.976  0.817   3.008   1.00 47.82 ? 2   ASP A OD1 1 
ATOM   12   O  OD2 . ASP A 1 2   ? 19.387  2.430   3.369   1.00 63.79 ? 2   ASP A OD2 1 
ATOM   13   N  N   . VAL A 1 3   ? 15.810  0.691   0.400   1.00 35.67 ? 3   VAL A N   1 
ATOM   14   C  CA  . VAL A 1 3   ? 15.025  -0.548  0.248   1.00 39.35 ? 3   VAL A CA  1 
ATOM   15   C  C   . VAL A 1 3   ? 15.105  -1.457  1.495   1.00 33.61 ? 3   VAL A C   1 
ATOM   16   O  O   . VAL A 1 3   ? 14.096  -2.056  1.883   1.00 32.58 ? 3   VAL A O   1 
ATOM   17   C  CB  . VAL A 1 3   ? 15.447  -1.327  -1.028  1.00 40.08 ? 3   VAL A CB  1 
ATOM   18   C  CG1 . VAL A 1 3   ? 14.738  -2.679  -1.118  1.00 40.57 ? 3   VAL A CG1 1 
ATOM   19   C  CG2 . VAL A 1 3   ? 15.137  -0.459  -2.265  1.00 41.94 ? 3   VAL A CG2 1 
ATOM   20   N  N   . GLU A 1 4   ? 16.282  -1.648  2.081   1.00 34.80 ? 4   GLU A N   1 
ATOM   21   C  CA  . GLU A 1 4   ? 16.386  -2.541  3.282   1.00 38.07 ? 4   GLU A CA  1 
ATOM   22   C  C   . GLU A 1 4   ? 15.573  -1.925  4.455   1.00 35.69 ? 4   GLU A C   1 
ATOM   23   O  O   . GLU A 1 4   ? 14.941  -2.655  5.240   1.00 32.45 ? 4   GLU A O   1 
ATOM   24   C  CB  . GLU A 1 4   ? 17.840  -2.835  3.765   1.00 42.13 ? 4   GLU A CB  1 
ATOM   25   C  CG  . GLU A 1 4   ? 17.864  -4.023  4.747   1.00 51.88 ? 4   GLU A CG  1 
ATOM   26   C  CD  . GLU A 1 4   ? 18.831  -3.962  5.950   1.00 64.17 ? 4   GLU A CD  1 
ATOM   27   O  OE1 . GLU A 1 4   ? 19.249  -2.877  6.407   1.00 78.29 ? 4   GLU A OE1 1 
ATOM   28   O  OE2 . GLU A 1 4   ? 19.149  -5.053  6.483   1.00 74.77 ? 4   GLU A OE2 1 
ATOM   29   N  N   . LYS A 1 5   ? 15.641  -0.609  4.636   1.00 33.89 ? 5   LYS A N   1 
ATOM   30   C  CA  . LYS A 1 5   ? 14.899  0.018   5.713   1.00 33.08 ? 5   LYS A CA  1 
ATOM   31   C  C   . LYS A 1 5   ? 13.384  -0.141  5.449   1.00 29.61 ? 5   LYS A C   1 
ATOM   32   O  O   . LYS A 1 5   ? 12.572  -0.362  6.376   1.00 29.19 ? 5   LYS A O   1 
ATOM   33   C  CB  . LYS A 1 5   ? 15.238  1.492   5.855   1.00 36.13 ? 5   LYS A CB  1 
ATOM   34   C  CG  . LYS A 1 5   ? 16.666  1.695   6.423   1.00 40.62 ? 5   LYS A CG  1 
ATOM   35   C  CD  . LYS A 1 5   ? 16.985  3.166   6.701   1.00 45.61 ? 5   LYS A CD  1 
ATOM   36   C  CE  . LYS A 1 5   ? 18.367  3.300   7.336   1.00 53.61 ? 5   LYS A CE  1 
ATOM   37   N  NZ  . LYS A 1 5   ? 18.667  4.716   7.633   1.00 57.47 ? 5   LYS A NZ  1 
ATOM   38   N  N   . GLY A 1 6   ? 13.037  0.044   4.199   1.00 28.86 ? 6   GLY A N   1 
ATOM   39   C  CA  . GLY A 1 6   ? 11.670  -0.172  3.735   1.00 28.48 ? 6   GLY A CA  1 
ATOM   40   C  C   . GLY A 1 6   ? 11.171  -1.533  4.024   1.00 28.08 ? 6   GLY A C   1 
ATOM   41   O  O   . GLY A 1 6   ? 9.977   -1.716  4.383   1.00 26.75 ? 6   GLY A O   1 
ATOM   42   N  N   . LYS A 1 7   ? 11.997  -2.536  3.764   1.00 28.28 ? 7   LYS A N   1 
ATOM   43   C  CA  . LYS A 1 7   ? 11.601  -3.905  4.032   1.00 28.71 ? 7   LYS A CA  1 
ATOM   44   C  C   . LYS A 1 7   ? 11.283  -4.125  5.512   1.00 26.65 ? 7   LYS A C   1 
ATOM   45   O  O   . LYS A 1 7   ? 10.315  -4.774  5.869   1.00 26.20 ? 7   LYS A O   1 
ATOM   46   C  CB  . LYS A 1 7   ? 12.717  -4.897  3.617   1.00 29.52 ? 7   LYS A CB  1 
ATOM   47   C  CG  . LYS A 1 7   ? 12.342  -6.374  3.855   1.00 33.92 ? 7   LYS A CG  1 
ATOM   48   C  CD  . LYS A 1 7   ? 13.436  -7.364  3.419   1.00 35.85 ? 7   LYS A CD  1 
ATOM   49   C  CE  . LYS A 1 7   ? 13.632  -7.482  1.936   1.00 35.11 ? 7   LYS A CE  1 
ATOM   50   N  NZ  . LYS A 1 7   ? 14.645  -8.540  1.670   1.00 32.00 ? 7   LYS A NZ  1 
ATOM   51   N  N   . LYS A 1 8   ? 12.108  -3.534  6.391   1.00 27.40 ? 8   LYS A N   1 
ATOM   52   C  CA  . LYS A 1 8   ? 11.778  -3.575  7.798   1.00 27.57 ? 8   LYS A CA  1 
ATOM   53   C  C   . LYS A 1 8   ? 10.468  -2.932  8.194   1.00 27.61 ? 8   LYS A C   1 
ATOM   54   O  O   . LYS A 1 8   ? 9.763   -3.464  9.035   1.00 27.72 ? 8   LYS A O   1 
ATOM   55   C  CB  . LYS A 1 8   ? 12.921  -2.975  8.613   1.00 28.57 ? 8   LYS A CB  1 
ATOM   56   C  CG  . LYS A 1 8   ? 14.180  -3.782  8.540   1.00 31.62 ? 8   LYS A CG  1 
ATOM   57   C  CD  . LYS A 1 8   ? 15.278  -3.107  9.416   1.00 37.01 ? 8   LYS A CD  1 
ATOM   58   C  CE  . LYS A 1 8   ? 16.246  -4.202  9.924   1.00 48.51 ? 8   LYS A CE  1 
ATOM   59   N  NZ  . LYS A 1 8   ? 17.517  -3.560  10.417  1.00 56.79 ? 8   LYS A NZ  1 
ATOM   60   N  N   . ILE A 1 9   ? 10.137  -1.787  7.607   1.00 26.65 ? 9   ILE A N   1 
ATOM   61   C  CA  . ILE A 1 9   ? 8.909   -1.120  7.894   1.00 26.45 ? 9   ILE A CA  1 
ATOM   62   C  C   . ILE A 1 9   ? 7.788   -2.008  7.369   1.00 24.88 ? 9   ILE A C   1 
ATOM   63   O  O   . ILE A 1 9   ? 6.768   -2.186  8.096   1.00 27.98 ? 9   ILE A O   1 
ATOM   64   C  CB  . ILE A 1 9   ? 8.882   0.255   7.235   1.00 26.45 ? 9   ILE A CB  1 
ATOM   65   C  CG1 . ILE A 1 9   ? 9.992   1.141   7.875   1.00 28.80 ? 9   ILE A CG1 1 
ATOM   66   C  CG2 . ILE A 1 9   ? 7.512   0.914   7.378   1.00 27.56 ? 9   ILE A CG2 1 
ATOM   67   C  CD1 . ILE A 1 9   ? 10.381  2.299   6.951   1.00 34.07 ? 9   ILE A CD1 1 
ATOM   68   N  N   . PHE A 1 10  ? 7.930   -2.525  6.164   1.00 24.76 ? 10  PHE A N   1 
ATOM   69   C  CA  . PHE A 1 10  ? 6.858   -3.429  5.628   1.00 25.37 ? 10  PHE A CA  1 
ATOM   70   C  C   . PHE A 1 10  ? 6.560   -4.596  6.593   1.00 27.50 ? 10  PHE A C   1 
ATOM   71   O  O   . PHE A 1 10  ? 5.388   -4.886  6.891   1.00 27.95 ? 10  PHE A O   1 
ATOM   72   C  CB  . PHE A 1 10  ? 7.220   -3.920  4.262   1.00 25.68 ? 10  PHE A CB  1 
ATOM   73   C  CG  . PHE A 1 10  ? 6.290   -4.990  3.766   1.00 26.29 ? 10  PHE A CG  1 
ATOM   74   C  CD1 . PHE A 1 10  ? 5.045   -4.685  3.245   1.00 28.50 ? 10  PHE A CD1 1 
ATOM   75   C  CD2 . PHE A 1 10  ? 6.696   -6.325  3.877   1.00 29.75 ? 10  PHE A CD2 1 
ATOM   76   C  CE1 . PHE A 1 10  ? 4.190   -5.732  2.864   1.00 28.89 ? 10  PHE A CE1 1 
ATOM   77   C  CE2 . PHE A 1 10  ? 5.819   -7.312  3.511   1.00 29.77 ? 10  PHE A CE2 1 
ATOM   78   C  CZ  . PHE A 1 10  ? 4.615   -7.013  2.982   1.00 28.55 ? 10  PHE A CZ  1 
ATOM   79   N  N   . VAL A 1 11  ? 7.602   -5.264  7.094   1.00 25.62 ? 11  VAL A N   1 
ATOM   80   C  CA  . VAL A 1 11  ? 7.423   -6.400  7.963   1.00 25.68 ? 11  VAL A CA  1 
ATOM   81   C  C   . VAL A 1 11  ? 6.684   -6.020  9.236   1.00 26.14 ? 11  VAL A C   1 
ATOM   82   O  O   . VAL A 1 11  ? 5.778   -6.721  9.691   1.00 28.78 ? 11  VAL A O   1 
ATOM   83   C  CB  . VAL A 1 11  ? 8.816   -7.038  8.243   1.00 29.54 ? 11  VAL A CB  1 
ATOM   84   C  CG1 . VAL A 1 11  ? 8.717   -7.930  9.446   1.00 31.34 ? 11  VAL A CG1 1 
ATOM   85   C  CG2 . VAL A 1 11  ? 9.290   -7.759  6.991   1.00 29.75 ? 11  VAL A CG2 1 
ATOM   86   N  N   A GLN A 1 12  ? 7.113   -4.922  9.849   0.50 25.94 ? 12  GLN A N   1 
ATOM   87   N  N   B GLN A 1 12  ? 7.104   -4.920  9.845   0.50 25.87 ? 12  GLN A N   1 
ATOM   88   C  CA  A GLN A 1 12  ? 6.556   -4.452  11.093  0.50 29.04 ? 12  GLN A CA  1 
ATOM   89   C  CA  B GLN A 1 12  ? 6.595   -4.532  11.124  0.50 28.80 ? 12  GLN A CA  1 
ATOM   90   C  C   A GLN A 1 12  ? 5.149   -3.905  11.018  0.50 27.84 ? 12  GLN A C   1 
ATOM   91   C  C   B GLN A 1 12  ? 5.269   -3.716  11.104  0.50 27.32 ? 12  GLN A C   1 
ATOM   92   O  O   A GLN A 1 12  ? 4.319   -4.233  11.866  0.50 26.20 ? 12  GLN A O   1 
ATOM   93   O  O   B GLN A 1 12  ? 4.600   -3.655  12.120  0.50 27.48 ? 12  GLN A O   1 
ATOM   94   C  CB  A GLN A 1 12  ? 7.501   -3.403  11.668  0.50 31.25 ? 12  GLN A CB  1 
ATOM   95   C  CB  B GLN A 1 12  ? 7.740   -3.857  11.912  0.50 32.00 ? 12  GLN A CB  1 
ATOM   96   C  CG  A GLN A 1 12  ? 8.840   -4.092  11.854  0.50 38.42 ? 12  GLN A CG  1 
ATOM   97   C  CG  B GLN A 1 12  ? 8.808   -4.904  12.379  0.50 34.71 ? 12  GLN A CG  1 
ATOM   98   C  CD  A GLN A 1 12  ? 9.702   -3.378  12.834  0.50 38.45 ? 12  GLN A CD  1 
ATOM   99   C  CD  B GLN A 1 12  ? 10.298  -4.446  12.285  0.50 37.57 ? 12  GLN A CD  1 
ATOM   100  O  OE1 A GLN A 1 12  ? 10.174  -2.291  12.553  0.50 43.54 ? 12  GLN A OE1 1 
ATOM   101  O  OE1 B GLN A 1 12  ? 11.013  -4.796  11.359  0.50 36.88 ? 12  GLN A OE1 1 
ATOM   102  N  NE2 A GLN A 1 12  ? 9.889   -3.987  14.014  0.50 41.01 ? 12  GLN A NE2 1 
ATOM   103  N  NE2 B GLN A 1 12  ? 10.758  -3.711  13.271  0.50 42.30 ? 12  GLN A NE2 1 
ATOM   104  N  N   . LYS A 1 13  ? 4.862   -3.146  9.959   1.00 26.57 ? 13  LYS A N   1 
ATOM   105  C  CA  . LYS A 1 13  ? 3.626   -2.337  9.869   1.00 27.98 ? 13  LYS A CA  1 
ATOM   106  C  C   . LYS A 1 13  ? 2.590   -2.797  8.840   1.00 26.68 ? 13  LYS A C   1 
ATOM   107  O  O   . LYS A 1 13  ? 1.433   -2.287  8.877   1.00 28.69 ? 13  LYS A O   1 
ATOM   108  C  CB  . LYS A 1 13  ? 3.938   -0.856  9.629   1.00 29.30 ? 13  LYS A CB  1 
ATOM   109  C  CG  . LYS A 1 13  ? 4.765   -0.216  10.720  1.00 33.32 ? 13  LYS A CG  1 
ATOM   110  C  CD  . LYS A 1 13  ? 4.934   1.276   10.659  1.00 36.31 ? 13  LYS A CD  1 
ATOM   111  C  CE  . LYS A 1 13  ? 5.720   1.760   11.902  1.00 39.73 ? 13  LYS A CE  1 
ATOM   112  N  NZ  . LYS A 1 13  ? 5.625   3.232   11.935  1.00 41.24 ? 13  LYS A NZ  1 
ATOM   113  N  N   . CYS A 1 14  ? 3.003   -3.593  7.844   1.00 25.71 ? 14  CYS A N   1 
ATOM   114  C  CA  . CYS A 1 14  ? 2.110   -3.960  6.751   1.00 25.88 ? 14  CYS A CA  1 
ATOM   115  C  C   . CYS A 1 14  ? 1.859   -5.470  6.588   1.00 25.12 ? 14  CYS A C   1 
ATOM   116  O  O   . CYS A 1 14  ? 0.832   -5.845  6.068   1.00 24.38 ? 14  CYS A O   1 
ATOM   117  C  CB  . CYS A 1 14  ? 2.585   -3.411  5.349   1.00 25.45 ? 14  CYS A CB  1 
ATOM   118  S  SG  . CYS A 1 14  ? 3.218   -1.701  5.473   1.00 27.08 ? 14  CYS A SG  1 
ATOM   119  N  N   . ALA A 1 15  ? 2.834   -6.290  6.944   1.00 25.50 ? 15  ALA A N   1 
ATOM   120  C  CA  . ALA A 1 15  ? 2.833   -7.722  6.533   1.00 25.13 ? 15  ALA A CA  1 
ATOM   121  C  C   . ALA A 1 15  ? 1.804   -8.469  7.303   1.00 27.72 ? 15  ALA A C   1 
ATOM   122  O  O   . ALA A 1 15  ? 1.341   -9.524  6.853   1.00 29.57 ? 15  ALA A O   1 
ATOM   123  C  CB  . ALA A 1 15  ? 4.201   -8.322  6.664   1.00 26.80 ? 15  ALA A CB  1 
ATOM   124  N  N   . GLN A 1 16  ? 1.344   -7.864  8.389   1.00 26.25 ? 16  GLN A N   1 
ATOM   125  C  CA  . GLN A 1 16  ? 0.200   -8.483  9.148   1.00 30.44 ? 16  GLN A CA  1 
ATOM   126  C  C   . GLN A 1 16  ? -1.072  -8.526  8.358   1.00 31.17 ? 16  GLN A C   1 
ATOM   127  O  O   . GLN A 1 16  ? -1.893  -9.391  8.615   1.00 32.57 ? 16  GLN A O   1 
ATOM   128  C  CB  . GLN A 1 16  ? -0.027  -7.824  10.510  1.00 38.57 ? 16  GLN A CB  1 
ATOM   129  C  CG  . GLN A 1 16  ? -0.120  -6.337  10.558  1.00 40.32 ? 16  GLN A CG  1 
ATOM   130  C  CD  . GLN A 1 16  ? 1.249   -5.627  10.741  1.00 46.87 ? 16  GLN A CD  1 
ATOM   131  O  OE1 . GLN A 1 16  ? 2.298   -5.974  10.102  1.00 41.62 ? 16  GLN A OE1 1 
ATOM   132  N  NE2 . GLN A 1 16  ? 1.256   -4.642  11.628  1.00 57.46 ? 16  GLN A NE2 1 
ATOM   133  N  N   . CYS A 1 17  ? -1.234  -7.628  7.383   1.00 23.59 ? 17  CYS A N   1 
ATOM   134  C  CA  . CYS A 1 17  ? -2.399  -7.614  6.498   1.00 24.49 ? 17  CYS A CA  1 
ATOM   135  C  C   . CYS A 1 17  ? -2.202  -7.771  4.995   1.00 28.40 ? 17  CYS A C   1 
ATOM   136  O  O   . CYS A 1 17  ? -3.199  -7.946  4.275   1.00 29.26 ? 17  CYS A O   1 
ATOM   137  C  CB  . CYS A 1 17  ? -3.151  -6.328  6.733   1.00 27.01 ? 17  CYS A CB  1 
ATOM   138  S  SG  . CYS A 1 17  ? -3.708  -6.165  8.459   1.00 28.21 ? 17  CYS A SG  1 
ATOM   139  N  N   . HIS A 1 18  ? -0.952  -7.792  4.551   1.00 26.08 ? 18  HIS A N   1 
ATOM   140  C  CA  . HIS A 1 18  ? -0.674  -7.756  3.132   1.00 26.63 ? 18  HIS A CA  1 
ATOM   141  C  C   . HIS A 1 18  ? 0.477   -8.636  2.797   1.00 25.87 ? 18  HIS A C   1 
ATOM   142  O  O   . HIS A 1 18  ? 1.521   -8.644  3.500   1.00 24.86 ? 18  HIS A O   1 
ATOM   143  C  CB  . HIS A 1 18  ? -0.264  -6.363  2.665   1.00 25.19 ? 18  HIS A CB  1 
ATOM   144  C  CG  . HIS A 1 18  ? -1.345  -5.338  2.674   1.00 28.21 ? 18  HIS A CG  1 
ATOM   145  N  ND1 . HIS A 1 18  ? -2.280  -5.255  1.666   1.00 24.23 ? 18  HIS A ND1 1 
ATOM   146  C  CD2 . HIS A 1 18  ? -1.544  -4.262  3.458   1.00 26.67 ? 18  HIS A CD2 1 
ATOM   147  C  CE1 . HIS A 1 18  ? -3.082  -4.249  1.899   1.00 27.73 ? 18  HIS A CE1 1 
ATOM   148  N  NE2 . HIS A 1 18  ? -2.645  -3.592  2.950   1.00 28.97 ? 18  HIS A NE2 1 
ATOM   149  N  N   . THR A 1 19  ? 0.296   -9.342  1.645   1.00 27.85 ? 19  THR A N   1 
ATOM   150  C  CA  . THR A 1 19  ? 1.400   -9.895  0.938   1.00 27.06 ? 19  THR A CA  1 
ATOM   151  C  C   . THR A 1 19  ? 1.771   -9.004  -0.254  1.00 27.44 ? 19  THR A C   1 
ATOM   152  O  O   . THR A 1 19  ? 0.976   -8.167  -0.721  1.00 28.48 ? 19  THR A O   1 
ATOM   153  C  CB  . THR A 1 19  ? 1.123   -11.335 0.440   1.00 30.98 ? 19  THR A CB  1 
ATOM   154  O  OG1 . THR A 1 19  ? 0.000   -11.291 -0.415  1.00 28.25 ? 19  THR A OG1 1 
ATOM   155  C  CG2 . THR A 1 19  ? 0.831   -12.278 1.607   1.00 30.43 ? 19  THR A CG2 1 
ATOM   156  N  N   . VAL A 1 20  ? 3.009   -9.219  -0.694  1.00 27.78 ? 20  VAL A N   1 
ATOM   157  C  CA  . VAL A 1 20  ? 3.577   -8.501  -1.857  1.00 28.95 ? 20  VAL A CA  1 
ATOM   158  C  C   . VAL A 1 20  ? 4.034   -9.365  -3.039  1.00 29.30 ? 20  VAL A C   1 
ATOM   159  O  O   . VAL A 1 20  ? 4.224   -8.802  -4.118  1.00 30.50 ? 20  VAL A O   1 
ATOM   160  C  CB  . VAL A 1 20  ? 4.797   -7.580  -1.473  1.00 27.39 ? 20  VAL A CB  1 
ATOM   161  C  CG1 . VAL A 1 20  ? 4.277   -6.455  -0.568  1.00 29.02 ? 20  VAL A CG1 1 
ATOM   162  C  CG2 . VAL A 1 20  ? 5.976   -8.323  -0.832  1.00 29.32 ? 20  VAL A CG2 1 
ATOM   163  N  N   . GLU A 1 21  ? 4.294   -10.661 -2.786  1.00 30.44 ? 21  GLU A N   1 
ATOM   164  C  CA  . GLU A 1 21  ? 4.852   -11.528 -3.789  1.00 32.87 ? 21  GLU A CA  1 
ATOM   165  C  C   . GLU A 1 21  ? 3.797   -11.871 -4.855  1.00 31.79 ? 21  GLU A C   1 
ATOM   166  O  O   . GLU A 1 21  ? 2.628   -11.846 -4.609  1.00 30.74 ? 21  GLU A O   1 
ATOM   167  C  CB  . GLU A 1 21  ? 5.441   -12.774 -3.125  1.00 31.50 ? 21  GLU A CB  1 
ATOM   168  C  CG  . GLU A 1 21  ? 6.646   -12.391 -2.250  1.00 33.65 ? 21  GLU A CG  1 
ATOM   169  C  CD  . GLU A 1 21  ? 7.294   -13.525 -1.453  1.00 39.50 ? 21  GLU A CD  1 
ATOM   170  O  OE1 . GLU A 1 21  ? 6.834   -14.668 -1.507  1.00 39.55 ? 21  GLU A OE1 1 
ATOM   171  O  OE2 . GLU A 1 21  ? 8.280   -13.241 -0.712  1.00 36.48 ? 21  GLU A OE2 1 
ATOM   172  N  N   . LYS A 1 22  ? 4.285   -12.169 -6.041  1.00 34.56 ? 22  LYS A N   1 
ATOM   173  C  CA  . LYS A 1 22  ? 3.404   -12.524 -7.187  1.00 37.72 ? 22  LYS A CA  1 
ATOM   174  C  C   . LYS A 1 22  ? 2.689   -13.808 -6.821  1.00 36.41 ? 22  LYS A C   1 
ATOM   175  O  O   . LYS A 1 22  ? 3.302   -14.748 -6.367  1.00 38.93 ? 22  LYS A O   1 
ATOM   176  C  CB  . LYS A 1 22  ? 4.276   -12.724 -8.448  1.00 43.66 ? 22  LYS A CB  1 
ATOM   177  C  CG  . LYS A 1 22  ? 3.565   -13.251 -9.689  1.00 47.85 ? 22  LYS A CG  1 
ATOM   178  C  CD  . LYS A 1 22  ? 2.646   -12.219 -10.256 1.00 53.82 ? 22  LYS A CD  1 
ATOM   179  C  CE  . LYS A 1 22  ? 2.145   -12.699 -11.621 1.00 58.82 ? 22  LYS A CE  1 
ATOM   180  N  NZ  . LYS A 1 22  ? 1.164   -11.732 -12.169 1.00 66.75 ? 22  LYS A NZ  1 
ATOM   181  N  N   . GLY A 1 23  ? 1.391   -13.781 -6.967  1.00 36.60 ? 23  GLY A N   1 
ATOM   182  C  CA  . GLY A 1 23  ? 0.513   -14.856 -6.534  1.00 43.13 ? 23  GLY A CA  1 
ATOM   183  C  C   . GLY A 1 23  ? 0.374   -15.040 -5.029  1.00 44.11 ? 23  GLY A C   1 
ATOM   184  O  O   . GLY A 1 23  ? -0.117  -16.073 -4.603  1.00 40.28 ? 23  GLY A O   1 
ATOM   185  N  N   . GLY A 1 24  ? 0.809   -14.063 -4.193  1.00 35.93 ? 24  GLY A N   1 
ATOM   186  C  CA  . GLY A 1 24  ? 0.578   -14.160 -2.786  1.00 36.55 ? 24  GLY A CA  1 
ATOM   187  C  C   . GLY A 1 24  ? -0.883  -13.998 -2.462  1.00 33.52 ? 24  GLY A C   1 
ATOM   188  O  O   . GLY A 1 24  ? -1.690  -13.402 -3.213  1.00 34.09 ? 24  GLY A O   1 
ATOM   189  N  N   . LYS A 1 25  ? -1.273  -14.544 -1.333  1.00 32.59 ? 25  LYS A N   1 
ATOM   190  C  CA  . LYS A 1 25  ? -2.660  -14.611 -1.036  1.00 36.33 ? 25  LYS A CA  1 
ATOM   191  C  C   . LYS A 1 25  ? -3.178  -13.252 -0.574  1.00 33.33 ? 25  LYS A C   1 
ATOM   192  O  O   . LYS A 1 25  ? -2.405  -12.409 -0.054  1.00 32.13 ? 25  LYS A O   1 
ATOM   193  C  CB  . LYS A 1 25  ? -2.962  -15.758 -0.029  1.00 45.49 ? 25  LYS A CB  1 
ATOM   194  C  CG  . LYS A 1 25  ? -2.921  -15.429 1.438   1.00 58.81 ? 25  LYS A CG  1 
ATOM   195  C  CD  . LYS A 1 25  ? -3.834  -16.361 2.241   1.00 66.08 ? 25  LYS A CD  1 
ATOM   196  C  CE  . LYS A 1 25  ? -3.569  -16.307 3.750   1.00 69.24 ? 25  LYS A CE  1 
ATOM   197  N  NZ  . LYS A 1 25  ? -2.221  -16.835 4.141   1.00 66.47 ? 25  LYS A NZ  1 
ATOM   198  N  N   . HIS A 1 26  ? -4.461  -13.020 -0.788  1.00 34.09 ? 26  HIS A N   1 
ATOM   199  C  CA  . HIS A 1 26  ? -5.119  -11.951 -0.080  1.00 32.26 ? 26  HIS A CA  1 
ATOM   200  C  C   . HIS A 1 26  ? -5.267  -12.373 1.368   1.00 37.45 ? 26  HIS A C   1 
ATOM   201  O  O   . HIS A 1 26  ? -5.500  -13.560 1.657   1.00 39.71 ? 26  HIS A O   1 
ATOM   202  C  CB  . HIS A 1 26  ? -6.506  -11.590 -0.636  1.00 37.22 ? 26  HIS A CB  1 
ATOM   203  C  CG  . HIS A 1 26  ? -6.495  -11.187 -2.071  1.00 34.82 ? 26  HIS A CG  1 
ATOM   204  N  ND1 . HIS A 1 26  ? -5.546  -10.345 -2.618  1.00 35.01 ? 26  HIS A ND1 1 
ATOM   205  C  CD2 . HIS A 1 26  ? -7.288  -11.591 -3.099  1.00 36.53 ? 26  HIS A CD2 1 
ATOM   206  C  CE1 . HIS A 1 26  ? -5.758  -10.245 -3.927  1.00 34.89 ? 26  HIS A CE1 1 
ATOM   207  N  NE2 . HIS A 1 26  ? -6.830  -10.983 -4.238  1.00 36.77 ? 26  HIS A NE2 1 
ATOM   208  N  N   . LYS A 1 27  ? -4.994  -11.448 2.273   1.00 32.75 ? 27  LYS A N   1 
ATOM   209  C  CA  . LYS A 1 27  ? -5.145  -11.676 3.667   1.00 36.85 ? 27  LYS A CA  1 
ATOM   210  C  C   . LYS A 1 27  ? -6.312  -10.768 4.129   1.00 37.82 ? 27  LYS A C   1 
ATOM   211  O  O   . LYS A 1 27  ? -7.345  -10.651 3.426   1.00 37.82 ? 27  LYS A O   1 
ATOM   212  C  CB  . LYS A 1 27  ? -3.826  -11.474 4.378   1.00 35.74 ? 27  LYS A CB  1 
ATOM   213  C  CG  . LYS A 1 27  ? -2.739  -12.389 3.813   1.00 38.40 ? 27  LYS A CG  1 
ATOM   214  C  CD  . LYS A 1 27  ? -1.606  -12.647 4.709   1.00 43.37 ? 27  LYS A CD  1 
ATOM   215  C  CE  . LYS A 1 27  ? -1.101  -11.446 5.434   1.00 36.22 ? 27  LYS A CE  1 
ATOM   216  N  NZ  . LYS A 1 27  ? -0.131  -11.885 6.531   1.00 42.49 ? 27  LYS A NZ  1 
ATOM   217  N  N   . THR A 1 28  ? -6.157  -10.063 5.237   1.00 30.28 ? 28  THR A N   1 
ATOM   218  C  CA  . THR A 1 28  ? -7.092  -9.040  5.573   1.00 30.38 ? 28  THR A CA  1 
ATOM   219  C  C   . THR A 1 28  ? -7.165  -7.999  4.486   1.00 30.83 ? 28  THR A C   1 
ATOM   220  O  O   . THR A 1 28  ? -8.243  -7.537  4.096   1.00 29.91 ? 28  THR A O   1 
ATOM   221  C  CB  . THR A 1 28  ? -6.760  -8.458  6.958   1.00 31.90 ? 28  THR A CB  1 
ATOM   222  O  OG1 . THR A 1 28  ? -7.064  -9.520  7.902   1.00 40.03 ? 28  THR A OG1 1 
ATOM   223  C  CG2 . THR A 1 28  ? -7.641  -7.325  7.327   1.00 35.40 ? 28  THR A CG2 1 
ATOM   224  N  N   . GLY A 1 29  ? -6.003  -7.588  4.008   1.00 28.10 ? 29  GLY A N   1 
ATOM   225  C  CA  . GLY A 1 29  ? -5.918  -6.661  2.856   1.00 29.24 ? 29  GLY A CA  1 
ATOM   226  C  C   . GLY A 1 29  ? -5.434  -7.367  1.628   1.00 29.52 ? 29  GLY A C   1 
ATOM   227  O  O   . GLY A 1 29  ? -5.042  -8.562  1.675   1.00 27.87 ? 29  GLY A O   1 
ATOM   228  N  N   . PRO A 1 30  ? -5.493  -6.662  0.487   1.00 28.11 ? 30  PRO A N   1 
ATOM   229  C  CA  . PRO A 1 30  ? -5.194  -7.318  -0.791  1.00 26.53 ? 30  PRO A CA  1 
ATOM   230  C  C   . PRO A 1 30  ? -3.739  -7.571  -0.936  1.00 28.66 ? 30  PRO A C   1 
ATOM   231  O  O   . PRO A 1 30  ? -2.860  -6.758  -0.426  1.00 28.64 ? 30  PRO A O   1 
ATOM   232  C  CB  . PRO A 1 30  ? -5.610  -6.278  -1.847  1.00 27.07 ? 30  PRO A CB  1 
ATOM   233  C  CG  . PRO A 1 30  ? -5.600  -4.934  -1.074  1.00 28.29 ? 30  PRO A CG  1 
ATOM   234  C  CD  . PRO A 1 30  ? -6.094  -5.328  0.302   1.00 28.47 ? 30  PRO A CD  1 
ATOM   235  N  N   . ASN A 1 31  ? -3.441  -8.626  -1.646  1.00 29.41 ? 31  ASN A N   1 
ATOM   236  C  CA  . ASN A 1 31  ? -2.110  -8.765  -2.202  1.00 27.38 ? 31  ASN A CA  1 
ATOM   237  C  C   . ASN A 1 31  ? -1.749  -7.499  -3.048  1.00 24.79 ? 31  ASN A C   1 
ATOM   238  O  O   . ASN A 1 31  ? -2.592  -6.958  -3.751  1.00 28.70 ? 31  ASN A O   1 
ATOM   239  C  CB  . ASN A 1 31  ? -1.961  -10.034 -3.053  1.00 27.59 ? 31  ASN A CB  1 
ATOM   240  C  CG  . ASN A 1 31  ? -0.651  -10.062 -3.821  1.00 26.41 ? 31  ASN A CG  1 
ATOM   241  O  OD1 . ASN A 1 31  ? -0.574  -9.609  -4.973  1.00 29.02 ? 31  ASN A OD1 1 
ATOM   242  N  ND2 . ASN A 1 31  ? 0.370   -10.661 -3.212  1.00 31.06 ? 31  ASN A ND2 1 
ATOM   243  N  N   . LEU A 1 32  ? -0.535  -6.960  -2.872  1.00 26.07 ? 32  LEU A N   1 
ATOM   244  C  CA  . LEU A 1 32  ? -0.168  -5.689  -3.469  1.00 26.03 ? 32  LEU A CA  1 
ATOM   245  C  C   . LEU A 1 32  ? 0.668   -5.839  -4.723  1.00 29.22 ? 32  LEU A C   1 
ATOM   246  O  O   . LEU A 1 32  ? 1.158   -4.819  -5.244  1.00 31.78 ? 32  LEU A O   1 
ATOM   247  C  CB  . LEU A 1 32  ? 0.684   -4.815  -2.457  1.00 28.82 ? 32  LEU A CB  1 
ATOM   248  C  CG  . LEU A 1 32  ? -0.157  -4.513  -1.230  1.00 28.67 ? 32  LEU A CG  1 
ATOM   249  C  CD1 . LEU A 1 32  ? 0.763   -3.845  -0.202  1.00 33.12 ? 32  LEU A CD1 1 
ATOM   250  C  CD2 . LEU A 1 32  ? -1.397  -3.657  -1.468  1.00 31.82 ? 32  LEU A CD2 1 
ATOM   251  N  N   . HIS A 1 33  ? 0.981   -7.086  -5.152  1.00 29.83 ? 33  HIS A N   1 
ATOM   252  C  CA  . HIS A 1 33  ? 1.805   -7.247  -6.355  1.00 31.43 ? 33  HIS A CA  1 
ATOM   253  C  C   . HIS A 1 33  ? 1.081   -6.510  -7.514  1.00 29.28 ? 33  HIS A C   1 
ATOM   254  O  O   . HIS A 1 33  ? -0.125  -6.653  -7.674  1.00 31.61 ? 33  HIS A O   1 
ATOM   255  C  CB  . HIS A 1 33  ? 2.091   -8.709  -6.731  1.00 29.86 ? 33  HIS A CB  1 
ATOM   256  C  CG  . HIS A 1 33  ? 3.280   -8.864  -7.590  1.00 31.81 ? 33  HIS A CG  1 
ATOM   257  N  ND1 . HIS A 1 33  ? 3.173   -8.855  -8.963  1.00 34.01 ? 33  HIS A ND1 1 
ATOM   258  C  CD2 . HIS A 1 33  ? 4.590   -9.003  -7.298  1.00 34.25 ? 33  HIS A CD2 1 
ATOM   259  C  CE1 . HIS A 1 33  ? 4.387   -8.970  -9.467  1.00 34.33 ? 33  HIS A CE1 1 
ATOM   260  N  NE2 . HIS A 1 33  ? 5.253   -9.149  -8.482  1.00 35.27 ? 33  HIS A NE2 1 
ATOM   261  N  N   . GLY A 1 34  ? 1.887   -5.820  -8.323  1.00 31.89 ? 34  GLY A N   1 
ATOM   262  C  CA  . GLY A 1 34  ? 1.385   -4.995  -9.434  1.00 33.50 ? 34  GLY A CA  1 
ATOM   263  C  C   . GLY A 1 34  ? 0.679   -3.691  -9.171  1.00 36.09 ? 34  GLY A C   1 
ATOM   264  O  O   . GLY A 1 34  ? 0.118   -3.099  -10.065 1.00 33.42 ? 34  GLY A O   1 
ATOM   265  N  N   . LEU A 1 35  ? 0.644   -3.217  -7.905  1.00 31.06 ? 35  LEU A N   1 
ATOM   266  C  CA  . LEU A 1 35  ? 0.013   -2.004  -7.567  1.00 30.78 ? 35  LEU A CA  1 
ATOM   267  C  C   . LEU A 1 35  ? 0.474   -0.741  -8.364  1.00 28.14 ? 35  LEU A C   1 
ATOM   268  O  O   . LEU A 1 35  ? -0.373  0.111   -8.570  1.00 32.89 ? 35  LEU A O   1 
ATOM   269  C  CB  . LEU A 1 35  ? 0.346   -1.680  -6.083  1.00 32.88 ? 35  LEU A CB  1 
ATOM   270  C  CG  . LEU A 1 35  ? -0.410  -0.591  -5.424  1.00 34.68 ? 35  LEU A CG  1 
ATOM   271  C  CD1 . LEU A 1 35  ? -1.803  -1.030  -5.049  1.00 36.02 ? 35  LEU A CD1 1 
ATOM   272  C  CD2 . LEU A 1 35  ? 0.375   -0.143  -4.217  1.00 39.32 ? 35  LEU A CD2 1 
ATOM   273  N  N   . PHE A 1 36  ? 1.752   -0.645  -8.689  1.00 32.30 ? 36  PHE A N   1 
ATOM   274  C  CA  . PHE A 1 36  ? 2.347   0.601   -9.212  1.00 32.48 ? 36  PHE A CA  1 
ATOM   275  C  C   . PHE A 1 36  ? 1.816   0.801   -10.660 1.00 29.88 ? 36  PHE A C   1 
ATOM   276  O  O   . PHE A 1 36  ? 1.861   -0.110  -11.431 1.00 32.05 ? 36  PHE A O   1 
ATOM   277  C  CB  . PHE A 1 36  ? 3.867   0.593   -9.172  1.00 34.43 ? 36  PHE A CB  1 
ATOM   278  C  CG  . PHE A 1 36  ? 4.415   1.001   -7.845  1.00 33.68 ? 36  PHE A CG  1 
ATOM   279  C  CD1 . PHE A 1 36  ? 4.381   0.117   -6.781  1.00 35.57 ? 36  PHE A CD1 1 
ATOM   280  C  CD2 . PHE A 1 36  ? 4.936   2.282   -7.657  1.00 33.50 ? 36  PHE A CD2 1 
ATOM   281  C  CE1 . PHE A 1 36  ? 4.852   0.507   -5.523  1.00 37.51 ? 36  PHE A CE1 1 
ATOM   282  C  CE2 . PHE A 1 36  ? 5.450   2.670   -6.428  1.00 34.61 ? 36  PHE A CE2 1 
ATOM   283  C  CZ  . PHE A 1 36  ? 5.371   1.773   -5.328  1.00 34.77 ? 36  PHE A CZ  1 
ATOM   284  N  N   . GLY A 1 37  ? 1.237   1.965   -10.885 1.00 31.82 ? 37  GLY A N   1 
ATOM   285  C  CA  . GLY A 1 37  ? 0.611   2.281   -12.169 1.00 37.59 ? 37  GLY A CA  1 
ATOM   286  C  C   . GLY A 1 37  ? -0.811  1.812   -12.310 1.00 37.62 ? 37  GLY A C   1 
ATOM   287  O  O   . GLY A 1 37  ? -1.438  2.077   -13.373 1.00 37.57 ? 37  GLY A O   1 
ATOM   288  N  N   A ARG A 1 38  ? -1.377  1.281   -11.222 0.50 34.86 ? 38  ARG A N   1 
ATOM   289  N  N   B ARG A 1 38  ? -1.341  1.033   -11.361 0.50 35.97 ? 38  ARG A N   1 
ATOM   290  C  CA  A ARG A 1 38  ? -2.740  0.759   -11.220 0.50 34.14 ? 38  ARG A CA  1 
ATOM   291  C  CA  B ARG A 1 38  ? -2.765  0.600   -11.409 0.50 35.79 ? 38  ARG A CA  1 
ATOM   292  C  C   A ARG A 1 38  ? -3.691  1.684   -10.515 0.50 35.47 ? 38  ARG A C   1 
ATOM   293  C  C   B ARG A 1 38  ? -3.616  1.580   -10.636 0.50 35.40 ? 38  ARG A C   1 
ATOM   294  O  O   A ARG A 1 38  ? -3.376  2.388   -9.550  0.50 31.38 ? 38  ARG A O   1 
ATOM   295  O  O   B ARG A 1 38  ? -3.092  2.211   -9.733  0.50 35.67 ? 38  ARG A O   1 
ATOM   296  C  CB  A ARG A 1 38  ? -2.797  -0.642  -10.586 0.50 33.16 ? 38  ARG A CB  1 
ATOM   297  C  CB  B ARG A 1 38  ? -2.943  -0.793  -10.802 0.50 34.16 ? 38  ARG A CB  1 
ATOM   298  C  CG  A ARG A 1 38  ? -4.027  -1.442  -10.961 0.50 32.96 ? 38  ARG A CG  1 
ATOM   299  C  CG  B ARG A 1 38  ? -2.444  -1.932  -11.670 0.50 35.27 ? 38  ARG A CG  1 
ATOM   300  C  CD  A ARG A 1 38  ? -3.875  -2.901  -10.546 0.50 33.13 ? 38  ARG A CD  1 
ATOM   301  C  CD  B ARG A 1 38  ? -2.846  -3.291  -11.089 0.50 35.90 ? 38  ARG A CD  1 
ATOM   302  N  NE  A ARG A 1 38  ? -3.753  -3.015  -9.102  0.50 31.11 ? 38  ARG A NE  1 
ATOM   303  N  NE  B ARG A 1 38  ? -2.433  -4.461  -11.896 0.50 36.57 ? 38  ARG A NE  1 
ATOM   304  C  CZ  A ARG A 1 38  ? -3.177  -4.016  -8.460  0.50 26.77 ? 38  ARG A CZ  1 
ATOM   305  C  CZ  B ARG A 1 38  ? -2.087  -5.617  -11.360 0.50 30.33 ? 38  ARG A CZ  1 
ATOM   306  N  NH1 A ARG A 1 38  ? -2.676  -5.069  -9.104  0.50 29.51 ? 38  ARG A NH1 1 
ATOM   307  N  NH1 B ARG A 1 38  ? -2.062  -5.774  -10.023 0.50 35.42 ? 38  ARG A NH1 1 
ATOM   308  N  NH2 A ARG A 1 38  ? -3.117  -3.952  -7.183  0.50 30.45 ? 38  ARG A NH2 1 
ATOM   309  N  NH2 B ARG A 1 38  ? -1.699  -6.585  -12.109 0.50 36.41 ? 38  ARG A NH2 1 
ATOM   310  N  N   . LYS A 1 39  ? -4.909  1.694   -10.991 1.00 31.44 ? 39  LYS A N   1 
ATOM   311  C  CA  . LYS A 1 39  ? -5.921  2.448   -10.289 1.00 35.53 ? 39  LYS A CA  1 
ATOM   312  C  C   . LYS A 1 39  ? -6.239  1.771   -8.935  1.00 33.00 ? 39  LYS A C   1 
ATOM   313  O  O   . LYS A 1 39  ? -5.977  0.558   -8.745  1.00 35.11 ? 39  LYS A O   1 
ATOM   314  C  CB  . LYS A 1 39  ? -7.209  2.519   -11.126 1.00 42.55 ? 39  LYS A CB  1 
ATOM   315  C  CG  . LYS A 1 39  ? -7.057  3.266   -12.447 1.00 50.18 ? 39  LYS A CG  1 
ATOM   316  C  CD  . LYS A 1 39  ? -7.657  4.682   -12.355 1.00 60.89 ? 39  LYS A CD  1 
ATOM   317  C  CE  . LYS A 1 39  ? -7.858  5.342   -13.723 1.00 66.51 ? 39  LYS A CE  1 
ATOM   318  N  NZ  . LYS A 1 39  ? -6.629  5.187   -14.554 1.00 68.66 ? 39  LYS A NZ  1 
ATOM   319  N  N   . THR A 1 40  ? -6.841  2.533   -8.046  1.00 35.98 ? 40  THR A N   1 
ATOM   320  C  CA  . THR A 1 40  ? -7.333  2.029   -6.765  1.00 33.89 ? 40  THR A CA  1 
ATOM   321  C  C   . THR A 1 40  ? -8.286  0.881   -7.016  1.00 35.59 ? 40  THR A C   1 
ATOM   322  O  O   . THR A 1 40  ? -9.075  0.887   -7.974  1.00 33.85 ? 40  THR A O   1 
ATOM   323  C  CB  . THR A 1 40  ? -8.063  3.120   -5.940  1.00 38.00 ? 40  THR A CB  1 
ATOM   324  O  OG1 . THR A 1 40  ? -8.917  3.906   -6.784  1.00 38.90 ? 40  THR A OG1 1 
ATOM   325  C  CG2 . THR A 1 40  ? -7.069  4.036   -5.306  1.00 34.76 ? 40  THR A CG2 1 
ATOM   326  N  N   . GLY A 1 41  ? -8.208  -0.141  -6.186  1.00 32.86 ? 41  GLY A N   1 
ATOM   327  C  CA  . GLY A 1 41  ? -9.238  -1.172  -6.141  1.00 30.94 ? 41  GLY A CA  1 
ATOM   328  C  C   . GLY A 1 41  ? -9.149  -2.244  -7.200  1.00 35.11 ? 41  GLY A C   1 
ATOM   329  O  O   . GLY A 1 41  ? -10.190 -2.763  -7.602  1.00 36.95 ? 41  GLY A O   1 
ATOM   330  N  N   . GLN A 1 42  ? -7.968  -2.538  -7.685  1.00 35.87 ? 42  GLN A N   1 
ATOM   331  C  CA  . GLN A 1 42  ? -7.800  -3.463  -8.821  1.00 36.06 ? 42  GLN A CA  1 
ATOM   332  C  C   . GLN A 1 42  ? -6.959  -4.725  -8.508  1.00 37.70 ? 42  GLN A C   1 
ATOM   333  O  O   . GLN A 1 42  ? -6.507  -5.416  -9.436  1.00 34.65 ? 42  GLN A O   1 
ATOM   334  C  CB  . GLN A 1 42  ? -7.202  -2.687  -9.991  1.00 42.54 ? 42  GLN A CB  1 
ATOM   335  C  CG  . GLN A 1 42  ? -8.055  -1.510  -10.431 1.00 44.49 ? 42  GLN A CG  1 
ATOM   336  C  CD  . GLN A 1 42  ? -9.400  -1.906  -10.970 1.00 58.78 ? 42  GLN A CD  1 
ATOM   337  O  OE1 . GLN A 1 42  ? -9.562  -2.978  -11.590 1.00 60.65 ? 42  GLN A OE1 1 
ATOM   338  N  NE2 . GLN A 1 42  ? -10.397 -1.064  -10.712 1.00 72.46 ? 42  GLN A NE2 1 
ATOM   339  N  N   . ALA A 1 43  ? -6.688  -5.050  -7.248  1.00 33.05 ? 43  ALA A N   1 
ATOM   340  C  CA  . ALA A 1 43  ? -6.015  -6.342  -6.970  1.00 31.54 ? 43  ALA A CA  1 
ATOM   341  C  C   . ALA A 1 43  ? -7.043  -7.429  -7.328  1.00 31.83 ? 43  ALA A C   1 
ATOM   342  O  O   . ALA A 1 43  ? -8.162  -7.387  -6.782  1.00 35.05 ? 43  ALA A O   1 
ATOM   343  C  CB  . ALA A 1 43  ? -5.652  -6.471  -5.521  1.00 33.91 ? 43  ALA A CB  1 
ATOM   344  N  N   . PRO A 1 44  ? -6.666  -8.328  -8.255  1.00 33.42 ? 44  PRO A N   1 
ATOM   345  C  CA  . PRO A 1 44  ? -7.683  -9.313  -8.763  1.00 35.74 ? 44  PRO A CA  1 
ATOM   346  C  C   . PRO A 1 44  ? -8.171  -10.190 -7.631  1.00 36.10 ? 44  PRO A C   1 
ATOM   347  O  O   . PRO A 1 44  ? -7.345  -10.822 -6.968  1.00 36.49 ? 44  PRO A O   1 
ATOM   348  C  CB  . PRO A 1 44  ? -6.907  -10.131 -9.761  1.00 35.41 ? 44  PRO A CB  1 
ATOM   349  C  CG  . PRO A 1 44  ? -5.764  -9.253  -10.207 1.00 41.65 ? 44  PRO A CG  1 
ATOM   350  C  CD  . PRO A 1 44  ? -5.372  -8.458  -8.973  1.00 34.77 ? 44  PRO A CD  1 
ATOM   351  N  N   . GLY A 1 45  ? -9.493  -10.209 -7.464  1.00 36.27 ? 45  GLY A N   1 
ATOM   352  C  CA  . GLY A 1 45  ? -10.179 -11.115 -6.605  1.00 37.40 ? 45  GLY A CA  1 
ATOM   353  C  C   . GLY A 1 45  ? -10.387 -10.603 -5.229  1.00 37.83 ? 45  GLY A C   1 
ATOM   354  O  O   . GLY A 1 45  ? -10.969 -11.298 -4.413  1.00 38.02 ? 45  GLY A O   1 
ATOM   355  N  N   . PHE A 1 46  ? -9.865  -9.416  -4.923  1.00 33.92 ? 46  PHE A N   1 
ATOM   356  C  CA  . PHE A 1 46  ? -10.098 -8.869  -3.580  1.00 33.50 ? 46  PHE A CA  1 
ATOM   357  C  C   . PHE A 1 46  ? -11.383 -8.071  -3.545  1.00 33.66 ? 46  PHE A C   1 
ATOM   358  O  O   . PHE A 1 46  ? -11.701 -7.346  -4.511  1.00 36.15 ? 46  PHE A O   1 
ATOM   359  C  CB  . PHE A 1 46  ? -8.921  -7.953  -3.149  1.00 32.67 ? 46  PHE A CB  1 
ATOM   360  C  CG  . PHE A 1 46  ? -9.061  -7.499  -1.713  1.00 33.68 ? 46  PHE A CG  1 
ATOM   361  C  CD1 . PHE A 1 46  ? -8.677  -8.361  -0.694  1.00 30.60 ? 46  PHE A CD1 1 
ATOM   362  C  CD2 . PHE A 1 46  ? -9.616  -6.254  -1.383  1.00 32.55 ? 46  PHE A CD2 1 
ATOM   363  C  CE1 . PHE A 1 46  ? -8.832  -7.979  0.644   1.00 30.74 ? 46  PHE A CE1 1 
ATOM   364  C  CE2 . PHE A 1 46  ? -9.819  -5.893  -0.056  1.00 31.43 ? 46  PHE A CE2 1 
ATOM   365  C  CZ  . PHE A 1 46  ? -9.384  -6.748  0.957   1.00 30.66 ? 46  PHE A CZ  1 
ATOM   366  N  N   . SER A 1 47  ? -12.144 -8.200  -2.471  1.00 30.61 ? 47  SER A N   1 
ATOM   367  C  CA  . SER A 1 47  ? -13.325 -7.395  -2.261  1.00 32.23 ? 47  SER A CA  1 
ATOM   368  C  C   . SER A 1 47  ? -13.098 -6.094  -1.489  1.00 37.75 ? 47  SER A C   1 
ATOM   369  O  O   . SER A 1 47  ? -13.098 -6.079  -0.251  1.00 35.51 ? 47  SER A O   1 
ATOM   370  C  CB  . SER A 1 47  ? -14.346 -8.212  -1.474  1.00 45.38 ? 47  SER A CB  1 
ATOM   371  O  OG  . SER A 1 47  ? -15.561 -7.519  -1.468  1.00 47.99 ? 47  SER A OG  1 
ATOM   372  N  N   . TYR A 1 48  ? -13.015 -4.996  -2.226  1.00 32.60 ? 48  TYR A N   1 
ATOM   373  C  CA  . TYR A 1 48  ? -12.818 -3.682  -1.640  1.00 34.94 ? 48  TYR A CA  1 
ATOM   374  C  C   . TYR A 1 48  ? -14.075 -3.016  -1.175  1.00 40.79 ? 48  TYR A C   1 
ATOM   375  O  O   . TYR A 1 48  ? -15.212 -3.357  -1.593  1.00 37.59 ? 48  TYR A O   1 
ATOM   376  C  CB  . TYR A 1 48  ? -12.213 -2.790  -2.696  1.00 34.63 ? 48  TYR A CB  1 
ATOM   377  C  CG  . TYR A 1 48  ? -10.821 -3.151  -3.126  1.00 34.58 ? 48  TYR A CG  1 
ATOM   378  C  CD1 . TYR A 1 48  ? -10.591 -3.999  -4.203  1.00 30.28 ? 48  TYR A CD1 1 
ATOM   379  C  CD2 . TYR A 1 48  ? -9.706  -2.546  -2.508  1.00 29.39 ? 48  TYR A CD2 1 
ATOM   380  C  CE1 . TYR A 1 48  ? -9.315  -4.285  -4.661  1.00 33.09 ? 48  TYR A CE1 1 
ATOM   381  C  CE2 . TYR A 1 48  ? -8.457  -2.831  -2.927  1.00 27.42 ? 48  TYR A CE2 1 
ATOM   382  C  CZ  . TYR A 1 48  ? -8.214  -3.692  -3.985  1.00 30.35 ? 48  TYR A CZ  1 
ATOM   383  O  OH  . TYR A 1 48  ? -6.976  -3.967  -4.501  1.00 29.42 ? 48  TYR A OH  1 
ATOM   384  N  N   . THR A 1 49  ? -13.888 -2.022  -0.337  1.00 37.51 ? 49  THR A N   1 
ATOM   385  C  CA  . THR A 1 49  ? -14.965 -1.105  -0.024  1.00 36.29 ? 49  THR A CA  1 
ATOM   386  C  C   . THR A 1 49  ? -15.276 -0.247  -1.237  1.00 37.44 ? 49  THR A C   1 
ATOM   387  O  O   . THR A 1 49  ? -14.439 -0.043  -2.150  1.00 33.91 ? 49  THR A O   1 
ATOM   388  C  CB  . THR A 1 49  ? -14.640 -0.124  1.099   1.00 37.73 ? 49  THR A CB  1 
ATOM   389  O  OG1 . THR A 1 49  ? -13.508 0.645   0.722   1.00 33.46 ? 49  THR A OG1 1 
ATOM   390  C  CG2 . THR A 1 49  ? -14.443 -0.819  2.372   1.00 35.97 ? 49  THR A CG2 1 
ATOM   391  N  N   . ASP A 1 50  ? -16.512 0.302   -1.258  1.00 40.17 ? 50  ASP A N   1 
ATOM   392  C  CA  . ASP A 1 50  ? -16.850 1.235   -2.352  1.00 40.35 ? 50  ASP A CA  1 
ATOM   393  C  C   . ASP A 1 50  ? -15.891 2.422   -2.363  1.00 39.24 ? 50  ASP A C   1 
ATOM   394  O  O   . ASP A 1 50  ? -15.499 2.901   -3.416  1.00 40.37 ? 50  ASP A O   1 
ATOM   395  C  CB  . ASP A 1 50  ? -18.295 1.774   -2.180  1.00 41.90 ? 50  ASP A CB  1 
ATOM   396  C  CG  . ASP A 1 50  ? -19.327 0.768   -2.592  1.00 54.97 ? 50  ASP A CG  1 
ATOM   397  O  OD1 . ASP A 1 50  ? -18.947 -0.191  -3.315  1.00 53.92 ? 50  ASP A OD1 1 
ATOM   398  O  OD2 . ASP A 1 50  ? -20.519 0.954   -2.219  1.00 69.00 ? 50  ASP A OD2 1 
ATOM   399  N  N   . ALA A 1 51  ? -15.624 2.925   -1.167  1.00 37.63 ? 51  ALA A N   1 
ATOM   400  C  CA  . ALA A 1 51  ? -14.651 4.012   -0.944  1.00 38.48 ? 51  ALA A CA  1 
ATOM   401  C  C   . ALA A 1 51  ? -13.364 3.797   -1.636  1.00 36.68 ? 51  ALA A C   1 
ATOM   402  O  O   . ALA A 1 51  ? -12.894 4.685   -2.365  1.00 36.88 ? 51  ALA A O   1 
ATOM   403  C  CB  . ALA A 1 51  ? -14.392 4.242   0.548   1.00 39.38 ? 51  ALA A CB  1 
ATOM   404  N  N   A ASN A 1 52  ? -12.740 2.634   -1.472  0.50 35.98 ? 52  ASN A N   1 
ATOM   405  N  N   B ASN A 1 52  ? -12.773 2.617   -1.431  0.50 34.21 ? 52  ASN A N   1 
ATOM   406  C  CA  A ASN A 1 52  ? -11.451 2.434   -2.151  0.50 36.64 ? 52  ASN A CA  1 
ATOM   407  C  CA  B ASN A 1 52  ? -11.493 2.299   -2.071  0.50 34.03 ? 52  ASN A CA  1 
ATOM   408  C  C   A ASN A 1 52  ? -11.591 2.039   -3.635  0.50 37.63 ? 52  ASN A C   1 
ATOM   409  C  C   B ASN A 1 52  ? -11.694 2.186   -3.583  0.50 36.50 ? 52  ASN A C   1 
ATOM   410  O  O   A ASN A 1 52  ? -10.694 2.264   -4.421  0.50 35.89 ? 52  ASN A O   1 
ATOM   411  O  O   B ASN A 1 52  ? -11.028 2.886   -4.327  0.50 35.90 ? 52  ASN A O   1 
ATOM   412  C  CB  A ASN A 1 52  ? -10.556 1.389   -1.450  0.50 35.26 ? 52  ASN A CB  1 
ATOM   413  C  CB  B ASN A 1 52  ? -10.850 0.998   -1.498  0.50 30.69 ? 52  ASN A CB  1 
ATOM   414  C  CG  A ASN A 1 52  ? -9.472  0.880   -2.369  0.50 35.51 ? 52  ASN A CG  1 
ATOM   415  C  CG  B ASN A 1 52  ? -9.325  0.951   -1.659  0.50 30.52 ? 52  ASN A CG  1 
ATOM   416  O  OD1 A ASN A 1 52  ? -8.271  0.991   -2.101  0.50 35.26 ? 52  ASN A OD1 1 
ATOM   417  O  OD1 B ASN A 1 52  ? -8.789  1.392   -2.683  0.50 29.84 ? 52  ASN A OD1 1 
ATOM   418  N  ND2 A ASN A 1 52  ? -9.892  0.341   -3.484  0.50 32.10 ? 52  ASN A ND2 1 
ATOM   419  N  ND2 B ASN A 1 52  ? -8.610  0.368   -0.665  0.50 23.47 ? 52  ASN A ND2 1 
ATOM   420  N  N   . LYS A 1 53  ? -12.682 1.379   -4.000  1.00 37.22 ? 53  LYS A N   1 
ATOM   421  C  CA  . LYS A 1 53  ? -12.898 1.041   -5.403  1.00 39.58 ? 53  LYS A CA  1 
ATOM   422  C  C   . LYS A 1 53  ? -13.107 2.302   -6.230  1.00 45.75 ? 53  LYS A C   1 
ATOM   423  O  O   . LYS A 1 53  ? -12.640 2.372   -7.378  1.00 52.43 ? 53  LYS A O   1 
ATOM   424  C  CB  . LYS A 1 53  ? -14.118 0.138   -5.499  1.00 45.69 ? 53  LYS A CB  1 
ATOM   425  C  CG  . LYS A 1 53  ? -14.260 -0.546  -6.836  1.00 59.28 ? 53  LYS A CG  1 
ATOM   426  C  CD  . LYS A 1 53  ? -14.794 -1.967  -6.677  1.00 75.82 ? 53  LYS A CD  1 
ATOM   427  C  CE  . LYS A 1 53  ? -16.136 -2.032  -5.938  1.00 87.17 ? 53  LYS A CE  1 
ATOM   428  N  NZ  . LYS A 1 53  ? -16.041 -2.582  -4.545  1.00 94.37 ? 53  LYS A NZ  1 
ATOM   429  N  N   . ASN A 1 54  ? -13.703 3.320   -5.614  1.00 42.50 ? 54  ASN A N   1 
ATOM   430  C  CA  . ASN A 1 54  ? -14.100 4.551   -6.315  1.00 49.75 ? 54  ASN A CA  1 
ATOM   431  C  C   . ASN A 1 54  ? -13.222 5.739   -6.081  1.00 52.37 ? 54  ASN A C   1 
ATOM   432  O  O   . ASN A 1 54  ? -13.492 6.803   -6.654  1.00 43.66 ? 54  ASN A O   1 
ATOM   433  C  CB  . ASN A 1 54  ? -15.535 4.988   -5.961  1.00 48.53 ? 54  ASN A CB  1 
ATOM   434  C  CG  . ASN A 1 54  ? -16.589 3.950   -6.288  1.00 47.72 ? 54  ASN A CG  1 
ATOM   435  O  OD1 . ASN A 1 54  ? -17.592 3.860   -5.577  1.00 57.11 ? 54  ASN A OD1 1 
ATOM   436  N  ND2 . ASN A 1 54  ? -16.377 3.172   -7.352  1.00 50.35 ? 54  ASN A ND2 1 
ATOM   437  N  N   . LYS A 1 55  ? -12.165 5.617   -5.280  1.00 39.57 ? 55  LYS A N   1 
ATOM   438  C  CA  . LYS A 1 55  ? -11.266 6.732   -5.132  1.00 39.05 ? 55  LYS A CA  1 
ATOM   439  C  C   . LYS A 1 55  ? -10.726 7.255   -6.489  1.00 42.07 ? 55  LYS A C   1 
ATOM   440  O  O   . LYS A 1 55  ? -10.447 8.433   -6.596  1.00 41.35 ? 55  LYS A O   1 
ATOM   441  C  CB  . LYS A 1 55  ? -10.054 6.339   -4.273  1.00 37.82 ? 55  LYS A CB  1 
ATOM   442  C  CG  . LYS A 1 55  ? -8.983  7.428   -4.119  1.00 37.72 ? 55  LYS A CG  1 
ATOM   443  C  CD  . LYS A 1 55  ? -9.504  8.662   -3.377  1.00 39.62 ? 55  LYS A CD  1 
ATOM   444  C  CE  . LYS A 1 55  ? -8.363  9.653   -3.192  1.00 40.87 ? 55  LYS A CE  1 
ATOM   445  N  NZ  . LYS A 1 55  ? -8.846  10.857  -2.422  1.00 37.84 ? 55  LYS A NZ  1 
ATOM   446  N  N   . GLY A 1 56  ? -10.497 6.397   -7.477  1.00 47.05 ? 56  GLY A N   1 
ATOM   447  C  CA  . GLY A 1 56  ? -10.138 6.882   -8.836  1.00 46.59 ? 56  GLY A CA  1 
ATOM   448  C  C   . GLY A 1 56  ? -8.792  7.583   -9.035  1.00 54.62 ? 56  GLY A C   1 
ATOM   449  O  O   . GLY A 1 56  ? -8.695  8.516   -9.847  1.00 60.35 ? 56  GLY A O   1 
ATOM   450  N  N   . ILE A 1 57  ? -7.773  7.219   -8.250  1.00 39.33 ? 57  ILE A N   1 
ATOM   451  C  CA  . ILE A 1 57  ? -6.423  7.647   -8.464  1.00 37.63 ? 57  ILE A CA  1 
ATOM   452  C  C   . ILE A 1 57  ? -5.593  6.490   -8.928  1.00 37.14 ? 57  ILE A C   1 
ATOM   453  O  O   . ILE A 1 57  ? -6.007  5.332   -8.807  1.00 40.69 ? 57  ILE A O   1 
ATOM   454  C  CB  . ILE A 1 57  ? -5.781  8.348   -7.220  1.00 40.39 ? 57  ILE A CB  1 
ATOM   455  C  CG1 . ILE A 1 57  ? -5.690  7.417   -5.979  1.00 35.69 ? 57  ILE A CG1 1 
ATOM   456  C  CG2 . ILE A 1 57  ? -6.561  9.582   -6.894  1.00 42.70 ? 57  ILE A CG2 1 
ATOM   457  C  CD1 . ILE A 1 57  ? -4.461  6.566   -5.931  1.00 35.93 ? 57  ILE A CD1 1 
ATOM   458  N  N   . THR A 1 58  ? -4.447  6.779   -9.514  1.00 35.35 ? 58  THR A N   1 
ATOM   459  C  CA  . THR A 1 58  ? -3.510  5.795   -9.886  1.00 37.71 ? 58  THR A CA  1 
ATOM   460  C  C   . THR A 1 58  ? -2.445  5.698   -8.806  1.00 38.54 ? 58  THR A C   1 
ATOM   461  O  O   . THR A 1 58  ? -1.806  6.703   -8.451  1.00 37.42 ? 58  THR A O   1 
ATOM   462  C  CB  . THR A 1 58  ? -2.821  6.154   -11.234 1.00 37.85 ? 58  THR A CB  1 
ATOM   463  O  OG1 . THR A 1 58  ? -3.842  6.184   -12.210 1.00 39.28 ? 58  THR A OG1 1 
ATOM   464  C  CG2 . THR A 1 58  ? -1.874  5.117   -11.662 1.00 39.42 ? 58  THR A CG2 1 
ATOM   465  N  N   . TRP A 1 59  ? -2.191  4.488   -8.320  1.00 38.55 ? 59  TRP A N   1 
ATOM   466  C  CA  . TRP A 1 59  ? -1.018  4.330   -7.369  1.00 34.34 ? 59  TRP A CA  1 
ATOM   467  C  C   . TRP A 1 59  ? 0.349   4.565   -7.959  1.00 32.40 ? 59  TRP A C   1 
ATOM   468  O  O   . TRP A 1 59  ? 0.775   4.020   -8.974  1.00 33.24 ? 59  TRP A O   1 
ATOM   469  C  CB  . TRP A 1 59  ? -1.076  2.934   -6.669  1.00 32.76 ? 59  TRP A CB  1 
ATOM   470  C  CG  . TRP A 1 59  ? -2.242  2.796   -5.801  1.00 30.97 ? 59  TRP A CG  1 
ATOM   471  C  CD1 . TRP A 1 59  ? -3.248  1.847   -5.893  1.00 30.01 ? 59  TRP A CD1 1 
ATOM   472  C  CD2 . TRP A 1 59  ? -2.562  3.572   -4.652  1.00 28.83 ? 59  TRP A CD2 1 
ATOM   473  N  NE1 . TRP A 1 59  ? -4.148  1.995   -4.884  1.00 28.72 ? 59  TRP A NE1 1 
ATOM   474  C  CE2 . TRP A 1 59  ? -3.750  3.059   -4.108  1.00 28.69 ? 59  TRP A CE2 1 
ATOM   475  C  CE3 . TRP A 1 59  ? -1.917  4.603   -3.976  1.00 29.48 ? 59  TRP A CE3 1 
ATOM   476  C  CZ2 . TRP A 1 59  ? -4.318  3.546   -2.980  1.00 28.23 ? 59  TRP A CZ2 1 
ATOM   477  C  CZ3 . TRP A 1 59  ? -2.506  5.105   -2.875  1.00 29.90 ? 59  TRP A CZ3 1 
ATOM   478  C  CH2 . TRP A 1 59  ? -3.687  4.624   -2.382  1.00 32.20 ? 59  TRP A CH2 1 
ATOM   479  N  N   . GLY A 1 60  ? 1.177   5.299   -7.213  1.00 29.34 ? 60  GLY A N   1 
ATOM   480  C  CA  . GLY A 1 60  ? 2.493   5.512   -7.554  1.00 28.66 ? 60  GLY A CA  1 
ATOM   481  C  C   . GLY A 1 60  ? 3.195   6.241   -6.425  1.00 30.74 ? 60  GLY A C   1 
ATOM   482  O  O   . GLY A 1 60  ? 2.612   6.381   -5.336  1.00 32.38 ? 60  GLY A O   1 
ATOM   483  N  N   . GLU A 1 61  ? 4.454   6.603   -6.624  1.00 32.73 ? 61  GLU A N   1 
ATOM   484  C  CA  . GLU A 1 61  ? 5.220   7.184   -5.497  1.00 36.21 ? 61  GLU A CA  1 
ATOM   485  C  C   . GLU A 1 61  ? 4.490   8.367   -4.837  1.00 35.53 ? 61  GLU A C   1 
ATOM   486  O  O   . GLU A 1 61  ? 4.358   8.406   -3.632  1.00 31.50 ? 61  GLU A O   1 
ATOM   487  C  CB  . GLU A 1 61  ? 6.680   7.472   -5.844  1.00 38.96 ? 61  GLU A CB  1 
ATOM   488  C  CG  . GLU A 1 61  ? 6.986   8.086   -7.183  1.00 56.48 ? 61  GLU A CG  1 
ATOM   489  C  CD  . GLU A 1 61  ? 8.407   7.793   -7.675  1.00 69.60 ? 61  GLU A CD  1 
ATOM   490  O  OE1 . GLU A 1 61  ? 9.069   6.837   -7.171  1.00 78.69 ? 61  GLU A OE1 1 
ATOM   491  O  OE2 . GLU A 1 61  ? 8.863   8.538   -8.582  1.00 76.96 ? 61  GLU A OE2 1 
ATOM   492  N  N   . GLU A 1 62  ? 3.956   9.313   -5.618  1.00 32.31 ? 62  GLU A N   1 
ATOM   493  C  CA  . GLU A 1 62  ? 3.346   10.512  -5.018  1.00 34.29 ? 62  GLU A CA  1 
ATOM   494  C  C   . GLU A 1 62  ? 2.068   10.226  -4.310  1.00 32.77 ? 62  GLU A C   1 
ATOM   495  O  O   . GLU A 1 62  ? 1.839   10.724  -3.221  1.00 31.80 ? 62  GLU A O   1 
ATOM   496  C  CB  . GLU A 1 62  ? 3.112   11.619  -6.095  1.00 39.43 ? 62  GLU A CB  1 
ATOM   497  C  CG  . GLU A 1 62  ? 4.348   12.345  -6.604  1.00 53.40 ? 62  GLU A CG  1 
ATOM   498  C  CD  . GLU A 1 62  ? 4.024   13.691  -7.331  1.00 66.24 ? 62  GLU A CD  1 
ATOM   499  O  OE1 . GLU A 1 62  ? 2.952   13.830  -8.009  1.00 63.58 ? 62  GLU A OE1 1 
ATOM   500  O  OE2 . GLU A 1 62  ? 4.847   14.629  -7.207  1.00 78.08 ? 62  GLU A OE2 1 
ATOM   501  N  N   . THR A 1 63  ? 1.162   9.412   -4.923  1.00 30.38 ? 63  THR A N   1 
ATOM   502  C  CA  . THR A 1 63  ? -0.070  9.096   -4.243  1.00 29.81 ? 63  THR A CA  1 
ATOM   503  C  C   . THR A 1 63  ? 0.132   8.208   -2.971  1.00 29.19 ? 63  THR A C   1 
ATOM   504  O  O   . THR A 1 63  ? -0.630  8.354   -1.999  1.00 30.24 ? 63  THR A O   1 
ATOM   505  C  CB  . THR A 1 63  ? -1.090  8.461   -5.210  1.00 31.25 ? 63  THR A CB  1 
ATOM   506  O  OG1 . THR A 1 63  ? -0.473  7.412   -5.879  1.00 30.27 ? 63  THR A OG1 1 
ATOM   507  C  CG2 . THR A 1 63  ? -1.529  9.554   -6.223  1.00 34.72 ? 63  THR A CG2 1 
ATOM   508  N  N   . LEU A 1 64  ? 1.085   7.281   -3.029  1.00 29.60 ? 64  LEU A N   1 
ATOM   509  C  CA  . LEU A 1 64  ? 1.407   6.441   -1.851  1.00 30.34 ? 64  LEU A CA  1 
ATOM   510  C  C   . LEU A 1 64  ? 1.988   7.355   -0.728  1.00 30.36 ? 64  LEU A C   1 
ATOM   511  O  O   . LEU A 1 64  ? 1.726   7.138   0.450   1.00 32.13 ? 64  LEU A O   1 
ATOM   512  C  CB  . LEU A 1 64  ? 2.375   5.360   -2.233  1.00 30.05 ? 64  LEU A CB  1 
ATOM   513  C  CG  . LEU A 1 64  ? 1.776   4.090   -2.909  1.00 34.40 ? 64  LEU A CG  1 
ATOM   514  C  CD1 . LEU A 1 64  ? 2.867   3.159   -3.427  1.00 37.23 ? 64  LEU A CD1 1 
ATOM   515  C  CD2 . LEU A 1 64  ? 0.855   3.376   -1.919  1.00 35.20 ? 64  LEU A CD2 1 
ATOM   516  N  N   . MET A 1 65  ? 2.810   8.329   -1.085  1.00 31.63 ? 65  MET A N   1 
ATOM   517  C  CA  . MET A 1 65  ? 3.349   9.238   -0.059  1.00 32.38 ? 65  MET A CA  1 
ATOM   518  C  C   . MET A 1 65  ? 2.206   9.924   0.660   1.00 32.72 ? 65  MET A C   1 
ATOM   519  O  O   . MET A 1 65  ? 2.215   10.032  1.884   1.00 36.33 ? 65  MET A O   1 
ATOM   520  C  CB  . MET A 1 65  ? 4.279   10.309  -0.658  1.00 32.57 ? 65  MET A CB  1 
ATOM   521  C  CG  . MET A 1 65  ? 5.667   9.864   -1.033  1.00 38.06 ? 65  MET A CG  1 
ATOM   522  S  SD  . MET A 1 65  ? 6.694   9.452   0.388   1.00 39.60 ? 65  MET A SD  1 
ATOM   523  C  CE  . MET A 1 65  ? 6.958   11.056  1.098   1.00 43.12 ? 65  MET A CE  1 
ATOM   524  N  N   . GLU A 1 66  ? 1.198   10.388  -0.055  1.00 30.85 ? 66  GLU A N   1 
ATOM   525  C  CA  . GLU A 1 66  ? 0.045   11.017  0.602   1.00 34.85 ? 66  GLU A CA  1 
ATOM   526  C  C   . GLU A 1 66  ? -0.882  10.034  1.380   1.00 33.65 ? 66  GLU A C   1 
ATOM   527  O  O   . GLU A 1 66  ? -1.273  10.232  2.516   1.00 32.01 ? 66  GLU A O   1 
ATOM   528  C  CB  . GLU A 1 66  ? -0.759  11.769  -0.465  1.00 38.73 ? 66  GLU A CB  1 
ATOM   529  C  CG  . GLU A 1 66  ? -1.975  12.437  0.143   1.00 47.32 ? 66  GLU A CG  1 
ATOM   530  C  CD  . GLU A 1 66  ? -2.553  13.538  -0.742  1.00 55.95 ? 66  GLU A CD  1 
ATOM   531  O  OE1 . GLU A 1 66  ? -2.026  13.768  -1.870  1.00 49.87 ? 66  GLU A OE1 1 
ATOM   532  O  OE2 . GLU A 1 66  ? -3.542  14.144  -0.274  1.00 58.02 ? 66  GLU A OE2 1 
ATOM   533  N  N   . TYR A 1 67  ? -1.181  8.883   0.781   1.00 29.06 ? 67  TYR A N   1 
ATOM   534  C  CA  . TYR A 1 67  ? -2.040  7.953   1.394   1.00 28.93 ? 67  TYR A CA  1 
ATOM   535  C  C   . TYR A 1 67  ? -1.452  7.441   2.715   1.00 27.08 ? 67  TYR A C   1 
ATOM   536  O  O   . TYR A 1 67  ? -2.154  7.347   3.748   1.00 30.35 ? 67  TYR A O   1 
ATOM   537  C  CB  . TYR A 1 67  ? -2.172  6.735   0.424   1.00 30.16 ? 67  TYR A CB  1 
ATOM   538  C  CG  . TYR A 1 67  ? -3.014  5.577   0.964   1.00 28.97 ? 67  TYR A CG  1 
ATOM   539  C  CD1 . TYR A 1 67  ? -4.356  5.722   1.258   1.00 32.51 ? 67  TYR A CD1 1 
ATOM   540  C  CD2 . TYR A 1 67  ? -2.473  4.294   1.126   1.00 30.93 ? 67  TYR A CD2 1 
ATOM   541  C  CE1 . TYR A 1 67  ? -5.132  4.662   1.719   1.00 32.57 ? 67  TYR A CE1 1 
ATOM   542  C  CE2 . TYR A 1 67  ? -3.256  3.236   1.510   1.00 29.32 ? 67  TYR A CE2 1 
ATOM   543  C  CZ  . TYR A 1 67  ? -4.576  3.393   1.811   1.00 30.41 ? 67  TYR A CZ  1 
ATOM   544  O  OH  . TYR A 1 67  ? -5.364  2.341   2.253   1.00 32.99 ? 67  TYR A OH  1 
ATOM   545  N  N   . LEU A 1 68  ? -0.213  7.042   2.660   1.00 28.16 ? 68  LEU A N   1 
ATOM   546  C  CA  . LEU A 1 68  ? 0.443   6.395   3.791   1.00 32.02 ? 68  LEU A CA  1 
ATOM   547  C  C   . LEU A 1 68  ? 0.653   7.348   4.962   1.00 32.57 ? 68  LEU A C   1 
ATOM   548  O  O   . LEU A 1 68  ? 0.813   6.864   6.082   1.00 30.90 ? 68  LEU A O   1 
ATOM   549  C  CB  . LEU A 1 68  ? 1.725   5.696   3.398   1.00 29.23 ? 68  LEU A CB  1 
ATOM   550  C  CG  . LEU A 1 68  ? 1.447   4.504   2.436   1.00 33.91 ? 68  LEU A CG  1 
ATOM   551  C  CD1 . LEU A 1 68  ? 2.767   3.923   1.989   1.00 40.94 ? 68  LEU A CD1 1 
ATOM   552  C  CD2 . LEU A 1 68  ? 0.513   3.476   3.083   1.00 36.35 ? 68  LEU A CD2 1 
ATOM   553  N  N   . GLU A 1 69  ? 0.602   8.668   4.727   1.00 29.45 ? 69  GLU A N   1 
ATOM   554  C  CA  . GLU A 1 69  ? 0.657   9.633   5.839   1.00 32.22 ? 69  GLU A CA  1 
ATOM   555  C  C   . GLU A 1 69  ? -0.562  9.566   6.704   1.00 32.56 ? 69  GLU A C   1 
ATOM   556  O  O   . GLU A 1 69  ? -0.482  9.794   7.906   1.00 31.42 ? 69  GLU A O   1 
ATOM   557  C  CB  . GLU A 1 69  ? 0.867   11.049  5.324   1.00 36.23 ? 69  GLU A CB  1 
ATOM   558  C  CG  . GLU A 1 69  ? 1.371   11.996  6.385   1.00 43.88 ? 69  GLU A CG  1 
ATOM   559  C  CD  . GLU A 1 69  ? 1.482   13.437  5.877   1.00 64.72 ? 69  GLU A CD  1 
ATOM   560  O  OE1 . GLU A 1 69  ? 2.000   13.680  4.749   1.00 81.12 ? 69  GLU A OE1 1 
ATOM   561  O  OE2 . GLU A 1 69  ? 1.045   14.337  6.628   1.00 84.32 ? 69  GLU A OE2 1 
ATOM   562  N  N   . ASN A 1 70  ? -1.701  9.232   6.098   1.00 31.67 ? 70  ASN A N   1 
ATOM   563  C  CA  . ASN A 1 70  ? -2.990  9.176   6.750   1.00 29.85 ? 70  ASN A CA  1 
ATOM   564  C  C   . ASN A 1 70  ? -4.065  8.549   5.865   1.00 31.64 ? 70  ASN A C   1 
ATOM   565  O  O   . ASN A 1 70  ? -4.818  9.244   5.126   1.00 29.80 ? 70  ASN A O   1 
ATOM   566  C  CB  . ASN A 1 70  ? -3.499  10.599  7.199   1.00 32.52 ? 70  ASN A CB  1 
ATOM   567  C  CG  . ASN A 1 70  ? -4.641  10.534  8.228   1.00 35.32 ? 70  ASN A CG  1 
ATOM   568  O  OD1 . ASN A 1 70  ? -4.761  11.456  9.042   1.00 43.19 ? 70  ASN A OD1 1 
ATOM   569  N  ND2 . ASN A 1 70  ? -5.524  9.584   8.134   1.00 29.60 ? 70  ASN A ND2 1 
ATOM   570  N  N   . PRO A 1 71  ? -4.163  7.227   5.914   1.00 28.55 ? 71  PRO A N   1 
ATOM   571  C  CA  . PRO A 1 71  ? -5.036  6.545   4.962   1.00 28.17 ? 71  PRO A CA  1 
ATOM   572  C  C   . PRO A 1 71  ? -6.485  6.961   4.961   1.00 33.40 ? 71  PRO A C   1 
ATOM   573  O  O   . PRO A 1 71  ? -7.108  7.164   3.841   1.00 34.11 ? 71  PRO A O   1 
ATOM   574  C  CB  . PRO A 1 71  ? -4.862  5.062   5.340   1.00 28.11 ? 71  PRO A CB  1 
ATOM   575  C  CG  . PRO A 1 71  ? -3.498  4.960   5.908   1.00 29.18 ? 71  PRO A CG  1 
ATOM   576  C  CD  . PRO A 1 71  ? -3.207  6.317   6.592   1.00 27.78 ? 71  PRO A CD  1 
ATOM   577  N  N   . LYS A 1 72  ? -7.050  7.115   6.151   1.00 31.76 ? 72  LYS A N   1 
ATOM   578  C  CA  . LYS A 1 72  ? -8.489  7.451   6.276   1.00 36.90 ? 72  LYS A CA  1 
ATOM   579  C  C   . LYS A 1 72  ? -8.810  8.851   5.794   1.00 37.10 ? 72  LYS A C   1 
ATOM   580  O  O   . LYS A 1 72  ? -9.917  9.103   5.365   1.00 38.01 ? 72  LYS A O   1 
ATOM   581  C  CB  . LYS A 1 72  ? -8.999  7.268   7.712   1.00 42.41 ? 72  LYS A CB  1 
ATOM   582  C  CG  . LYS A 1 72  ? -9.747  5.968   7.910   1.00 53.42 ? 72  LYS A CG  1 
ATOM   583  C  CD  . LYS A 1 72  ? -10.583 5.996   9.199   0.60 52.53 ? 72  LYS A CD  1 
ATOM   584  C  CE  . LYS A 1 72  ? -11.513 4.789   9.357   0.60 56.36 ? 72  LYS A CE  1 
ATOM   585  N  NZ  . LYS A 1 72  ? -11.911 4.150   8.081   0.60 54.38 ? 72  LYS A NZ  1 
ATOM   586  N  N   . LYS A 1 73  ? -7.820  9.742   5.797   1.00 34.83 ? 73  LYS A N   1 
ATOM   587  C  CA  . LYS A 1 73  ? -8.043  11.087  5.303   1.00 39.43 ? 73  LYS A CA  1 
ATOM   588  C  C   . LYS A 1 73  ? -8.031  11.071  3.784   1.00 37.11 ? 73  LYS A C   1 
ATOM   589  O  O   . LYS A 1 73  ? -8.787  11.781  3.133   1.00 37.07 ? 73  LYS A O   1 
ATOM   590  C  CB  . LYS A 1 73  ? -6.993  12.053  5.892   1.00 42.11 ? 73  LYS A CB  1 
ATOM   591  C  CG  . LYS A 1 73  ? -6.903  13.426  5.216   1.00 46.90 ? 73  LYS A CG  1 
ATOM   592  C  CD  . LYS A 1 73  ? -6.063  14.442  6.006   1.00 54.81 ? 73  LYS A CD  1 
ATOM   593  C  CE  . LYS A 1 73  ? -6.915  15.098  7.108   1.00 70.22 ? 73  LYS A CE  1 
ATOM   594  N  NZ  . LYS A 1 73  ? -6.159  15.698  8.270   1.00 77.79 ? 73  LYS A NZ  1 
ATOM   595  N  N   . TYR A 1 74  ? -7.164  10.251  3.214   1.00 31.86 ? 74  TYR A N   1 
ATOM   596  C  CA  . TYR A 1 74  ? -7.039  10.101  1.743   1.00 34.59 ? 74  TYR A CA  1 
ATOM   597  C  C   . TYR A 1 74  ? -8.197  9.350   1.142   1.00 34.22 ? 74  TYR A C   1 
ATOM   598  O  O   . TYR A 1 74  ? -8.687  9.750   0.068   1.00 36.53 ? 74  TYR A O   1 
ATOM   599  C  CB  . TYR A 1 74  ? -5.735  9.396   1.360   1.00 31.09 ? 74  TYR A CB  1 
ATOM   600  C  CG  . TYR A 1 74  ? -5.325  9.576   -0.092  1.00 32.00 ? 74  TYR A CG  1 
ATOM   601  C  CD1 . TYR A 1 74  ? -4.940  10.810  -0.580  1.00 42.05 ? 74  TYR A CD1 1 
ATOM   602  C  CD2 . TYR A 1 74  ? -5.298  8.523   -0.980  1.00 31.36 ? 74  TYR A CD2 1 
ATOM   603  C  CE1 . TYR A 1 74  ? -4.503  10.977  -1.905  1.00 44.32 ? 74  TYR A CE1 1 
ATOM   604  C  CE2 . TYR A 1 74  ? -4.804  8.645   -2.245  1.00 37.36 ? 74  TYR A CE2 1 
ATOM   605  C  CZ  . TYR A 1 74  ? -4.444  9.904   -2.737  1.00 46.79 ? 74  TYR A CZ  1 
ATOM   606  O  OH  . TYR A 1 74  ? -3.966  10.043  -4.013  1.00 41.35 ? 74  TYR A OH  1 
ATOM   607  N  N   . ILE A 1 75  ? -8.674  8.285   1.822   1.00 32.32 ? 75  ILE A N   1 
ATOM   608  C  CA  . ILE A 1 75  ? -9.797  7.441   1.374   1.00 33.57 ? 75  ILE A CA  1 
ATOM   609  C  C   . ILE A 1 75  ? -10.761 7.290   2.533   1.00 35.32 ? 75  ILE A C   1 
ATOM   610  O  O   . ILE A 1 75  ? -10.818 6.281   3.190   1.00 32.93 ? 75  ILE A O   1 
ATOM   611  C  CB  . ILE A 1 75  ? -9.386  6.070   0.821   1.00 31.80 ? 75  ILE A CB  1 
ATOM   612  C  CG1 . ILE A 1 75  ? -8.277  6.210   -0.212  1.00 32.10 ? 75  ILE A CG1 1 
ATOM   613  C  CG2 . ILE A 1 75  ? -10.616 5.316   0.245   1.00 36.07 ? 75  ILE A CG2 1 
ATOM   614  C  CD1 . ILE A 1 75  ? -7.749  4.955   -0.845  1.00 34.91 ? 75  ILE A CD1 1 
ATOM   615  N  N   . PRO A 1 76  ? -11.586 8.339   2.776   1.00 38.98 ? 76  PRO A N   1 
ATOM   616  C  CA  . PRO A 1 76  ? -12.574 8.266   3.813   1.00 40.45 ? 76  PRO A CA  1 
ATOM   617  C  C   . PRO A 1 76  ? -13.501 7.089   3.553   1.00 39.08 ? 76  PRO A C   1 
ATOM   618  O  O   . PRO A 1 76  ? -13.878 6.817   2.414   1.00 39.04 ? 76  PRO A O   1 
ATOM   619  C  CB  . PRO A 1 76  ? -13.268 9.638   3.749   1.00 41.29 ? 76  PRO A CB  1 
ATOM   620  C  CG  . PRO A 1 76  ? -12.362 10.508  2.965   1.00 38.39 ? 76  PRO A CG  1 
ATOM   621  C  CD  . PRO A 1 76  ? -11.537 9.652   2.100   1.00 38.36 ? 76  PRO A CD  1 
ATOM   622  N  N   . GLY A 1 77  ? -13.740 6.316   4.589   1.00 36.37 ? 77  GLY A N   1 
ATOM   623  C  CA  . GLY A 1 77  ? -14.548 5.112   4.459   1.00 39.46 ? 77  GLY A CA  1 
ATOM   624  C  C   . GLY A 1 77  ? -13.763 3.816   4.219   1.00 37.58 ? 77  GLY A C   1 
ATOM   625  O  O   . GLY A 1 77  ? -14.350 2.756   4.174   1.00 34.47 ? 77  GLY A O   1 
ATOM   626  N  N   . THR A 1 78  ? -12.462 3.893   4.062   1.00 35.24 ? 78  THR A N   1 
ATOM   627  C  CA  . THR A 1 78  ? -11.670 2.701   3.874   1.00 32.59 ? 78  THR A CA  1 
ATOM   628  C  C   . THR A 1 78  ? -11.758 1.784   5.119   1.00 30.66 ? 78  THR A C   1 
ATOM   629  O  O   . THR A 1 78  ? -11.885 2.281   6.249   1.00 34.29 ? 78  THR A O   1 
ATOM   630  C  CB  . THR A 1 78  ? -10.173 2.998   3.576   1.00 31.89 ? 78  THR A CB  1 
ATOM   631  O  OG1 . THR A 1 78  ? -9.484  1.764   3.437   1.00 32.96 ? 78  THR A OG1 1 
ATOM   632  C  CG2 . THR A 1 78  ? -9.473  3.717   4.693   1.00 33.96 ? 78  THR A CG2 1 
ATOM   633  N  N   . LYS A 1 79  ? -11.695 0.475   4.894   1.00 30.67 ? 79  LYS A N   1 
ATOM   634  C  CA  . LYS A 1 79  ? -11.670 -0.508  5.935   1.00 31.48 ? 79  LYS A CA  1 
ATOM   635  C  C   . LYS A 1 79  ? -10.229 -0.913  6.346   1.00 32.09 ? 79  LYS A C   1 
ATOM   636  O  O   . LYS A 1 79  ? -10.092 -1.813  7.219   1.00 31.34 ? 79  LYS A O   1 
ATOM   637  C  CB  . LYS A 1 79  ? -12.485 -1.772  5.540   1.00 32.80 ? 79  LYS A CB  1 
ATOM   638  C  CG  . LYS A 1 79  ? -11.943 -2.614  4.383   1.00 34.64 ? 79  LYS A CG  1 
ATOM   639  C  CD  . LYS A 1 79  ? -12.886 -3.803  4.092   1.00 38.54 ? 79  LYS A CD  1 
ATOM   640  C  CE  . LYS A 1 79  ? -12.481 -4.454  2.804   1.00 40.49 ? 79  LYS A CE  1 
ATOM   641  N  NZ  . LYS A 1 79  ? -13.404 -5.573  2.493   1.00 43.51 ? 79  LYS A NZ  1 
ATOM   642  N  N   . MET A 1 80  ? -9.199  -0.291  5.755   1.00 31.00 ? 80  MET A N   1 
ATOM   643  C  CA  . MET A 1 80  ? -7.815  -0.522  6.226   1.00 30.23 ? 80  MET A CA  1 
ATOM   644  C  C   . MET A 1 80  ? -7.644  0.197   7.537   1.00 30.81 ? 80  MET A C   1 
ATOM   645  O  O   . MET A 1 80  ? -7.897  1.385   7.617   1.00 31.73 ? 80  MET A O   1 
ATOM   646  C  CB  . MET A 1 80  ? -6.829  0.037   5.230   1.00 26.93 ? 80  MET A CB  1 
ATOM   647  C  CG  . MET A 1 80  ? -5.410  0.090   5.686   1.00 26.68 ? 80  MET A CG  1 
ATOM   648  S  SD  . MET A 1 80  ? -4.292  0.236   4.280   1.00 28.19 ? 80  MET A SD  1 
ATOM   649  C  CE  . MET A 1 80  ? -3.010  1.337   4.976   1.00 28.00 ? 80  MET A CE  1 
ATOM   650  N  N   . ILE A 1 81  ? -7.153  -0.534  8.536   1.00 27.35 ? 81  ILE A N   1 
ATOM   651  C  CA  . ILE A 1 81  ? -6.848  0.014   9.824   1.00 29.91 ? 81  ILE A CA  1 
ATOM   652  C  C   . ILE A 1 81  ? -5.381  0.321   9.854   1.00 27.18 ? 81  ILE A C   1 
ATOM   653  O  O   . ILE A 1 81  ? -4.556  -0.599  9.890   1.00 28.84 ? 81  ILE A O   1 
ATOM   654  C  CB  . ILE A 1 81  ? -7.209  -0.939  10.957  1.00 28.88 ? 81  ILE A CB  1 
ATOM   655  C  CG1 . ILE A 1 81  ? -8.716  -1.213  10.947  1.00 33.92 ? 81  ILE A CG1 1 
ATOM   656  C  CG2 . ILE A 1 81  ? -6.751  -0.469  12.322  1.00 32.13 ? 81  ILE A CG2 1 
ATOM   657  C  CD1 . ILE A 1 81  ? -9.098  -2.365  11.856  1.00 37.14 ? 81  ILE A CD1 1 
ATOM   658  N  N   . PHE A 1 82  ? -5.047  1.588   9.894   1.00 26.16 ? 82  PHE A N   1 
ATOM   659  C  CA  . PHE A 1 82  ? -3.669  2.037   9.858   1.00 29.25 ? 82  PHE A CA  1 
ATOM   660  C  C   . PHE A 1 82  ? -3.680  3.554   10.109  1.00 32.30 ? 82  PHE A C   1 
ATOM   661  O  O   . PHE A 1 82  ? -4.197  4.362   9.278   1.00 32.52 ? 82  PHE A O   1 
ATOM   662  C  CB  . PHE A 1 82  ? -2.948  1.707   8.504   1.00 28.19 ? 82  PHE A CB  1 
ATOM   663  C  CG  . PHE A 1 82  ? -1.490  1.875   8.569   1.00 26.32 ? 82  PHE A CG  1 
ATOM   664  C  CD1 . PHE A 1 82  ? -0.710  0.965   9.267   1.00 30.52 ? 82  PHE A CD1 1 
ATOM   665  C  CD2 . PHE A 1 82  ? -0.855  2.972   8.011   1.00 29.69 ? 82  PHE A CD2 1 
ATOM   666  C  CE1 . PHE A 1 82  ? 0.645   1.199   9.453   1.00 28.63 ? 82  PHE A CE1 1 
ATOM   667  C  CE2 . PHE A 1 82  ? 0.493   3.204   8.181   1.00 30.37 ? 82  PHE A CE2 1 
ATOM   668  C  CZ  . PHE A 1 82  ? 1.248   2.310   8.916   1.00 30.31 ? 82  PHE A CZ  1 
ATOM   669  N  N   . ALA A 1 83  ? -3.051  3.981   11.205  1.00 30.05 ? 83  ALA A N   1 
ATOM   670  C  CA  . ALA A 1 83  ? -3.072  5.445   11.491  1.00 32.73 ? 83  ALA A CA  1 
ATOM   671  C  C   . ALA A 1 83  ? -2.330  6.308   10.493  1.00 31.04 ? 83  ALA A C   1 
ATOM   672  O  O   . ALA A 1 83  ? -2.796  7.373   10.108  1.00 32.11 ? 83  ALA A O   1 
ATOM   673  C  CB  . ALA A 1 83  ? -2.508  5.700   12.861  1.00 31.75 ? 83  ALA A CB  1 
ATOM   674  N  N   . GLY A 1 84  ? -1.122  5.865   10.116  1.00 29.21 ? 84  GLY A N   1 
ATOM   675  C  CA  . GLY A 1 84  ? -0.310  6.560   9.188   1.00 29.79 ? 84  GLY A CA  1 
ATOM   676  C  C   . GLY A 1 84  ? 1.107   6.718   9.659   1.00 31.49 ? 84  GLY A C   1 
ATOM   677  O  O   . GLY A 1 84  ? 1.405   6.582   10.849  1.00 32.63 ? 84  GLY A O   1 
ATOM   678  N  N   . ILE A 1 85  ? 1.997   6.964   8.708   1.00 29.31 ? 85  ILE A N   1 
ATOM   679  C  CA  . ILE A 1 85  ? 3.387   7.174   8.984   1.00 31.18 ? 85  ILE A CA  1 
ATOM   680  C  C   . ILE A 1 85  ? 3.661   8.672   8.796   1.00 34.00 ? 85  ILE A C   1 
ATOM   681  O  O   . ILE A 1 85  ? 3.635   9.219   7.685   1.00 32.29 ? 85  ILE A O   1 
ATOM   682  C  CB  . ILE A 1 85  ? 4.295   6.347   8.034   1.00 32.14 ? 85  ILE A CB  1 
ATOM   683  C  CG1 . ILE A 1 85  ? 4.013   4.845   8.201   1.00 33.36 ? 85  ILE A CG1 1 
ATOM   684  C  CG2 . ILE A 1 85  ? 5.781   6.579   8.260   1.00 30.30 ? 85  ILE A CG2 1 
ATOM   685  C  CD1 . ILE A 1 85  ? 4.592   3.962   7.087   1.00 33.06 ? 85  ILE A CD1 1 
ATOM   686  N  N   . LYS A 1 86  ? 4.004   9.321   9.877   1.00 32.99 ? 86  LYS A N   1 
ATOM   687  C  CA  . LYS A 1 86  ? 4.289   10.741  9.875   1.00 38.36 ? 86  LYS A CA  1 
ATOM   688  C  C   . LYS A 1 86  ? 5.562   11.112  9.135   1.00 34.09 ? 86  LYS A C   1 
ATOM   689  O  O   . LYS A 1 86  ? 5.586   12.012  8.335   1.00 37.50 ? 86  LYS A O   1 
ATOM   690  C  CB  . LYS A 1 86  ? 4.369   11.246  11.346  1.00 48.45 ? 86  LYS A CB  1 
ATOM   691  C  CG  . LYS A 1 86  ? 5.104   12.575  11.565  1.00 61.91 ? 86  LYS A CG  1 
ATOM   692  C  CD  . LYS A 1 86  ? 5.135   12.954  13.056  1.00 75.99 ? 86  LYS A CD  1 
ATOM   693  C  CE  . LYS A 1 86  ? 6.250   12.250  13.847  1.00 81.21 ? 86  LYS A CE  1 
ATOM   694  N  NZ  . LYS A 1 86  ? 7.523   13.030  13.888  1.00 82.79 ? 86  LYS A NZ  1 
ATOM   695  N  N   . LYS A 1 87  ? 6.612   10.388  9.403   1.00 34.32 ? 87  LYS A N   1 
ATOM   696  C  CA  . LYS A 1 87  ? 7.953   10.735  8.948   1.00 38.12 ? 87  LYS A CA  1 
ATOM   697  C  C   . LYS A 1 87  ? 8.025   10.584  7.437   1.00 39.54 ? 87  LYS A C   1 
ATOM   698  O  O   . LYS A 1 87  ? 7.716   9.520   6.871   1.00 34.68 ? 87  LYS A O   1 
ATOM   699  C  CB  . LYS A 1 87  ? 9.011   9.880   9.642   1.00 40.01 ? 87  LYS A CB  1 
ATOM   700  C  CG  . LYS A 1 87  ? 9.401   10.357  11.066  1.00 48.75 ? 87  LYS A CG  1 
ATOM   701  C  CD  . LYS A 1 87  ? 10.323  9.351   11.768  1.00 58.86 ? 87  LYS A CD  1 
ATOM   702  C  CE  . LYS A 1 87  ? 10.939  9.893   13.062  1.00 66.16 ? 87  LYS A CE  1 
ATOM   703  N  NZ  . LYS A 1 87  ? 10.016  9.812   14.229  1.00 70.93 ? 87  LYS A NZ  1 
ATOM   704  N  N   . LYS A 1 88  ? 8.453   11.633  6.762   1.00 34.32 ? 88  LYS A N   1 
ATOM   705  C  CA  . LYS A 1 88  ? 8.674   11.558  5.340   1.00 37.44 ? 88  LYS A CA  1 
ATOM   706  C  C   . LYS A 1 88  ? 9.704   10.505  4.851   1.00 36.27 ? 88  LYS A C   1 
ATOM   707  O  O   . LYS A 1 88  ? 9.442   9.779   3.864   1.00 34.91 ? 88  LYS A O   1 
ATOM   708  C  CB  . LYS A 1 88  ? 9.076   12.967  4.804   1.00 41.16 ? 88  LYS A CB  1 
ATOM   709  C  CG  . LYS A 1 88  ? 8.955   13.109  3.311   1.00 47.05 ? 88  LYS A CG  1 
ATOM   710  C  CD  . LYS A 1 88  ? 9.734   14.316  2.790   1.00 59.72 ? 88  LYS A CD  1 
ATOM   711  C  CE  . LYS A 1 88  ? 9.596   14.473  1.276   1.00 64.58 ? 88  LYS A CE  1 
ATOM   712  N  NZ  . LYS A 1 88  ? 8.762   15.652  0.893   1.00 72.82 ? 88  LYS A NZ  1 
ATOM   713  N  N   . GLY A 1 89  ? 10.877  10.429  5.472   1.00 32.71 ? 89  GLY A N   1 
ATOM   714  C  CA  . GLY A 1 89  ? 11.868  9.492   5.114   1.00 36.79 ? 89  GLY A CA  1 
ATOM   715  C  C   . GLY A 1 89  ? 11.418  8.019   5.268   1.00 34.36 ? 89  GLY A C   1 
ATOM   716  O  O   . GLY A 1 89  ? 11.809  7.177   4.483   1.00 34.36 ? 89  GLY A O   1 
ATOM   717  N  N   A GLU A 1 90  ? 10.669  7.716   6.307   0.50 35.03 ? 90  GLU A N   1 
ATOM   718  N  N   B GLU A 1 90  ? 10.693  7.734   6.349   0.50 32.80 ? 90  GLU A N   1 
ATOM   719  C  CA  A GLU A 1 90  ? 10.194  6.341   6.495   0.50 34.63 ? 90  GLU A CA  1 
ATOM   720  C  CA  B GLU A 1 90  ? 10.145  6.375   6.594   0.50 31.16 ? 90  GLU A CA  1 
ATOM   721  C  C   A GLU A 1 90  ? 9.173   5.980   5.416   0.50 31.83 ? 90  GLU A C   1 
ATOM   722  C  C   B GLU A 1 90  ? 9.239   6.033   5.408   0.50 29.84 ? 90  GLU A C   1 
ATOM   723  O  O   A GLU A 1 90  ? 9.096   4.824   5.002   0.50 30.73 ? 90  GLU A O   1 
ATOM   724  O  O   B GLU A 1 90  ? 9.363   4.959   4.867   0.50 29.35 ? 90  GLU A O   1 
ATOM   725  C  CB  A GLU A 1 90  ? 9.559   6.207   7.851   0.50 36.35 ? 90  GLU A CB  1 
ATOM   726  C  CB  B GLU A 1 90  ? 9.358   6.301   7.914   0.50 30.60 ? 90  GLU A CB  1 
ATOM   727  C  CG  A GLU A 1 90  ? 10.557  6.234   8.985   0.50 36.31 ? 90  GLU A CG  1 
ATOM   728  C  CG  B GLU A 1 90  ? 8.978   4.873   8.379   0.50 28.73 ? 90  GLU A CG  1 
ATOM   729  C  CD  A GLU A 1 90  ? 9.863   6.202   10.327  0.50 40.50 ? 90  GLU A CD  1 
ATOM   730  C  CD  B GLU A 1 90  ? 8.231   4.836   9.718   0.50 32.39 ? 90  GLU A CD  1 
ATOM   731  O  OE1 A GLU A 1 90  ? 8.614   6.363   10.363  0.50 40.11 ? 90  GLU A OE1 1 
ATOM   732  O  OE1 B GLU A 1 90  ? 8.412   5.781   10.529  0.50 34.77 ? 90  GLU A OE1 1 
ATOM   733  O  OE2 A GLU A 1 90  ? 10.584  6.034   11.335  0.50 45.06 ? 90  GLU A OE2 1 
ATOM   734  O  OE2 B GLU A 1 90  ? 7.444   3.891   9.955   0.50 27.31 ? 90  GLU A OE2 1 
ATOM   735  N  N   . ARG A 1 91  ? 8.331   6.931   5.042   1.00 29.97 ? 91  ARG A N   1 
ATOM   736  C  CA  . ARG A 1 91  ? 7.426   6.713   3.893   1.00 29.11 ? 91  ARG A CA  1 
ATOM   737  C  C   . ARG A 1 91  ? 8.210   6.501   2.600   1.00 33.63 ? 91  ARG A C   1 
ATOM   738  O  O   . ARG A 1 91  ? 7.937   5.547   1.796   1.00 30.09 ? 91  ARG A O   1 
ATOM   739  C  CB  . ARG A 1 91  ? 6.363   7.818   3.726   1.00 31.47 ? 91  ARG A CB  1 
ATOM   740  C  CG  . ARG A 1 91  ? 5.159   7.740   4.649   1.00 33.33 ? 91  ARG A CG  1 
ATOM   741  C  CD  . ARG A 1 91  ? 4.190   8.850   4.434   1.00 31.01 ? 91  ARG A CD  1 
ATOM   742  N  NE  . ARG A 1 91  ? 4.729   10.056  5.056   1.00 38.84 ? 91  ARG A NE  1 
ATOM   743  C  CZ  . ARG A 1 91  ? 4.728   11.277  4.540   1.00 40.47 ? 91  ARG A CZ  1 
ATOM   744  N  NH1 . ARG A 1 91  ? 5.271   12.256  5.227   1.00 41.83 ? 91  ARG A NH1 1 
ATOM   745  N  NH2 . ARG A 1 91  ? 4.236   11.540  3.355   1.00 41.23 ? 91  ARG A NH2 1 
ATOM   746  N  N   . GLU A 1 92  ? 9.264   7.305   2.378   1.00 30.13 ? 92  GLU A N   1 
ATOM   747  C  CA  . GLU A 1 92  ? 10.083  7.082   1.185   1.00 31.89 ? 92  GLU A CA  1 
ATOM   748  C  C   . GLU A 1 92  ? 10.776  5.727   1.177   1.00 31.46 ? 92  GLU A C   1 
ATOM   749  O  O   . GLU A 1 92  ? 10.893  5.092   0.134   1.00 32.79 ? 92  GLU A O   1 
ATOM   750  C  CB  . GLU A 1 92  ? 11.150  8.239   1.048   1.00 34.03 ? 92  GLU A CB  1 
ATOM   751  C  CG  . GLU A 1 92  ? 10.512  9.543   0.670   1.00 35.87 ? 92  GLU A CG  1 
ATOM   752  C  CD  . GLU A 1 92  ? 11.477  10.745  0.745   1.00 45.74 ? 92  GLU A CD  1 
ATOM   753  O  OE1 . GLU A 1 92  ? 11.057  11.878  0.422   1.00 47.22 ? 92  GLU A OE1 1 
ATOM   754  O  OE2 . GLU A 1 92  ? 12.617  10.561  1.132   1.00 50.11 ? 92  GLU A OE2 1 
ATOM   755  N  N   . ASP A 1 93  ? 11.234  5.256   2.338   1.00 29.77 ? 93  ASP A N   1 
ATOM   756  C  CA  . ASP A 1 93  ? 11.981  3.970   2.426   1.00 28.71 ? 93  ASP A CA  1 
ATOM   757  C  C   . ASP A 1 93  ? 10.982  2.853   2.120   1.00 27.92 ? 93  ASP A C   1 
ATOM   758  O  O   . ASP A 1 93  ? 11.288  2.004   1.323   1.00 26.57 ? 93  ASP A O   1 
ATOM   759  C  CB  . ASP A 1 93  ? 12.549  3.739   3.777   1.00 30.60 ? 93  ASP A CB  1 
ATOM   760  C  CG  . ASP A 1 93  ? 13.762  4.705   4.095   1.00 36.36 ? 93  ASP A CG  1 
ATOM   761  O  OD1 . ASP A 1 93  ? 14.320  5.288   3.162   1.00 38.35 ? 93  ASP A OD1 1 
ATOM   762  O  OD2 . ASP A 1 93  ? 14.089  4.819   5.294   1.00 40.15 ? 93  ASP A OD2 1 
ATOM   763  N  N   . LEU A 1 94  ? 9.826   2.932   2.771   1.00 28.04 ? 94  LEU A N   1 
ATOM   764  C  CA  . LEU A 1 94  ? 8.761   1.889   2.543   1.00 27.36 ? 94  LEU A CA  1 
ATOM   765  C  C   . LEU A 1 94  ? 8.351   1.867   1.062   1.00 27.66 ? 94  LEU A C   1 
ATOM   766  O  O   . LEU A 1 94  ? 8.188   0.792   0.450   1.00 28.58 ? 94  LEU A O   1 
ATOM   767  C  CB  . LEU A 1 94  ? 7.530   2.195   3.357   1.00 31.13 ? 94  LEU A CB  1 
ATOM   768  C  CG  . LEU A 1 94  ? 6.328   1.220   3.127   1.00 27.83 ? 94  LEU A CG  1 
ATOM   769  C  CD1 . LEU A 1 94  ? 6.750   -0.195  3.450   1.00 28.89 ? 94  LEU A CD1 1 
ATOM   770  C  CD2 . LEU A 1 94  ? 5.263   1.726   4.078   1.00 29.50 ? 94  LEU A CD2 1 
ATOM   771  N  N   . ILE A 1 95  ? 8.038   3.016   0.497   1.00 27.78 ? 95  ILE A N   1 
ATOM   772  C  CA  . ILE A 1 95  ? 7.688   3.074   -0.955  1.00 29.66 ? 95  ILE A CA  1 
ATOM   773  C  C   . ILE A 1 95  ? 8.762   2.485   -1.907  1.00 31.54 ? 95  ILE A C   1 
ATOM   774  O  O   . ILE A 1 95  ? 8.438   1.736   -2.831  1.00 29.16 ? 95  ILE A O   1 
ATOM   775  C  CB  . ILE A 1 95  ? 7.214   4.492   -1.334  1.00 31.09 ? 95  ILE A CB  1 
ATOM   776  C  CG1 . ILE A 1 95  ? 5.965   4.830   -0.568  1.00 36.18 ? 95  ILE A CG1 1 
ATOM   777  C  CG2 . ILE A 1 95  ? 7.062   4.647   -2.867  1.00 34.08 ? 95  ILE A CG2 1 
ATOM   778  C  CD1 . ILE A 1 95  ? 5.568   6.278   -0.511  1.00 34.87 ? 95  ILE A CD1 1 
ATOM   779  N  N   . ALA A 1 96  ? 10.050  2.754   -1.668  1.00 27.79 ? 96  ALA A N   1 
ATOM   780  C  CA  . ALA A 1 96  ? 11.122  2.192   -2.467  1.00 31.03 ? 96  ALA A CA  1 
ATOM   781  C  C   . ALA A 1 96  ? 11.192  0.675   -2.371  1.00 32.00 ? 96  ALA A C   1 
ATOM   782  O  O   . ALA A 1 96  ? 11.340  -0.027  -3.387  1.00 30.68 ? 96  ALA A O   1 
ATOM   783  C  CB  . ALA A 1 96  ? 12.483  2.775   -2.040  1.00 32.68 ? 96  ALA A CB  1 
ATOM   784  N  N   . TYR A 1 97  ? 10.929  0.126   -1.172  1.00 28.81 ? 97  TYR A N   1 
ATOM   785  C  CA  . TYR A 1 97  ? 10.867  -1.306  -1.011  1.00 29.29 ? 97  TYR A CA  1 
ATOM   786  C  C   . TYR A 1 97  ? 9.661   -1.828  -1.826  1.00 27.09 ? 97  TYR A C   1 
ATOM   787  O  O   . TYR A 1 97  ? 9.823   -2.852  -2.534  1.00 29.39 ? 97  TYR A O   1 
ATOM   788  C  CB  . TYR A 1 97  ? 10.728  -1.716  0.512   1.00 29.50 ? 97  TYR A CB  1 
ATOM   789  C  CG  . TYR A 1 97  ? 10.375  -3.159  0.609   1.00 27.60 ? 97  TYR A CG  1 
ATOM   790  C  CD1 . TYR A 1 97  ? 11.327  -4.136  0.301   1.00 30.19 ? 97  TYR A CD1 1 
ATOM   791  C  CD2 . TYR A 1 97  ? 9.082   -3.550  0.930   1.00 28.36 ? 97  TYR A CD2 1 
ATOM   792  C  CE1 . TYR A 1 97  ? 11.006  -5.486  0.262   1.00 29.38 ? 97  TYR A CE1 1 
ATOM   793  C  CE2 . TYR A 1 97  ? 8.761   -4.926  0.901   1.00 33.48 ? 97  TYR A CE2 1 
ATOM   794  C  CZ  . TYR A 1 97  ? 9.722   -5.854  0.574   1.00 27.80 ? 97  TYR A CZ  1 
ATOM   795  O  OH  . TYR A 1 97  ? 9.256   -7.150  0.521   1.00 32.85 ? 97  TYR A OH  1 
ATOM   796  N  N   . LEU A 1 98  ? 8.491   -1.225  -1.647  1.00 27.16 ? 98  LEU A N   1 
ATOM   797  C  CA  . LEU A 1 98  ? 7.286   -1.745  -2.317  1.00 28.03 ? 98  LEU A CA  1 
ATOM   798  C  C   . LEU A 1 98  ? 7.466   -1.709  -3.823  1.00 33.52 ? 98  LEU A C   1 
ATOM   799  O  O   . LEU A 1 98  ? 7.002   -2.616  -4.537  1.00 29.60 ? 98  LEU A O   1 
ATOM   800  C  CB  . LEU A 1 98  ? 6.076   -0.972  -1.948  1.00 26.49 ? 98  LEU A CB  1 
ATOM   801  C  CG  . LEU A 1 98  ? 5.604   -0.970  -0.475  1.00 30.42 ? 98  LEU A CG  1 
ATOM   802  C  CD1 . LEU A 1 98  ? 4.481   -0.064  -0.178  1.00 30.88 ? 98  LEU A CD1 1 
ATOM   803  C  CD2 . LEU A 1 98  ? 5.231   -2.438  -0.124  1.00 34.74 ? 98  LEU A CD2 1 
ATOM   804  N  N   . LYS A 1 99  ? 8.049   -0.620  -4.310  1.00 29.57 ? 99  LYS A N   1 
ATOM   805  C  CA  . LYS A 1 99  ? 8.267   -0.491  -5.795  1.00 32.68 ? 99  LYS A CA  1 
ATOM   806  C  C   . LYS A 1 99  ? 9.090   -1.631  -6.316  1.00 33.26 ? 99  LYS A C   1 
ATOM   807  O  O   . LYS A 1 99  ? 8.810   -2.171  -7.396  1.00 39.01 ? 99  LYS A O   1 
ATOM   808  C  CB  . LYS A 1 99  ? 8.928   0.867   -6.098  1.00 34.85 ? 99  LYS A CB  1 
ATOM   809  C  CG  . LYS A 1 99  ? 8.662   1.364   -7.512  1.00 37.34 ? 99  LYS A CG  1 
ATOM   810  C  CD  . LYS A 1 99  ? 9.114   2.831   -7.650  1.00 36.80 ? 99  LYS A CD  1 
ATOM   811  C  CE  . LYS A 1 99  ? 8.900   3.327   -9.100  1.00 41.14 ? 99  LYS A CE  1 
ATOM   812  N  NZ  . LYS A 1 99  ? 9.724   4.570   -9.189  1.00 43.23 ? 99  LYS A NZ  1 
ATOM   813  N  N   . LYS A 1 100 ? 10.031  -2.133  -5.527  1.00 32.10 ? 100 LYS A N   1 
ATOM   814  C  CA  . LYS A 1 100 ? 10.769  -3.291  -5.903  1.00 35.93 ? 100 LYS A CA  1 
ATOM   815  C  C   . LYS A 1 100 ? 9.961   -4.584  -5.730  1.00 41.64 ? 100 LYS A C   1 
ATOM   816  O  O   . LYS A 1 100 ? 9.750   -5.363  -6.701  1.00 34.39 ? 100 LYS A O   1 
ATOM   817  C  CB  . LYS A 1 100 ? 12.055  -3.354  -5.114  1.00 38.54 ? 100 LYS A CB  1 
ATOM   818  C  CG  . LYS A 1 100 ? 12.920  -4.543  -5.421  1.00 43.67 ? 100 LYS A CG  1 
ATOM   819  C  CD  . LYS A 1 100 ? 14.325  -4.409  -4.876  1.00 45.77 ? 100 LYS A CD  1 
ATOM   820  C  CE  . LYS A 1 100 ? 15.214  -5.412  -5.572  1.00 48.00 ? 100 LYS A CE  1 
ATOM   821  N  NZ  . LYS A 1 100 ? 16.345  -5.796  -4.683  1.00 48.67 ? 100 LYS A NZ  1 
ATOM   822  N  N   . ALA A 1 101 ? 9.490   -4.800  -4.489  1.00 32.38 ? 101 ALA A N   1 
ATOM   823  C  CA  . ALA A 1 101 ? 8.891   -6.068  -4.160  1.00 31.61 ? 101 ALA A CA  1 
ATOM   824  C  C   . ALA A 1 101 ? 7.634   -6.355  -4.948  1.00 30.76 ? 101 ALA A C   1 
ATOM   825  O  O   . ALA A 1 101 ? 7.420   -7.517  -5.301  1.00 32.71 ? 101 ALA A O   1 
ATOM   826  C  CB  . ALA A 1 101 ? 8.614   -6.161  -2.619  1.00 31.40 ? 101 ALA A CB  1 
ATOM   827  N  N   . THR A 1 102 ? 6.788   -5.367  -5.212  1.00 28.25 ? 102 THR A N   1 
ATOM   828  C  CA  . THR A 1 102 ? 5.509   -5.579  -5.877  1.00 29.99 ? 102 THR A CA  1 
ATOM   829  C  C   . THR A 1 102 ? 5.641   -5.698  -7.429  1.00 32.91 ? 102 THR A C   1 
ATOM   830  O  O   . THR A 1 102 ? 4.633   -5.835  -8.110  1.00 30.91 ? 102 THR A O   1 
ATOM   831  C  CB  . THR A 1 102 ? 4.515   -4.474  -5.540  1.00 30.72 ? 102 THR A CB  1 
ATOM   832  O  OG1 . THR A 1 102 ? 4.917   -3.207  -6.070  1.00 31.44 ? 102 THR A OG1 1 
ATOM   833  C  CG2 . THR A 1 102 ? 4.231   -4.320  -3.971  1.00 28.62 ? 102 THR A CG2 1 
ATOM   834  N  N   . ASN A 1 103 ? 6.869   -5.604  -7.915  1.00 35.20 ? 103 ASN A N   1 
ATOM   835  C  CA  . ASN A 1 103 ? 7.196   -5.779  -9.380  1.00 42.21 ? 103 ASN A CA  1 
ATOM   836  C  C   . ASN A 1 103 ? 8.155   -6.910  -9.676  1.00 46.99 ? 103 ASN A C   1 
ATOM   837  O  O   . ASN A 1 103 ? 8.448   -7.159  -10.835 1.00 47.60 ? 103 ASN A O   1 
ATOM   838  C  CB  . ASN A 1 103 ? 7.741   -4.428  -9.907  1.00 38.56 ? 103 ASN A CB  1 
ATOM   839  C  CG  . ASN A 1 103 ? 6.692   -3.383  -9.901  1.00 33.56 ? 103 ASN A CG  1 
ATOM   840  O  OD1 . ASN A 1 103 ? 6.813   -2.278  -9.331  1.00 40.35 ? 103 ASN A OD1 1 
ATOM   841  N  ND2 . ASN A 1 103 ? 5.588   -3.697  -10.532 1.00 33.84 ? 103 ASN A ND2 1 
ATOM   842  N  N   . GLU A 1 104 ? 8.621   -7.616  -8.651  1.00 46.82 ? 104 GLU A N   1 
ATOM   843  C  CA  . GLU A 1 104 ? 9.571   -8.702  -8.761  1.00 52.35 ? 104 GLU A CA  1 
ATOM   844  C  C   . GLU A 1 104 ? 8.804   -9.983  -9.017  1.00 63.86 ? 104 GLU A C   1 
ATOM   845  O  O   . GLU A 1 104 ? 9.371   -10.859 -9.673  1.00 71.71 ? 104 GLU A O   1 
ATOM   846  C  CB  . GLU A 1 104 ? 10.362  -8.936  -7.449  1.00 63.29 ? 104 GLU A CB  1 
ATOM   847  C  CG  . GLU A 1 104 ? 11.668  -8.186  -7.332  1.00 68.56 ? 104 GLU A CG  1 
ATOM   848  C  CD  . GLU A 1 104 ? 12.432  -8.535  -6.044  1.00 70.88 ? 104 GLU A CD  1 
ATOM   849  O  OE1 . GLU A 1 104 ? 13.652  -8.775  -6.119  1.00 80.49 ? 104 GLU A OE1 1 
ATOM   850  O  OE2 . GLU A 1 104 ? 11.834  -8.561  -4.946  1.00 73.64 ? 104 GLU A OE2 1 
ATOM   851  O  OXT . GLU A 1 104 ? 7.665   -10.185 -8.558  1.00 61.29 ? 104 GLU A OXT 1 
HETATM 852  FE FE  . HEC B 2 .   ? -3.374  -1.801  3.691   1.00 26.80 ? 201 HEC A FE  1 
HETATM 853  C  CHA . HEC B 2 .   ? -5.769  -1.470  1.242   1.00 27.42 ? 201 HEC A CHA 1 
HETATM 854  C  CHB . HEC B 2 .   ? -1.003  -0.525  1.607   1.00 25.18 ? 201 HEC A CHB 1 
HETATM 855  C  CHC . HEC B 2 .   ? -1.254  -1.679  6.351   1.00 25.16 ? 201 HEC A CHC 1 
HETATM 856  C  CHD . HEC B 2 .   ? -5.549  -3.664  5.554   1.00 25.50 ? 201 HEC A CHD 1 
HETATM 857  N  NA  . HEC B 2 .   ? -3.373  -1.074  1.775   1.00 26.78 ? 201 HEC A NA  1 
HETATM 858  C  C1A . HEC B 2 .   ? -4.481  -1.004  0.971   1.00 26.95 ? 201 HEC A C1A 1 
HETATM 859  C  C2A . HEC B 2 .   ? -4.081  -0.345  -0.279  1.00 26.81 ? 201 HEC A C2A 1 
HETATM 860  C  C3A . HEC B 2 .   ? -2.785  -0.024  -0.169  1.00 27.10 ? 201 HEC A C3A 1 
HETATM 861  C  C4A . HEC B 2 .   ? -2.303  -0.574  1.113   1.00 25.28 ? 201 HEC A C4A 1 
HETATM 862  C  CMA . HEC B 2 .   ? -1.823  0.602   -1.147  1.00 28.26 ? 201 HEC A CMA 1 
HETATM 863  C  CAA . HEC B 2 .   ? -5.027  0.015   -1.448  1.00 30.01 ? 201 HEC A CAA 1 
HETATM 864  C  CBA . HEC B 2 .   ? -4.866  -1.135  -2.462  1.00 28.11 ? 201 HEC A CBA 1 
HETATM 865  C  CGA . HEC B 2 .   ? -5.607  -0.920  -3.777  1.00 31.51 ? 201 HEC A CGA 1 
HETATM 866  O  O1A . HEC B 2 .   ? -6.234  0.158   -3.978  1.00 31.74 ? 201 HEC A O1A 1 
HETATM 867  O  O2A . HEC B 2 .   ? -5.576  -1.898  -4.606  1.00 33.50 ? 201 HEC A O2A 1 
HETATM 868  N  NB  . HEC B 2 .   ? -1.514  -1.158  3.980   1.00 23.68 ? 201 HEC A NB  1 
HETATM 869  C  C1B . HEC B 2 .   ? -0.664  -0.779  2.948   1.00 26.24 ? 201 HEC A C1B 1 
HETATM 870  C  C2B . HEC B 2 .   ? 0.626   -0.565  3.482   1.00 27.05 ? 201 HEC A C2B 1 
HETATM 871  C  C3B . HEC B 2 .   ? 0.567   -0.836  4.814   1.00 23.64 ? 201 HEC A C3B 1 
HETATM 872  C  C4B . HEC B 2 .   ? -0.774  -1.288  5.120   1.00 26.04 ? 201 HEC A C4B 1 
HETATM 873  C  CMB . HEC B 2 .   ? 1.786   -0.137  2.627   1.00 28.19 ? 201 HEC A CMB 1 
HETATM 874  C  CAB . HEC B 2 .   ? 1.631   -0.604  5.830   1.00 28.39 ? 201 HEC A CAB 1 
HETATM 875  C  CBB . HEC B 2 .   ? 2.095   0.707   5.912   1.00 27.43 ? 201 HEC A CBB 1 
HETATM 876  N  NC  . HEC B 2 .   ? -3.379  -2.546  5.617   1.00 25.51 ? 201 HEC A NC  1 
HETATM 877  C  C1C . HEC B 2 .   ? -2.456  -2.283  6.561   1.00 24.76 ? 201 HEC A C1C 1 
HETATM 878  C  C2C . HEC B 2 .   ? -2.828  -2.940  7.825   1.00 23.31 ? 201 HEC A C2C 1 
HETATM 879  C  C3C . HEC B 2 .   ? -4.004  -3.616  7.546   1.00 22.39 ? 201 HEC A C3C 1 
HETATM 880  C  C4C . HEC B 2 .   ? -4.389  -3.265  6.184   1.00 26.11 ? 201 HEC A C4C 1 
HETATM 881  C  CMC . HEC B 2 .   ? -1.976  -2.925  9.045   1.00 26.49 ? 201 HEC A CMC 1 
HETATM 882  C  CAC . HEC B 2 .   ? -4.886  -4.357  8.519   1.00 28.80 ? 201 HEC A CAC 1 
HETATM 883  C  CBC . HEC B 2 .   ? -4.924  -4.151  9.917   1.00 27.45 ? 201 HEC A CBC 1 
HETATM 884  N  ND  . HEC B 2 .   ? -5.198  -2.468  3.414   1.00 26.28 ? 201 HEC A ND  1 
HETATM 885  C  C1D . HEC B 2 .   ? -5.970  -3.188  4.314   1.00 27.92 ? 201 HEC A C1D 1 
HETATM 886  C  C2D . HEC B 2 .   ? -7.323  -3.449  3.802   1.00 29.67 ? 201 HEC A C2D 1 
HETATM 887  C  C3D . HEC B 2 .   ? -7.383  -2.788  2.616   1.00 28.94 ? 201 HEC A C3D 1 
HETATM 888  C  C4D . HEC B 2 .   ? -6.090  -2.153  2.402   1.00 28.98 ? 201 HEC A C4D 1 
HETATM 889  C  CMD . HEC B 2 .   ? -8.393  -4.222  4.545   1.00 29.95 ? 201 HEC A CMD 1 
HETATM 890  C  CAD . HEC B 2 .   ? -8.619  -2.672  1.702   1.00 28.95 ? 201 HEC A CAD 1 
HETATM 891  C  CBD . HEC B 2 .   ? -9.251  -1.313  1.938   1.00 28.64 ? 201 HEC A CBD 1 
HETATM 892  C  CGD . HEC B 2 .   ? -10.684 -1.080  1.442   1.00 33.16 ? 201 HEC A CGD 1 
HETATM 893  O  O1D . HEC B 2 .   ? -11.302 -0.081  1.933   1.00 30.98 ? 201 HEC A O1D 1 
HETATM 894  O  O2D . HEC B 2 .   ? -11.154 -1.890  0.595   1.00 32.29 ? 201 HEC A O2D 1 
HETATM 895  N  N   . NO3 C 3 .   ? -0.255  2.542   12.401  1.00 36.35 ? 202 NO3 A N   1 
HETATM 896  O  O1  . NO3 C 3 .   ? -1.448  2.186   12.576  1.00 39.52 ? 202 NO3 A O1  1 
HETATM 897  O  O2  . NO3 C 3 .   ? 0.879   1.880   12.829  1.00 43.65 ? 202 NO3 A O2  1 
HETATM 898  O  O3  . NO3 C 3 .   ? 0.089   3.690   11.859  1.00 35.85 ? 202 NO3 A O3  1 
HETATM 899  N  N   . NO3 D 3 .   ? 4.650   -11.823 0.997   1.00 37.55 ? 203 NO3 A N   1 
HETATM 900  O  O1  . NO3 D 3 .   ? 4.476   -10.673 1.369   1.00 43.13 ? 203 NO3 A O1  1 
HETATM 901  O  O2  . NO3 D 3 .   ? 4.279   -12.278 -0.245  1.00 41.05 ? 203 NO3 A O2  1 
HETATM 902  O  O3  . NO3 D 3 .   ? 5.109   -12.741 1.909   1.00 40.87 ? 203 NO3 A O3  1 
HETATM 903  N  N   A NO3 E 3 .   ? 6.061   7.064   12.302  0.10 26.06 ? 204 NO3 A N   1 
HETATM 904  N  N   B NO3 E 3 .   ? 5.389   7.395   12.660  0.50 37.28 ? 204 NO3 A N   1 
HETATM 905  O  O1  A NO3 E 3 .   ? 4.859   6.915   12.470  0.10 25.28 ? 204 NO3 A O1  1 
HETATM 906  O  O1  B NO3 E 3 .   ? 4.378   8.029   12.391  0.50 35.37 ? 204 NO3 A O1  1 
HETATM 907  O  O2  A NO3 E 3 .   ? 6.939   6.014   12.624  0.10 28.01 ? 204 NO3 A O2  1 
HETATM 908  O  O2  B NO3 E 3 .   ? 5.787   6.292   11.937  0.50 47.82 ? 204 NO3 A O2  1 
HETATM 909  O  O3  A NO3 E 3 .   ? 6.555   8.260   11.752  0.50 30.87 ? 204 NO3 A O3  1 
HETATM 910  O  O3  B NO3 E 3 .   ? 6.143   7.735   13.768  0.50 40.96 ? 204 NO3 A O3  1 
HETATM 911  N  N   . NO3 F 3 .   ? -0.120  10.209  11.051  0.80 61.18 ? 205 NO3 A N   1 
HETATM 912  O  O1  . NO3 F 3 .   ? -0.090  9.555   12.110  0.80 64.12 ? 205 NO3 A O1  1 
HETATM 913  O  O2  . NO3 F 3 .   ? 1.041   10.346  10.272  0.80 55.41 ? 205 NO3 A O2  1 
HETATM 914  O  O3  . NO3 F 3 .   ? -1.302  10.826  10.603  0.60 52.56 ? 205 NO3 A O3  1 
HETATM 915  N  N   A NO3 G 3 .   ? 1.090   -7.597  -11.881 0.50 29.96 ? 206 NO3 A N   1 
HETATM 916  N  N   B NO3 G 3 .   ? 0.549   -8.965  -11.042 0.50 62.03 ? 206 NO3 A N   1 
HETATM 917  O  O1  A NO3 G 3 .   ? 2.125   -7.151  -12.303 0.50 28.59 ? 206 NO3 A O1  1 
HETATM 918  O  O1  B NO3 G 3 .   ? 1.428   -8.518  -10.343 0.50 61.66 ? 206 NO3 A O1  1 
HETATM 919  O  O2  A NO3 G 3 .   ? 0.971   -8.347  -10.699 0.50 35.34 ? 206 NO3 A O2  1 
HETATM 920  O  O2  B NO3 G 3 .   ? -0.495  -9.638  -10.410 0.50 55.43 ? 206 NO3 A O2  1 
HETATM 921  O  O3  A NO3 G 3 .   ? -0.070  -7.125  -12.437 0.50 36.95 ? 206 NO3 A O3  1 
HETATM 922  O  O3  B NO3 G 3 .   ? 0.650   -8.816  -12.439 0.50 51.30 ? 206 NO3 A O3  1 
HETATM 923  S  S   . SO4 H 4 .   ? 14.615  -7.863  -1.957  0.50 41.47 ? 207 SO4 A S   1 
HETATM 924  O  O1  . SO4 H 4 .   ? 15.487  -6.676  -1.922  0.50 40.55 ? 207 SO4 A O1  1 
HETATM 925  O  O2  . SO4 H 4 .   ? 15.069  -8.928  -1.084  0.50 39.33 ? 207 SO4 A O2  1 
HETATM 926  O  O3  . SO4 H 4 .   ? 14.481  -8.268  -3.369  0.50 38.89 ? 207 SO4 A O3  1 
HETATM 927  O  O4  . SO4 H 4 .   ? 13.304  -7.504  -1.468  0.80 54.56 ? 207 SO4 A O4  1 
HETATM 928  O  O   . HOH I 5 .   ? 7.630   9.186   14.570  1.00 68.12 ? 301 HOH A O   1 
HETATM 929  O  O   . HOH I 5 .   ? -10.834 3.542   -8.665  1.00 45.23 ? 302 HOH A O   1 
HETATM 930  O  O   . HOH I 5 .   ? 11.344  -0.319  11.418  1.00 61.66 ? 303 HOH A O   1 
HETATM 931  O  O   . HOH I 5 .   ? -5.620  -8.583  9.818   1.00 41.82 ? 304 HOH A O   1 
HETATM 932  O  O   . HOH I 5 .   ? -3.020  0.986   -15.103 1.00 41.55 ? 305 HOH A O   1 
HETATM 933  O  O   . HOH I 5 .   ? -7.806  2.011   1.199   1.00 34.35 ? 306 HOH A O   1 
HETATM 934  O  O   . HOH I 5 .   ? -8.995  -11.256 7.603   1.00 44.22 ? 307 HOH A O   1 
HETATM 935  O  O   . HOH I 5 .   ? -5.218  -1.508  -7.166  1.00 32.07 ? 308 HOH A O   1 
HETATM 936  O  O   . HOH I 5 .   ? -6.007  6.192   8.774   1.00 36.94 ? 309 HOH A O   1 
HETATM 937  O  O   . HOH I 5 .   ? -2.433  -6.394  -6.434  1.00 40.86 ? 310 HOH A O   1 
HETATM 938  O  O   . HOH I 5 .   ? -3.930  12.498  -4.968  1.00 50.38 ? 311 HOH A O   1 
HETATM 939  O  O   . HOH I 5 .   ? -13.788 7.168   -2.664  1.00 52.69 ? 312 HOH A O   1 
HETATM 940  O  O   . HOH I 5 .   ? -13.934 7.953   -0.042  1.00 50.55 ? 313 HOH A O   1 
HETATM 941  O  O   . HOH I 5 .   ? 11.011  -8.788  -0.802  1.00 37.24 ? 314 HOH A O   1 
HETATM 942  O  O   . HOH I 5 .   ? 4.179   15.142  4.003   1.00 64.66 ? 315 HOH A O   1 
HETATM 943  O  O   . HOH I 5 .   ? 3.342   -14.838 -0.162  1.00 45.26 ? 316 HOH A O   1 
HETATM 944  O  O   . HOH I 5 .   ? -10.864 -6.978  4.607   1.00 50.31 ? 317 HOH A O   1 
HETATM 945  O  O   . HOH I 5 .   ? 3.272   -10.652 4.133   1.00 31.00 ? 318 HOH A O   1 
HETATM 946  O  O   . HOH I 5 .   ? -3.229  6.106   -14.884 1.00 48.46 ? 319 HOH A O   1 
HETATM 947  O  O   . HOH I 5 .   ? -4.767  13.364  2.065   1.00 53.19 ? 320 HOH A O   1 
HETATM 948  O  O   . HOH I 5 .   ? 7.444   -13.766 3.015   1.00 29.74 ? 321 HOH A O   1 
HETATM 949  O  O   . HOH I 5 .   ? 8.242   -10.101 -4.679  1.00 38.86 ? 322 HOH A O   1 
HETATM 950  O  O   . HOH I 5 .   ? -3.599  11.349  3.569   1.00 37.40 ? 323 HOH A O   1 
HETATM 951  O  O   . HOH I 5 .   ? 15.466  7.829   3.051   1.00 59.53 ? 324 HOH A O   1 
HETATM 952  O  O   . HOH I 5 .   ? 7.127   -11.908 -6.415  1.00 37.64 ? 325 HOH A O   1 
HETATM 953  O  O   . HOH I 5 .   ? 9.296   13.952  8.098   1.00 48.55 ? 326 HOH A O   1 
HETATM 954  O  O   . HOH I 5 .   ? 13.058  0.750   -5.477  1.00 47.63 ? 327 HOH A O   1 
HETATM 955  O  O   . HOH I 5 .   ? -2.461  -9.740  1.131   1.00 29.72 ? 328 HOH A O   1 
HETATM 956  O  O   . HOH I 5 .   ? -10.913 13.509  3.918   1.00 51.10 ? 329 HOH A O   1 
HETATM 957  O  O   . HOH I 5 .   ? 2.892   4.219   11.867  1.00 39.46 ? 330 HOH A O   1 
HETATM 958  O  O   . HOH I 5 .   ? 3.619   -2.810  -8.600  1.00 33.59 ? 331 HOH A O   1 
HETATM 959  O  O   . HOH I 5 .   ? -6.209  7.789   -12.308 1.00 57.73 ? 332 HOH A O   1 
HETATM 960  O  O   . HOH I 5 .   ? -11.281 -8.614  -9.044  1.00 41.49 ? 333 HOH A O   1 
HETATM 961  O  O   . HOH I 5 .   ? 0.455   -0.823  -13.849 1.00 34.03 ? 334 HOH A O   1 
HETATM 962  O  O   . HOH I 5 .   ? 5.855   -16.064 0.823   1.00 66.91 ? 335 HOH A O   1 
HETATM 963  O  O   . HOH I 5 .   ? 13.454  0.738   8.904   1.00 48.39 ? 336 HOH A O   1 
HETATM 964  O  O   . HOH I 5 .   ? 14.178  -11.112 2.944   1.00 36.51 ? 337 HOH A O   1 
HETATM 965  O  O   . HOH I 5 .   ? -4.405  -10.673 7.613   1.00 40.23 ? 338 HOH A O   1 
HETATM 966  O  O   . HOH I 5 .   ? -0.308  -11.447 -7.366  1.00 42.13 ? 339 HOH A O   1 
HETATM 967  O  O   . HOH I 5 .   ? 10.748  6.318   -2.525  1.00 48.42 ? 340 HOH A O   1 
HETATM 968  O  O   . HOH I 5 .   ? -14.044 -5.009  -4.981  1.00 41.10 ? 341 HOH A O   1 
HETATM 969  O  O   . HOH I 5 .   ? 18.267  1.101   -1.184  1.00 47.60 ? 342 HOH A O   1 
HETATM 970  O  O   A HOH I 5 .   ? -11.729 -10.228 -0.366  0.50 26.39 ? 343 HOH A O   1 
HETATM 971  O  O   B HOH I 5 .   ? -12.377 -11.507 -1.437  0.50 51.66 ? 343 HOH A O   1 
HETATM 972  O  O   . HOH I 5 .   ? 5.087   -5.155  14.632  0.33 36.24 ? 344 HOH A O   1 
HETATM 973  O  O   . HOH I 5 .   ? -16.066 -4.310  2.107   1.00 48.77 ? 345 HOH A O   1 
HETATM 974  O  O   . HOH I 5 .   ? 20.687  -0.192  2.280   1.00 69.88 ? 346 HOH A O   1 
HETATM 975  O  O   . HOH I 5 .   ? -18.466 -0.403  0.884   1.00 47.66 ? 347 HOH A O   1 
HETATM 976  O  O   . HOH I 5 .   ? -11.710 11.227  -1.670  1.00 68.93 ? 348 HOH A O   1 
HETATM 977  O  O   . HOH I 5 .   ? -3.465  9.579   -9.932  1.00 44.54 ? 349 HOH A O   1 
HETATM 978  O  O   . HOH I 5 .   ? -17.408 2.492   1.227   1.00 47.96 ? 350 HOH A O   1 
HETATM 979  O  O   . HOH I 5 .   ? -0.817  -11.712 10.222  0.33 67.65 ? 351 HOH A O   1 
HETATM 980  O  O   . HOH I 5 .   ? 0.970   -15.853 0.221   1.00 40.10 ? 352 HOH A O   1 
HETATM 981  O  O   . HOH I 5 .   ? 11.966  12.317  7.573   1.00 50.99 ? 353 HOH A O   1 
HETATM 982  O  O   . HOH I 5 .   ? -5.414  0.492   -13.741 1.00 41.78 ? 354 HOH A O   1 
HETATM 983  O  O   . HOH I 5 .   ? -4.304  -11.279 -6.703  1.00 57.55 ? 355 HOH A O   1 
HETATM 984  O  O   . HOH I 5 .   ? -6.067  -15.141 -2.355  1.00 49.29 ? 356 HOH A O   1 
HETATM 985  O  O   . HOH I 5 .   ? 19.151  -1.021  0.785   1.00 57.21 ? 357 HOH A O   1 
HETATM 986  O  O   . HOH I 5 .   ? 12.300  9.367   8.487   1.00 61.79 ? 358 HOH A O   1 
HETATM 987  O  O   . HOH I 5 .   ? -16.354 -6.807  1.486   1.00 57.99 ? 359 HOH A O   1 
HETATM 988  O  O   . HOH I 5 .   ? -13.292 6.985   7.728   1.00 65.75 ? 360 HOH A O   1 
HETATM 989  O  O   . HOH I 5 .   ? 1.423   8.806   -8.061  1.00 44.52 ? 361 HOH A O   1 
HETATM 990  O  O   . HOH I 5 .   ? 6.191   3.543   15.083  1.00 66.01 ? 362 HOH A O   1 
HETATM 991  O  O   . HOH I 5 .   ? -2.827  13.983  8.560   1.00 51.64 ? 363 HOH A O   1 
HETATM 992  O  O   . HOH I 5 .   ? 19.796  5.554   4.185   1.00 67.96 ? 364 HOH A O   1 
HETATM 993  O  O   . HOH I 5 .   ? -10.846 -9.462  4.434   1.00 78.16 ? 365 HOH A O   1 
HETATM 994  O  O   . HOH I 5 .   ? -9.157  -13.947 -5.068  0.50 39.87 ? 366 HOH A O   1 
HETATM 995  O  O   . HOH I 5 .   ? -12.259 -14.198 -5.257  1.00 60.36 ? 367 HOH A O   1 
HETATM 996  O  O   . HOH I 5 .   ? -10.034 2.070   10.100  1.00 67.05 ? 368 HOH A O   1 
HETATM 997  O  O   . HOH I 5 .   ? 17.654  -2.734  -4.071  1.00 52.97 ? 369 HOH A O   1 
HETATM 998  O  O   . HOH I 5 .   ? -6.953  12.999  -4.239  1.00 75.35 ? 370 HOH A O   1 
HETATM 999  O  O   . HOH I 5 .   ? -12.199 1.136   10.047  1.00 61.59 ? 371 HOH A O   1 
HETATM 1000 O  O   . HOH I 5 .   ? 17.196  -5.594  1.083   1.00 62.33 ? 372 HOH A O   1 
HETATM 1001 O  O   . HOH I 5 .   ? -14.459 -9.369  -5.946  1.00 66.98 ? 373 HOH A O   1 
HETATM 1002 O  O   . HOH I 5 .   ? -6.761  -16.872 2.933   1.00 86.24 ? 374 HOH A O   1 
HETATM 1003 O  O   . HOH I 5 .   ? 3.918   -17.621 -3.582  1.00 70.73 ? 375 HOH A O   1 
HETATM 1004 O  O   . HOH I 5 .   ? -2.818  -14.053 8.667   0.33 61.49 ? 376 HOH A O   1 
HETATM 1005 O  O   . HOH I 5 .   ? -9.974  -7.674  -11.128 1.00 69.56 ? 377 HOH A O   1 
# 
